data_2KPK
#
_entry.id   2KPK
#
_entity_poly.entity_id   1
_entity_poly.type   'polypeptide(L)'
_entity_poly.pdbx_seq_one_letter_code
;GAMGKPFFTRNPSELKGKFIHTKLRKSSRGFGFTVVGGDEPDEFLQIKSLVLDGPAALDGKMETGDVIVSVNDTCVLGHT
HAQVVKIFQSIPIGASVDLELCRGYPLPFDPDDPNTSLVTSVAILDKEP
;
_entity_poly.pdbx_strand_id   A
#
# COMPACT_ATOMS: atom_id res chain seq x y z
N GLY A 1 16.42 1.96 -10.42
CA GLY A 1 15.16 2.32 -9.78
C GLY A 1 15.35 3.42 -8.77
N ALA A 2 14.96 4.60 -9.15
CA ALA A 2 15.10 5.76 -8.31
C ALA A 2 14.02 5.81 -7.28
N MET A 3 12.81 5.68 -7.75
CA MET A 3 11.64 5.77 -6.89
C MET A 3 11.01 4.40 -6.74
N GLY A 4 11.81 3.48 -6.27
CA GLY A 4 11.37 2.13 -6.09
C GLY A 4 12.51 1.17 -6.18
N LYS A 5 12.28 0.09 -6.90
CA LYS A 5 13.21 -1.03 -7.06
C LYS A 5 13.81 -1.52 -5.73
N PRO A 6 13.00 -2.18 -4.89
CA PRO A 6 13.48 -2.79 -3.67
C PRO A 6 13.96 -4.21 -3.97
N PHE A 7 14.13 -5.00 -2.95
CA PHE A 7 14.51 -6.36 -3.07
C PHE A 7 13.27 -7.14 -3.35
N PHE A 8 13.11 -7.55 -4.54
CA PHE A 8 11.94 -8.25 -4.93
C PHE A 8 12.27 -9.73 -5.03
N THR A 9 11.54 -10.55 -4.33
CA THR A 9 11.83 -11.97 -4.37
C THR A 9 10.56 -12.80 -4.62
N ARG A 10 9.50 -12.08 -4.98
CA ARG A 10 8.20 -12.64 -5.42
C ARG A 10 7.53 -13.62 -4.42
N ASN A 11 8.10 -13.76 -3.27
CA ASN A 11 7.56 -14.61 -2.24
C ASN A 11 7.59 -13.84 -0.93
N PRO A 12 6.42 -13.68 -0.32
CA PRO A 12 6.26 -13.02 0.99
C PRO A 12 7.06 -13.71 2.08
N SER A 13 7.27 -14.98 1.91
CA SER A 13 7.96 -15.79 2.89
C SER A 13 9.48 -15.61 2.79
N GLU A 14 9.96 -15.22 1.61
CA GLU A 14 11.39 -15.06 1.39
C GLU A 14 11.83 -13.62 1.62
N LEU A 15 10.92 -12.69 1.41
CA LEU A 15 11.20 -11.26 1.58
C LEU A 15 11.39 -10.91 3.06
N LYS A 16 12.13 -9.83 3.31
CA LYS A 16 12.39 -9.37 4.63
C LYS A 16 11.31 -8.42 5.00
N GLY A 17 11.43 -7.83 6.13
CA GLY A 17 10.45 -6.89 6.53
C GLY A 17 9.57 -7.39 7.64
N LYS A 18 8.71 -6.55 8.04
CA LYS A 18 7.65 -6.81 8.96
C LYS A 18 6.50 -7.21 8.10
N PHE A 19 5.81 -8.24 8.43
CA PHE A 19 4.65 -8.63 7.63
C PHE A 19 3.44 -8.68 8.47
N ILE A 20 2.43 -8.01 8.04
CA ILE A 20 1.19 -7.94 8.75
C ILE A 20 0.09 -8.09 7.77
N HIS A 21 -0.78 -8.98 8.06
CA HIS A 21 -1.81 -9.32 7.20
C HIS A 21 -3.07 -8.70 7.75
N THR A 22 -3.51 -7.65 7.14
CA THR A 22 -4.66 -6.97 7.61
C THR A 22 -5.70 -6.86 6.52
N LYS A 23 -6.91 -6.96 6.93
CA LYS A 23 -8.06 -6.86 6.08
C LYS A 23 -8.49 -5.42 5.96
N LEU A 24 -8.59 -4.98 4.73
CA LEU A 24 -8.97 -3.63 4.45
C LEU A 24 -10.36 -3.66 3.91
N ARG A 25 -11.25 -3.04 4.60
CA ARG A 25 -12.59 -3.00 4.19
C ARG A 25 -12.79 -1.99 3.08
N LYS A 26 -13.14 -2.49 1.92
CA LYS A 26 -13.57 -1.69 0.85
C LYS A 26 -14.93 -1.14 1.24
N SER A 27 -14.93 0.05 1.74
CA SER A 27 -16.10 0.74 2.22
C SER A 27 -16.81 1.40 1.02
N SER A 28 -17.57 2.46 1.25
CA SER A 28 -18.25 3.20 0.20
C SER A 28 -17.21 3.74 -0.80
N ARG A 29 -16.11 4.24 -0.27
CA ARG A 29 -14.99 4.70 -1.07
C ARG A 29 -14.12 3.53 -1.47
N GLY A 30 -14.25 2.47 -0.73
CA GLY A 30 -13.52 1.32 -0.94
C GLY A 30 -12.36 1.32 -0.01
N PHE A 31 -11.18 1.28 -0.54
CA PHE A 31 -10.03 1.20 0.30
C PHE A 31 -9.54 2.59 0.61
N GLY A 32 -9.10 2.79 1.83
CA GLY A 32 -8.66 4.10 2.25
C GLY A 32 -7.20 4.36 1.93
N PHE A 33 -6.56 3.41 1.29
CA PHE A 33 -5.17 3.56 0.92
C PHE A 33 -4.99 3.68 -0.58
N THR A 34 -3.85 4.15 -0.93
CA THR A 34 -3.40 4.30 -2.27
C THR A 34 -2.12 3.53 -2.36
N VAL A 35 -1.80 3.06 -3.52
CA VAL A 35 -0.58 2.34 -3.69
C VAL A 35 0.25 2.89 -4.79
N VAL A 36 1.50 2.65 -4.69
CA VAL A 36 2.42 2.97 -5.69
C VAL A 36 3.45 1.88 -5.75
N GLY A 37 3.96 1.69 -6.89
CA GLY A 37 4.90 0.70 -7.13
C GLY A 37 4.35 -0.23 -8.14
N GLY A 38 4.55 -1.54 -7.95
CA GLY A 38 4.02 -2.57 -8.83
C GLY A 38 4.36 -2.32 -10.23
N ASP A 39 5.48 -1.67 -10.41
CA ASP A 39 5.87 -1.20 -11.69
C ASP A 39 6.18 -2.35 -12.52
N GLU A 40 6.62 -3.41 -11.88
CA GLU A 40 6.95 -4.56 -12.63
C GLU A 40 6.82 -5.74 -11.78
N PRO A 41 6.76 -6.94 -12.39
CA PRO A 41 6.79 -8.21 -11.66
C PRO A 41 8.17 -8.42 -11.05
N ASP A 42 8.60 -7.39 -10.32
CA ASP A 42 9.95 -7.21 -9.82
C ASP A 42 10.13 -5.77 -9.18
N GLU A 43 9.02 -4.98 -9.12
CA GLU A 43 8.91 -3.79 -8.29
C GLU A 43 7.60 -3.89 -7.60
N PHE A 44 7.68 -3.69 -6.22
CA PHE A 44 6.67 -3.94 -5.11
C PHE A 44 5.59 -2.92 -5.02
N LEU A 45 4.44 -3.27 -4.39
CA LEU A 45 3.45 -2.24 -4.15
C LEU A 45 3.73 -1.73 -2.80
N GLN A 46 3.61 -0.48 -2.59
CA GLN A 46 3.71 0.06 -1.27
C GLN A 46 2.65 1.08 -1.14
N ILE A 47 2.19 1.27 0.04
CA ILE A 47 1.12 2.20 0.31
C ILE A 47 1.65 3.56 0.08
N LYS A 48 1.17 4.18 -0.96
CA LYS A 48 1.52 5.52 -1.32
C LYS A 48 1.16 6.41 -0.14
N SER A 49 0.00 6.06 0.48
CA SER A 49 -0.51 6.65 1.71
C SER A 49 -1.98 6.36 1.85
N LEU A 50 -2.51 6.71 2.96
CA LEU A 50 -3.83 6.40 3.33
C LEU A 50 -4.49 7.52 4.03
N VAL A 51 -5.75 7.59 3.84
CA VAL A 51 -6.58 8.59 4.42
C VAL A 51 -6.86 8.18 5.81
N LEU A 52 -6.58 9.09 6.65
CA LEU A 52 -6.78 9.07 8.04
C LEU A 52 -8.24 8.94 8.45
N ASP A 53 -9.07 8.96 7.48
CA ASP A 53 -10.49 8.82 7.64
C ASP A 53 -10.89 7.42 7.25
N GLY A 54 -10.06 6.84 6.41
CA GLY A 54 -10.37 5.61 5.82
C GLY A 54 -9.97 4.45 6.67
N PRO A 55 -10.53 3.28 6.34
CA PRO A 55 -10.36 2.03 7.09
C PRO A 55 -8.91 1.68 7.36
N ALA A 56 -8.04 2.04 6.46
CA ALA A 56 -6.59 1.74 6.54
C ALA A 56 -5.91 2.30 7.83
N ALA A 57 -6.18 3.58 8.10
CA ALA A 57 -5.67 4.29 9.26
C ALA A 57 -6.45 3.91 10.51
N LEU A 58 -7.72 3.68 10.30
CA LEU A 58 -8.67 3.33 11.34
C LEU A 58 -8.41 1.98 11.90
N ASP A 59 -8.12 1.08 11.02
CA ASP A 59 -7.73 -0.27 11.35
C ASP A 59 -6.43 -0.19 12.08
N GLY A 60 -5.64 0.70 11.59
CA GLY A 60 -4.38 1.04 12.20
C GLY A 60 -3.24 0.17 11.78
N LYS A 61 -3.57 -0.95 11.20
CA LYS A 61 -2.63 -1.89 10.78
C LYS A 61 -1.97 -1.52 9.47
N MET A 62 -2.57 -0.61 8.72
CA MET A 62 -1.98 -0.24 7.48
C MET A 62 -1.38 1.16 7.61
N GLU A 63 -0.16 1.34 7.12
CA GLU A 63 0.53 2.60 7.21
C GLU A 63 1.20 2.95 5.86
N THR A 64 1.60 4.19 5.72
CA THR A 64 2.26 4.72 4.54
C THR A 64 3.62 4.00 4.32
N GLY A 65 3.77 3.31 3.22
CA GLY A 65 5.01 2.70 2.86
C GLY A 65 5.01 1.21 3.06
N ASP A 66 3.94 0.65 3.64
CA ASP A 66 3.83 -0.80 3.76
C ASP A 66 3.76 -1.38 2.34
N VAL A 67 4.60 -2.30 2.03
CA VAL A 67 4.58 -2.98 0.78
C VAL A 67 3.46 -4.03 0.71
N ILE A 68 2.51 -3.80 -0.17
CA ILE A 68 1.53 -4.80 -0.50
C ILE A 68 2.26 -5.89 -1.23
N VAL A 69 2.11 -7.05 -0.61
CA VAL A 69 2.72 -8.28 -0.99
C VAL A 69 1.65 -9.28 -1.43
N SER A 70 0.52 -9.30 -0.78
CA SER A 70 -0.50 -10.27 -1.16
C SER A 70 -1.91 -9.80 -0.87
N VAL A 71 -2.85 -10.43 -1.53
CA VAL A 71 -4.26 -10.14 -1.42
C VAL A 71 -5.01 -11.46 -1.45
N ASN A 72 -5.88 -11.71 -0.46
CA ASN A 72 -6.65 -12.98 -0.43
C ASN A 72 -5.72 -14.22 -0.46
N ASP A 73 -4.53 -14.07 0.14
CA ASP A 73 -3.46 -15.11 0.22
C ASP A 73 -2.79 -15.35 -1.15
N THR A 74 -3.22 -14.62 -2.13
CA THR A 74 -2.67 -14.65 -3.46
C THR A 74 -1.53 -13.66 -3.50
N CYS A 75 -0.39 -14.15 -3.88
CA CYS A 75 0.80 -13.35 -3.96
C CYS A 75 0.67 -12.33 -5.08
N VAL A 76 0.44 -11.12 -4.70
CA VAL A 76 0.21 -10.06 -5.66
C VAL A 76 1.38 -9.07 -5.59
N LEU A 77 2.46 -9.53 -4.98
CA LEU A 77 3.67 -8.80 -4.76
C LEU A 77 4.16 -8.42 -6.13
N GLY A 78 4.14 -7.09 -6.42
CA GLY A 78 4.39 -6.53 -7.80
C GLY A 78 3.97 -7.47 -8.88
N HIS A 79 2.75 -8.01 -8.68
CA HIS A 79 2.05 -8.90 -9.61
C HIS A 79 2.16 -8.19 -10.93
N THR A 80 1.48 -7.12 -10.97
CA THR A 80 1.73 -5.95 -11.74
C THR A 80 0.85 -4.97 -11.11
N HIS A 81 1.22 -3.74 -11.01
CA HIS A 81 0.28 -2.74 -10.52
C HIS A 81 -1.06 -2.81 -11.34
N ALA A 82 -0.97 -3.18 -12.60
CA ALA A 82 -2.13 -3.41 -13.42
C ALA A 82 -3.00 -4.54 -12.84
N GLN A 83 -2.36 -5.66 -12.50
CA GLN A 83 -3.05 -6.80 -11.95
C GLN A 83 -3.66 -6.51 -10.59
N VAL A 84 -2.91 -5.82 -9.75
CA VAL A 84 -3.38 -5.49 -8.42
C VAL A 84 -4.64 -4.64 -8.48
N VAL A 85 -4.66 -3.65 -9.38
CA VAL A 85 -5.81 -2.79 -9.53
C VAL A 85 -6.98 -3.61 -10.02
N LYS A 86 -6.72 -4.51 -10.97
CA LYS A 86 -7.71 -5.43 -11.48
C LYS A 86 -8.32 -6.28 -10.35
N ILE A 87 -7.50 -6.77 -9.43
CA ILE A 87 -7.97 -7.56 -8.29
C ILE A 87 -8.82 -6.73 -7.32
N PHE A 88 -8.47 -5.50 -7.16
CA PHE A 88 -9.25 -4.58 -6.35
C PHE A 88 -10.55 -4.20 -7.09
N GLN A 89 -10.49 -4.28 -8.42
CA GLN A 89 -11.65 -4.13 -9.30
C GLN A 89 -12.50 -5.39 -9.26
N SER A 90 -11.83 -6.47 -8.91
CA SER A 90 -12.45 -7.77 -8.75
C SER A 90 -13.26 -7.79 -7.46
N ILE A 91 -12.83 -6.98 -6.53
CA ILE A 91 -13.47 -6.82 -5.28
C ILE A 91 -14.47 -5.65 -5.33
N PRO A 92 -15.68 -5.86 -4.83
CA PRO A 92 -16.77 -4.88 -4.92
C PRO A 92 -16.84 -3.93 -3.71
N ILE A 93 -17.55 -2.82 -3.86
CA ILE A 93 -17.76 -1.86 -2.78
C ILE A 93 -18.53 -2.47 -1.66
N GLY A 94 -18.03 -2.28 -0.49
CA GLY A 94 -18.65 -2.86 0.67
C GLY A 94 -18.00 -4.17 1.07
N ALA A 95 -16.85 -4.45 0.51
CA ALA A 95 -16.15 -5.71 0.73
C ALA A 95 -15.05 -5.51 1.73
N SER A 96 -14.22 -6.50 1.91
CA SER A 96 -13.06 -6.38 2.75
C SER A 96 -12.01 -7.32 2.24
N VAL A 97 -10.74 -7.07 2.54
CA VAL A 97 -9.71 -7.93 1.99
C VAL A 97 -8.57 -8.14 2.92
N ASP A 98 -8.24 -9.36 3.20
CA ASP A 98 -7.05 -9.64 3.97
C ASP A 98 -5.84 -9.53 3.05
N LEU A 99 -5.11 -8.47 3.27
CA LEU A 99 -3.94 -8.11 2.49
C LEU A 99 -2.68 -8.32 3.30
N GLU A 100 -1.62 -8.72 2.64
CA GLU A 100 -0.32 -8.89 3.26
C GLU A 100 0.51 -7.64 3.01
N LEU A 101 0.83 -6.94 4.06
CA LEU A 101 1.61 -5.72 4.04
C LEU A 101 2.95 -5.94 4.72
N CYS A 102 3.99 -5.67 4.03
CA CYS A 102 5.30 -5.73 4.58
C CYS A 102 5.76 -4.31 4.88
N ARG A 103 6.10 -4.04 6.06
CA ARG A 103 6.50 -2.70 6.37
C ARG A 103 7.92 -2.67 6.83
N GLY A 104 8.58 -1.64 6.46
CA GLY A 104 9.98 -1.50 6.76
C GLY A 104 10.70 -0.97 5.58
N TYR A 105 10.07 -1.10 4.43
CA TYR A 105 10.66 -0.60 3.23
C TYR A 105 10.21 0.83 3.01
N PRO A 106 11.16 1.72 2.69
CA PRO A 106 10.90 3.15 2.53
C PRO A 106 9.94 3.43 1.38
N LEU A 107 9.15 4.49 1.57
CA LEU A 107 8.21 4.96 0.60
C LEU A 107 8.87 5.19 -0.75
N PRO A 108 8.29 4.58 -1.80
CA PRO A 108 8.79 4.71 -3.18
C PRO A 108 8.56 6.07 -3.70
N PHE A 109 7.41 6.58 -3.41
CA PHE A 109 7.02 7.86 -3.78
C PHE A 109 6.31 8.43 -2.62
N ASP A 110 6.57 9.65 -2.44
CA ASP A 110 6.19 10.34 -1.29
C ASP A 110 5.40 11.62 -1.59
N PRO A 111 4.09 11.49 -1.77
CA PRO A 111 3.23 12.64 -2.03
C PRO A 111 2.62 13.23 -0.75
N ASP A 112 1.97 12.37 0.01
CA ASP A 112 1.28 12.76 1.22
C ASP A 112 2.26 12.78 2.39
N ASP A 113 3.45 12.33 2.12
CA ASP A 113 4.52 12.40 3.12
C ASP A 113 5.30 13.62 2.84
N PRO A 114 5.18 14.58 3.72
CA PRO A 114 5.80 15.89 3.54
C PRO A 114 7.29 15.82 3.80
N ASN A 115 7.50 15.05 4.77
CA ASN A 115 8.63 14.79 5.56
C ASN A 115 9.87 14.41 4.79
N THR A 116 9.72 14.22 3.55
CA THR A 116 10.76 13.69 2.77
C THR A 116 11.62 14.79 2.14
N SER A 117 11.00 15.90 1.89
CA SER A 117 11.61 16.95 1.13
C SER A 117 11.05 18.30 1.53
N LEU A 118 11.29 19.29 0.69
CA LEU A 118 10.74 20.62 0.84
C LEU A 118 9.21 20.56 1.05
N VAL A 119 8.67 21.60 1.65
CA VAL A 119 7.26 21.71 2.04
C VAL A 119 6.82 20.52 2.90
N THR A 120 7.40 20.47 4.06
CA THR A 120 7.17 19.43 4.99
C THR A 120 6.61 20.01 6.29
N SER A 121 6.43 19.14 7.23
CA SER A 121 6.03 19.45 8.55
C SER A 121 7.04 20.46 9.16
N VAL A 122 6.55 21.35 9.99
CA VAL A 122 7.40 22.38 10.58
C VAL A 122 8.12 21.83 11.84
N ALA A 123 8.00 20.54 11.99
CA ALA A 123 8.70 19.79 13.03
C ALA A 123 9.85 19.03 12.40
N ILE A 124 10.01 19.31 11.17
CA ILE A 124 11.01 18.72 10.33
C ILE A 124 11.89 19.85 9.83
N LEU A 125 12.91 20.13 10.57
CA LEU A 125 13.80 21.18 10.25
C LEU A 125 15.18 20.61 10.12
N ASP A 126 15.87 21.00 9.08
CA ASP A 126 17.19 20.48 8.83
C ASP A 126 18.03 21.62 8.30
N LYS A 127 19.28 21.63 8.72
CA LYS A 127 20.28 22.61 8.30
C LYS A 127 20.49 22.58 6.79
N GLU A 128 20.15 21.48 6.18
CA GLU A 128 20.23 21.33 4.75
C GLU A 128 18.98 21.96 4.15
N PRO A 129 19.13 22.76 3.07
CA PRO A 129 18.00 23.42 2.39
C PRO A 129 16.85 22.46 2.05
N GLY A 1 10.63 -0.58 -13.93
CA GLY A 1 11.17 0.70 -14.34
C GLY A 1 12.47 0.99 -13.68
N ALA A 2 12.57 2.15 -13.05
CA ALA A 2 13.81 2.53 -12.38
C ALA A 2 13.53 3.49 -11.22
N MET A 3 12.32 3.46 -10.70
CA MET A 3 11.95 4.35 -9.60
C MET A 3 12.13 3.67 -8.25
N GLY A 4 11.66 2.45 -8.13
CA GLY A 4 11.82 1.73 -6.91
C GLY A 4 12.98 0.80 -7.02
N LYS A 5 12.77 -0.24 -7.80
CA LYS A 5 13.77 -1.30 -8.06
C LYS A 5 14.35 -1.87 -6.77
N PRO A 6 13.53 -2.57 -5.99
CA PRO A 6 13.93 -3.14 -4.73
C PRO A 6 14.33 -4.60 -4.90
N PHE A 7 14.49 -5.27 -3.78
CA PHE A 7 14.78 -6.64 -3.74
C PHE A 7 13.46 -7.35 -3.86
N PHE A 8 13.22 -7.88 -4.98
CA PHE A 8 11.98 -8.50 -5.25
C PHE A 8 12.23 -9.96 -5.52
N THR A 9 11.56 -10.80 -4.80
CA THR A 9 11.77 -12.21 -4.97
C THR A 9 10.42 -12.94 -5.01
N ARG A 10 9.38 -12.16 -5.31
CA ARG A 10 7.98 -12.61 -5.57
C ARG A 10 7.35 -13.48 -4.46
N ASN A 11 8.06 -13.64 -3.38
CA ASN A 11 7.61 -14.45 -2.28
C ASN A 11 7.79 -13.72 -0.95
N PRO A 12 6.68 -13.58 -0.19
CA PRO A 12 6.65 -12.91 1.15
C PRO A 12 7.46 -13.64 2.23
N SER A 13 7.88 -14.83 1.95
CA SER A 13 8.65 -15.60 2.89
C SER A 13 10.14 -15.32 2.64
N GLU A 14 10.46 -15.17 1.37
CA GLU A 14 11.79 -14.87 0.91
C GLU A 14 12.15 -13.42 1.20
N LEU A 15 11.18 -12.53 1.02
CA LEU A 15 11.37 -11.13 1.32
C LEU A 15 11.38 -10.95 2.83
N LYS A 16 11.96 -9.86 3.28
CA LYS A 16 12.07 -9.61 4.65
C LYS A 16 11.35 -8.36 4.97
N GLY A 17 11.45 -7.92 6.17
CA GLY A 17 10.70 -6.79 6.56
C GLY A 17 9.90 -7.10 7.80
N LYS A 18 8.70 -6.75 7.72
CA LYS A 18 7.69 -6.97 8.70
C LYS A 18 6.50 -7.32 7.90
N PHE A 19 5.88 -8.38 8.19
CA PHE A 19 4.74 -8.79 7.40
C PHE A 19 3.54 -8.91 8.26
N ILE A 20 2.52 -8.20 7.90
CA ILE A 20 1.30 -8.19 8.64
C ILE A 20 0.17 -8.38 7.69
N HIS A 21 -0.69 -9.26 8.03
CA HIS A 21 -1.79 -9.57 7.23
C HIS A 21 -3.00 -8.91 7.85
N THR A 22 -3.54 -7.97 7.16
CA THR A 22 -4.65 -7.21 7.63
C THR A 22 -5.66 -6.98 6.52
N LYS A 23 -6.87 -7.02 6.89
CA LYS A 23 -7.97 -6.83 6.00
C LYS A 23 -8.32 -5.36 5.89
N LEU A 24 -8.51 -4.93 4.67
CA LEU A 24 -8.94 -3.61 4.40
C LEU A 24 -10.36 -3.71 3.93
N ARG A 25 -11.25 -3.12 4.65
CA ARG A 25 -12.61 -3.12 4.28
C ARG A 25 -12.85 -2.11 3.20
N LYS A 26 -13.13 -2.60 2.01
CA LYS A 26 -13.58 -1.77 0.94
C LYS A 26 -14.92 -1.25 1.39
N SER A 27 -14.90 -0.09 1.92
CA SER A 27 -16.02 0.56 2.54
C SER A 27 -16.77 1.38 1.48
N SER A 28 -17.47 2.39 1.91
CA SER A 28 -18.23 3.27 1.03
C SER A 28 -17.31 3.90 -0.02
N ARG A 29 -16.10 4.26 0.39
CA ARG A 29 -15.08 4.78 -0.50
C ARG A 29 -14.23 3.62 -1.05
N GLY A 30 -14.35 2.47 -0.42
CA GLY A 30 -13.62 1.34 -0.79
C GLY A 30 -12.38 1.26 0.03
N PHE A 31 -11.24 1.38 -0.59
CA PHE A 31 -10.01 1.28 0.15
C PHE A 31 -9.48 2.66 0.41
N GLY A 32 -8.99 2.87 1.60
CA GLY A 32 -8.51 4.19 1.97
C GLY A 32 -7.07 4.39 1.64
N PHE A 33 -6.43 3.40 1.08
CA PHE A 33 -5.03 3.51 0.76
C PHE A 33 -4.83 3.66 -0.72
N THR A 34 -3.67 4.08 -1.04
CA THR A 34 -3.24 4.25 -2.38
C THR A 34 -1.98 3.50 -2.51
N VAL A 35 -1.75 2.96 -3.64
CA VAL A 35 -0.56 2.22 -3.85
C VAL A 35 0.22 2.75 -4.99
N VAL A 36 1.48 2.62 -4.87
CA VAL A 36 2.37 2.93 -5.89
C VAL A 36 3.42 1.88 -5.89
N GLY A 37 4.01 1.71 -6.99
CA GLY A 37 4.97 0.72 -7.17
C GLY A 37 4.45 -0.23 -8.18
N GLY A 38 4.66 -1.52 -7.95
CA GLY A 38 4.14 -2.58 -8.80
C GLY A 38 4.47 -2.37 -10.21
N ASP A 39 5.60 -1.76 -10.44
CA ASP A 39 5.96 -1.36 -11.75
C ASP A 39 6.12 -2.57 -12.55
N GLU A 40 6.63 -3.58 -11.89
CA GLU A 40 6.90 -4.78 -12.59
C GLU A 40 6.89 -5.90 -11.65
N PRO A 41 6.84 -7.15 -12.15
CA PRO A 41 7.02 -8.35 -11.33
C PRO A 41 8.47 -8.40 -10.85
N ASP A 42 8.83 -7.34 -10.13
CA ASP A 42 10.20 -7.03 -9.71
C ASP A 42 10.24 -5.64 -9.00
N GLU A 43 9.14 -4.91 -9.07
CA GLU A 43 8.97 -3.73 -8.29
C GLU A 43 7.67 -3.85 -7.58
N PHE A 44 7.76 -3.65 -6.21
CA PHE A 44 6.76 -3.93 -5.08
C PHE A 44 5.67 -2.90 -4.99
N LEU A 45 4.52 -3.24 -4.35
CA LEU A 45 3.53 -2.21 -4.12
C LEU A 45 3.81 -1.66 -2.80
N GLN A 46 3.66 -0.40 -2.63
CA GLN A 46 3.75 0.18 -1.33
C GLN A 46 2.64 1.14 -1.20
N ILE A 47 2.22 1.33 0.00
CA ILE A 47 1.19 2.25 0.30
C ILE A 47 1.78 3.58 0.13
N LYS A 48 1.36 4.25 -0.92
CA LYS A 48 1.79 5.57 -1.20
C LYS A 48 1.38 6.41 -0.03
N SER A 49 0.17 6.05 0.51
CA SER A 49 -0.42 6.63 1.70
C SER A 49 -1.88 6.34 1.72
N LEU A 50 -2.49 6.69 2.78
CA LEU A 50 -3.84 6.41 3.02
C LEU A 50 -4.55 7.60 3.55
N VAL A 51 -5.80 7.63 3.26
CA VAL A 51 -6.71 8.59 3.81
C VAL A 51 -6.81 8.22 5.26
N LEU A 52 -6.32 9.07 6.16
CA LEU A 52 -6.34 8.75 7.55
C LEU A 52 -7.75 8.76 8.14
N ASP A 53 -8.66 9.17 7.34
CA ASP A 53 -10.06 9.11 7.65
C ASP A 53 -10.69 7.85 7.07
N GLY A 54 -9.90 7.10 6.35
CA GLY A 54 -10.38 5.95 5.68
C GLY A 54 -10.12 4.68 6.45
N PRO A 55 -10.64 3.55 5.95
CA PRO A 55 -10.58 2.24 6.64
C PRO A 55 -9.18 1.79 6.97
N ALA A 56 -8.23 2.21 6.17
CA ALA A 56 -6.81 1.87 6.36
C ALA A 56 -6.29 2.34 7.73
N ALA A 57 -6.62 3.60 8.04
CA ALA A 57 -6.27 4.25 9.29
C ALA A 57 -7.18 3.79 10.41
N LEU A 58 -8.44 3.56 10.08
CA LEU A 58 -9.46 3.18 11.04
C LEU A 58 -9.30 1.80 11.55
N ASP A 59 -8.83 0.93 10.69
CA ASP A 59 -8.58 -0.46 11.10
C ASP A 59 -7.32 -0.47 11.94
N GLY A 60 -6.57 0.61 11.75
CA GLY A 60 -5.36 0.87 12.49
C GLY A 60 -4.30 -0.15 12.24
N LYS A 61 -4.29 -0.68 11.07
CA LYS A 61 -3.40 -1.70 10.72
C LYS A 61 -2.51 -1.33 9.56
N MET A 62 -2.99 -0.48 8.68
CA MET A 62 -2.24 -0.18 7.50
C MET A 62 -1.55 1.17 7.67
N GLU A 63 -0.32 1.27 7.21
CA GLU A 63 0.45 2.47 7.37
C GLU A 63 1.09 2.85 6.04
N THR A 64 1.40 4.11 5.93
CA THR A 64 2.04 4.69 4.79
C THR A 64 3.45 4.11 4.64
N GLY A 65 3.72 3.40 3.57
CA GLY A 65 5.02 2.87 3.33
C GLY A 65 5.04 1.38 3.29
N ASP A 66 4.00 0.74 3.86
CA ASP A 66 3.89 -0.74 3.85
C ASP A 66 3.88 -1.23 2.40
N VAL A 67 4.60 -2.25 2.11
CA VAL A 67 4.60 -2.86 0.83
C VAL A 67 3.50 -3.93 0.72
N ILE A 68 2.55 -3.71 -0.19
CA ILE A 68 1.58 -4.72 -0.51
C ILE A 68 2.30 -5.86 -1.22
N VAL A 69 2.11 -7.00 -0.58
CA VAL A 69 2.70 -8.27 -0.92
C VAL A 69 1.64 -9.29 -1.34
N SER A 70 0.52 -9.34 -0.66
CA SER A 70 -0.47 -10.35 -1.00
C SER A 70 -1.91 -9.89 -0.78
N VAL A 71 -2.82 -10.60 -1.42
CA VAL A 71 -4.24 -10.33 -1.35
C VAL A 71 -4.96 -11.64 -1.20
N ASN A 72 -5.92 -11.71 -0.28
CA ASN A 72 -6.72 -12.92 -0.04
C ASN A 72 -5.82 -14.02 0.53
N ASP A 73 -5.14 -14.73 -0.36
CA ASP A 73 -4.07 -15.68 -0.03
C ASP A 73 -3.28 -15.96 -1.29
N THR A 74 -3.19 -14.95 -2.08
CA THR A 74 -2.45 -14.98 -3.31
C THR A 74 -1.44 -13.87 -3.26
N CYS A 75 -0.22 -14.19 -3.53
CA CYS A 75 0.81 -13.22 -3.52
C CYS A 75 0.62 -12.32 -4.73
N VAL A 76 0.46 -11.07 -4.47
CA VAL A 76 0.19 -10.11 -5.53
C VAL A 76 1.32 -9.05 -5.49
N LEU A 77 2.41 -9.47 -4.87
CA LEU A 77 3.61 -8.72 -4.66
C LEU A 77 4.11 -8.37 -6.01
N GLY A 78 4.08 -7.03 -6.36
CA GLY A 78 4.36 -6.52 -7.75
C GLY A 78 3.96 -7.51 -8.78
N HIS A 79 2.76 -8.06 -8.58
CA HIS A 79 2.08 -8.99 -9.48
C HIS A 79 2.18 -8.31 -10.79
N THR A 80 1.52 -7.23 -10.82
CA THR A 80 1.75 -6.09 -11.60
C THR A 80 0.89 -5.07 -10.99
N HIS A 81 1.29 -3.86 -10.93
CA HIS A 81 0.38 -2.82 -10.46
C HIS A 81 -0.98 -2.90 -11.24
N ALA A 82 -0.92 -3.26 -12.50
CA ALA A 82 -2.13 -3.46 -13.29
C ALA A 82 -2.98 -4.62 -12.70
N GLN A 83 -2.31 -5.73 -12.35
CA GLN A 83 -2.99 -6.87 -11.78
C GLN A 83 -3.57 -6.60 -10.41
N VAL A 84 -2.82 -5.90 -9.59
CA VAL A 84 -3.26 -5.58 -8.25
C VAL A 84 -4.49 -4.68 -8.29
N VAL A 85 -4.47 -3.64 -9.14
CA VAL A 85 -5.58 -2.74 -9.26
C VAL A 85 -6.77 -3.48 -9.79
N LYS A 86 -6.52 -4.37 -10.75
CA LYS A 86 -7.55 -5.23 -11.29
C LYS A 86 -8.23 -6.05 -10.19
N ILE A 87 -7.44 -6.59 -9.26
CA ILE A 87 -7.97 -7.38 -8.16
C ILE A 87 -8.85 -6.56 -7.21
N PHE A 88 -8.47 -5.35 -7.00
CA PHE A 88 -9.21 -4.43 -6.15
C PHE A 88 -10.45 -3.94 -6.86
N GLN A 89 -10.33 -3.82 -8.17
CA GLN A 89 -11.42 -3.49 -9.04
C GLN A 89 -12.37 -4.67 -9.22
N SER A 90 -11.86 -5.83 -8.95
CA SER A 90 -12.60 -7.06 -8.96
C SER A 90 -13.43 -7.17 -7.69
N ILE A 91 -12.88 -6.67 -6.61
CA ILE A 91 -13.53 -6.63 -5.35
C ILE A 91 -14.54 -5.49 -5.31
N PRO A 92 -15.75 -5.76 -4.84
CA PRO A 92 -16.85 -4.80 -4.89
C PRO A 92 -16.92 -3.91 -3.64
N ILE A 93 -17.62 -2.80 -3.74
CA ILE A 93 -17.82 -1.88 -2.61
C ILE A 93 -18.57 -2.54 -1.51
N GLY A 94 -18.06 -2.35 -0.33
CA GLY A 94 -18.68 -2.97 0.83
C GLY A 94 -18.02 -4.29 1.18
N ALA A 95 -16.87 -4.54 0.58
CA ALA A 95 -16.17 -5.81 0.76
C ALA A 95 -15.08 -5.65 1.76
N SER A 96 -14.25 -6.64 1.93
CA SER A 96 -13.11 -6.53 2.82
C SER A 96 -12.03 -7.43 2.33
N VAL A 97 -10.76 -7.12 2.62
CA VAL A 97 -9.73 -7.93 2.02
C VAL A 97 -8.56 -8.12 2.89
N ASP A 98 -8.21 -9.34 3.10
CA ASP A 98 -7.05 -9.66 3.87
C ASP A 98 -5.82 -9.48 2.98
N LEU A 99 -5.12 -8.43 3.21
CA LEU A 99 -3.95 -8.05 2.46
C LEU A 99 -2.71 -8.24 3.30
N GLU A 100 -1.63 -8.60 2.70
CA GLU A 100 -0.41 -8.73 3.44
C GLU A 100 0.53 -7.59 3.08
N LEU A 101 0.81 -6.81 4.09
CA LEU A 101 1.63 -5.62 4.01
C LEU A 101 2.98 -5.86 4.68
N CYS A 102 4.02 -5.45 4.03
CA CYS A 102 5.33 -5.53 4.57
C CYS A 102 5.84 -4.15 4.97
N ARG A 103 6.22 -3.99 6.17
CA ARG A 103 6.79 -2.73 6.58
C ARG A 103 8.25 -2.88 6.69
N GLY A 104 8.93 -2.06 6.00
CA GLY A 104 10.36 -2.16 5.97
C GLY A 104 10.93 -1.38 4.84
N TYR A 105 10.13 -1.17 3.83
CA TYR A 105 10.57 -0.38 2.72
C TYR A 105 10.10 1.07 2.86
N PRO A 106 10.98 2.03 2.53
CA PRO A 106 10.70 3.46 2.73
C PRO A 106 9.56 3.97 1.87
N LEU A 107 8.79 4.89 2.45
CA LEU A 107 7.72 5.58 1.79
C LEU A 107 8.20 6.17 0.49
N PRO A 108 7.53 5.81 -0.61
CA PRO A 108 7.84 6.30 -1.94
C PRO A 108 7.48 7.77 -2.15
N PHE A 109 7.17 8.09 -3.36
CA PHE A 109 6.85 9.44 -3.75
C PHE A 109 5.57 9.87 -3.14
N ASP A 110 5.67 11.02 -2.58
CA ASP A 110 4.64 11.64 -1.85
C ASP A 110 4.21 12.92 -2.56
N PRO A 111 3.30 12.78 -3.52
CA PRO A 111 2.86 13.88 -4.34
C PRO A 111 1.73 14.67 -3.72
N ASP A 112 0.66 13.99 -3.45
CA ASP A 112 -0.54 14.64 -2.96
C ASP A 112 -0.62 14.47 -1.48
N ASP A 113 0.28 13.69 -0.96
CA ASP A 113 0.30 13.43 0.48
C ASP A 113 0.83 14.61 1.15
N PRO A 114 0.04 15.16 2.02
CA PRO A 114 0.37 16.41 2.67
C PRO A 114 1.20 16.18 3.89
N ASN A 115 0.95 15.05 4.41
CA ASN A 115 1.34 14.52 5.65
C ASN A 115 2.83 14.45 5.82
N THR A 116 3.49 14.70 4.79
CA THR A 116 4.86 14.52 4.75
C THR A 116 5.58 15.81 5.12
N SER A 117 4.85 16.91 5.01
CA SER A 117 5.30 18.18 5.48
C SER A 117 4.96 18.24 6.96
N LEU A 118 5.70 19.01 7.71
CA LEU A 118 5.50 19.10 9.13
C LEU A 118 4.22 19.84 9.46
N VAL A 119 3.33 19.15 10.17
CA VAL A 119 2.02 19.63 10.57
C VAL A 119 1.15 19.87 9.33
N THR A 120 0.75 18.79 8.70
CA THR A 120 -0.13 18.83 7.54
C THR A 120 -1.16 17.67 7.68
N SER A 121 -1.93 17.36 6.61
CA SER A 121 -3.02 16.34 6.59
C SER A 121 -4.22 16.76 7.40
N VAL A 122 -5.34 16.95 6.69
CA VAL A 122 -6.58 17.50 7.22
C VAL A 122 -6.27 18.92 7.71
N ALA A 123 -5.27 19.49 7.09
CA ALA A 123 -4.74 20.79 7.40
C ALA A 123 -3.74 21.15 6.33
N ILE A 124 -4.06 22.12 5.55
CA ILE A 124 -3.18 22.61 4.54
C ILE A 124 -2.77 23.98 4.95
N LEU A 125 -1.74 24.04 5.67
CA LEU A 125 -1.22 25.27 6.10
C LEU A 125 -0.22 25.69 5.09
N ASP A 126 -0.44 26.89 4.58
CA ASP A 126 0.35 27.53 3.51
C ASP A 126 -0.01 27.00 2.14
N LYS A 127 -0.18 27.89 1.20
CA LYS A 127 -0.45 27.53 -0.16
C LYS A 127 0.29 28.47 -1.10
N GLU A 128 1.53 28.75 -0.75
CA GLU A 128 2.39 29.60 -1.56
C GLU A 128 2.89 28.77 -2.76
N PRO A 129 3.08 29.39 -3.95
CA PRO A 129 3.67 28.72 -5.12
C PRO A 129 5.05 28.14 -4.80
N GLY A 1 8.73 1.41 -7.53
CA GLY A 1 8.85 0.49 -6.39
C GLY A 1 9.93 0.97 -5.46
N ALA A 2 9.53 1.55 -4.34
CA ALA A 2 10.43 2.18 -3.37
C ALA A 2 11.14 3.37 -4.01
N MET A 3 12.31 3.13 -4.57
CA MET A 3 13.06 4.15 -5.28
C MET A 3 13.57 3.59 -6.60
N GLY A 4 12.92 2.54 -7.05
CA GLY A 4 13.27 1.93 -8.30
C GLY A 4 13.84 0.56 -8.09
N LYS A 5 12.96 -0.45 -8.10
CA LYS A 5 13.33 -1.86 -7.91
C LYS A 5 13.96 -2.16 -6.55
N PRO A 6 13.16 -2.63 -5.60
CA PRO A 6 13.65 -3.14 -4.34
C PRO A 6 14.03 -4.62 -4.52
N PHE A 7 14.29 -5.31 -3.43
CA PHE A 7 14.59 -6.70 -3.49
C PHE A 7 13.30 -7.44 -3.76
N PHE A 8 13.14 -7.86 -4.94
CA PHE A 8 11.95 -8.52 -5.33
C PHE A 8 12.26 -9.97 -5.60
N THR A 9 11.50 -10.84 -5.00
CA THR A 9 11.71 -12.25 -5.16
C THR A 9 10.39 -12.99 -5.30
N ARG A 10 9.33 -12.21 -5.53
CA ARG A 10 7.95 -12.66 -5.81
C ARG A 10 7.35 -13.60 -4.75
N ASN A 11 8.04 -13.82 -3.66
CA ASN A 11 7.54 -14.68 -2.62
C ASN A 11 7.70 -14.01 -1.29
N PRO A 12 6.56 -13.82 -0.60
CA PRO A 12 6.49 -13.20 0.73
C PRO A 12 7.41 -13.86 1.74
N SER A 13 7.59 -15.14 1.59
CA SER A 13 8.41 -15.93 2.49
C SER A 13 9.92 -15.63 2.25
N GLU A 14 10.22 -15.13 1.09
CA GLU A 14 11.59 -14.83 0.73
C GLU A 14 11.94 -13.36 1.00
N LEU A 15 10.93 -12.53 1.00
CA LEU A 15 11.11 -11.12 1.30
C LEU A 15 11.17 -10.92 2.79
N LYS A 16 11.85 -9.89 3.22
CA LYS A 16 12.02 -9.61 4.58
C LYS A 16 11.48 -8.27 4.89
N GLY A 17 10.98 -8.17 6.05
CA GLY A 17 10.29 -7.01 6.51
C GLY A 17 9.41 -7.42 7.64
N LYS A 18 8.53 -6.58 8.08
CA LYS A 18 7.57 -7.02 9.02
C LYS A 18 6.27 -7.21 8.33
N PHE A 19 5.91 -8.44 8.19
CA PHE A 19 4.76 -8.81 7.44
C PHE A 19 3.54 -8.85 8.28
N ILE A 20 2.64 -8.06 7.89
CA ILE A 20 1.45 -7.79 8.60
C ILE A 20 0.29 -8.20 7.76
N HIS A 21 -0.65 -8.80 8.37
CA HIS A 21 -1.80 -9.23 7.68
C HIS A 21 -2.93 -8.35 8.13
N THR A 22 -3.49 -7.65 7.20
CA THR A 22 -4.52 -6.72 7.49
C THR A 22 -5.62 -6.72 6.44
N LYS A 23 -6.80 -6.87 6.90
CA LYS A 23 -7.97 -6.85 6.07
C LYS A 23 -8.46 -5.45 5.92
N LEU A 24 -8.62 -5.03 4.70
CA LEU A 24 -9.10 -3.72 4.46
C LEU A 24 -10.50 -3.83 3.96
N ARG A 25 -11.41 -3.25 4.68
CA ARG A 25 -12.75 -3.23 4.30
C ARG A 25 -12.97 -2.18 3.26
N LYS A 26 -13.16 -2.64 2.04
CA LYS A 26 -13.57 -1.80 0.97
C LYS A 26 -14.93 -1.26 1.33
N SER A 27 -14.93 -0.08 1.86
CA SER A 27 -16.11 0.58 2.35
C SER A 27 -16.84 1.23 1.15
N SER A 28 -17.65 2.24 1.41
CA SER A 28 -18.27 3.01 0.34
C SER A 28 -17.18 3.71 -0.48
N ARG A 29 -16.14 4.11 0.22
CA ARG A 29 -14.96 4.73 -0.37
C ARG A 29 -14.07 3.60 -0.92
N GLY A 30 -14.28 2.41 -0.39
CA GLY A 30 -13.55 1.29 -0.75
C GLY A 30 -12.32 1.22 0.08
N PHE A 31 -11.19 1.29 -0.51
CA PHE A 31 -9.97 1.20 0.25
C PHE A 31 -9.51 2.59 0.57
N GLY A 32 -8.95 2.75 1.74
CA GLY A 32 -8.53 4.06 2.17
C GLY A 32 -7.06 4.29 1.91
N PHE A 33 -6.41 3.35 1.29
CA PHE A 33 -5.00 3.47 1.02
C PHE A 33 -4.77 3.53 -0.46
N THR A 34 -3.62 3.97 -0.79
CA THR A 34 -3.18 4.09 -2.13
C THR A 34 -1.93 3.29 -2.24
N VAL A 35 -1.70 2.74 -3.37
CA VAL A 35 -0.53 1.98 -3.58
C VAL A 35 0.28 2.53 -4.69
N VAL A 36 1.54 2.44 -4.51
CA VAL A 36 2.43 2.82 -5.49
C VAL A 36 3.45 1.74 -5.63
N GLY A 37 3.92 1.61 -6.78
CA GLY A 37 4.85 0.63 -7.07
C GLY A 37 4.28 -0.28 -8.08
N GLY A 38 4.50 -1.59 -7.90
CA GLY A 38 4.01 -2.63 -8.79
C GLY A 38 4.33 -2.33 -10.19
N ASP A 39 5.45 -1.67 -10.37
CA ASP A 39 5.81 -1.16 -11.63
C ASP A 39 6.14 -2.28 -12.50
N GLU A 40 6.49 -3.40 -11.86
CA GLU A 40 6.78 -4.57 -12.61
C GLU A 40 6.85 -5.69 -11.69
N PRO A 41 6.82 -6.95 -12.18
CA PRO A 41 7.08 -8.13 -11.36
C PRO A 41 8.53 -8.13 -10.88
N ASP A 42 8.86 -7.05 -10.20
CA ASP A 42 10.23 -6.70 -9.76
C ASP A 42 10.23 -5.34 -9.03
N GLU A 43 9.13 -4.61 -9.12
CA GLU A 43 8.92 -3.45 -8.33
C GLU A 43 7.63 -3.66 -7.61
N PHE A 44 7.73 -3.54 -6.22
CA PHE A 44 6.74 -3.86 -5.11
C PHE A 44 5.64 -2.84 -4.95
N LEU A 45 4.49 -3.24 -4.32
CA LEU A 45 3.51 -2.22 -4.01
C LEU A 45 3.80 -1.74 -2.65
N GLN A 46 3.61 -0.52 -2.41
CA GLN A 46 3.73 0.01 -1.08
C GLN A 46 2.63 0.97 -0.92
N ILE A 47 2.27 1.21 0.29
CA ILE A 47 1.25 2.15 0.60
C ILE A 47 1.85 3.46 0.34
N LYS A 48 1.37 4.11 -0.67
CA LYS A 48 1.79 5.42 -0.98
C LYS A 48 1.39 6.26 0.18
N SER A 49 0.16 5.99 0.70
CA SER A 49 -0.40 6.66 1.84
C SER A 49 -1.87 6.38 1.91
N LEU A 50 -2.47 6.83 2.95
CA LEU A 50 -3.81 6.49 3.26
C LEU A 50 -4.57 7.63 3.84
N VAL A 51 -5.82 7.61 3.52
CA VAL A 51 -6.78 8.53 4.03
C VAL A 51 -6.96 8.22 5.46
N LEU A 52 -6.60 9.17 6.22
CA LEU A 52 -6.70 9.19 7.62
C LEU A 52 -8.12 9.02 8.10
N ASP A 53 -8.99 9.37 7.26
CA ASP A 53 -10.39 9.21 7.50
C ASP A 53 -10.92 7.91 6.91
N GLY A 54 -10.07 7.17 6.25
CA GLY A 54 -10.49 6.00 5.58
C GLY A 54 -10.21 4.74 6.36
N PRO A 55 -10.75 3.61 5.90
CA PRO A 55 -10.67 2.32 6.59
C PRO A 55 -9.24 1.89 6.89
N ALA A 56 -8.30 2.30 6.06
CA ALA A 56 -6.88 1.95 6.24
C ALA A 56 -6.33 2.53 7.55
N ALA A 57 -6.73 3.76 7.82
CA ALA A 57 -6.38 4.47 9.03
C ALA A 57 -7.20 3.99 10.20
N LEU A 58 -8.46 3.74 9.94
CA LEU A 58 -9.42 3.35 10.95
C LEU A 58 -9.18 1.96 11.46
N ASP A 59 -8.80 1.08 10.56
CA ASP A 59 -8.46 -0.31 10.93
C ASP A 59 -7.15 -0.24 11.68
N GLY A 60 -6.44 0.83 11.36
CA GLY A 60 -5.20 1.18 11.98
C GLY A 60 -4.11 0.19 11.74
N LYS A 61 -4.19 -0.46 10.62
CA LYS A 61 -3.30 -1.48 10.31
C LYS A 61 -2.50 -1.15 9.08
N MET A 62 -2.79 -0.02 8.48
CA MET A 62 -1.99 0.44 7.38
C MET A 62 -1.19 1.66 7.76
N GLU A 63 0.07 1.67 7.40
CA GLU A 63 0.91 2.81 7.56
C GLU A 63 1.51 3.14 6.20
N THR A 64 1.81 4.39 6.02
CA THR A 64 2.38 4.89 4.81
C THR A 64 3.80 4.29 4.63
N GLY A 65 3.95 3.43 3.65
CA GLY A 65 5.23 2.84 3.38
C GLY A 65 5.20 1.32 3.39
N ASP A 66 4.17 0.71 4.03
CA ASP A 66 4.08 -0.78 4.10
C ASP A 66 3.97 -1.34 2.66
N VAL A 67 4.75 -2.35 2.32
CA VAL A 67 4.68 -2.99 1.01
C VAL A 67 3.57 -4.04 0.89
N ILE A 68 2.64 -3.82 -0.05
CA ILE A 68 1.65 -4.81 -0.42
C ILE A 68 2.34 -5.91 -1.17
N VAL A 69 2.16 -7.08 -0.59
CA VAL A 69 2.72 -8.34 -1.00
C VAL A 69 1.62 -9.32 -1.46
N SER A 70 0.52 -9.37 -0.76
CA SER A 70 -0.52 -10.33 -1.12
C SER A 70 -1.92 -9.81 -0.86
N VAL A 71 -2.88 -10.47 -1.50
CA VAL A 71 -4.29 -10.18 -1.42
C VAL A 71 -5.01 -11.48 -1.37
N ASN A 72 -5.88 -11.69 -0.37
CA ASN A 72 -6.66 -12.92 -0.28
C ASN A 72 -5.76 -14.15 -0.24
N ASP A 73 -4.56 -13.97 0.33
CA ASP A 73 -3.51 -15.02 0.47
C ASP A 73 -2.75 -15.25 -0.86
N THR A 74 -3.23 -14.64 -1.90
CA THR A 74 -2.62 -14.74 -3.21
C THR A 74 -1.55 -13.69 -3.31
N CYS A 75 -0.35 -14.15 -3.55
CA CYS A 75 0.78 -13.29 -3.72
C CYS A 75 0.56 -12.37 -4.89
N VAL A 76 0.44 -11.12 -4.60
CA VAL A 76 0.16 -10.12 -5.61
C VAL A 76 1.33 -9.10 -5.60
N LEU A 77 2.43 -9.54 -5.01
CA LEU A 77 3.62 -8.79 -4.82
C LEU A 77 4.11 -8.41 -6.18
N GLY A 78 4.05 -7.06 -6.48
CA GLY A 78 4.32 -6.51 -7.86
C GLY A 78 3.89 -7.47 -8.94
N HIS A 79 2.71 -8.13 -8.67
CA HIS A 79 2.02 -9.09 -9.56
C HIS A 79 2.11 -8.46 -10.91
N THR A 80 1.46 -7.35 -10.95
CA THR A 80 1.72 -6.21 -11.74
C THR A 80 0.86 -5.20 -11.11
N HIS A 81 1.24 -3.98 -11.00
CA HIS A 81 0.30 -2.98 -10.49
C HIS A 81 -1.04 -3.04 -11.28
N ALA A 82 -0.98 -3.39 -12.55
CA ALA A 82 -2.18 -3.60 -13.36
C ALA A 82 -3.05 -4.71 -12.74
N GLN A 83 -2.43 -5.84 -12.41
CA GLN A 83 -3.11 -6.97 -11.81
C GLN A 83 -3.64 -6.66 -10.43
N VAL A 84 -2.86 -5.95 -9.65
CA VAL A 84 -3.25 -5.59 -8.31
C VAL A 84 -4.50 -4.68 -8.32
N VAL A 85 -4.50 -3.69 -9.22
CA VAL A 85 -5.61 -2.79 -9.33
C VAL A 85 -6.81 -3.55 -9.81
N LYS A 86 -6.58 -4.46 -10.77
CA LYS A 86 -7.62 -5.33 -11.27
C LYS A 86 -8.24 -6.14 -10.14
N ILE A 87 -7.41 -6.64 -9.23
CA ILE A 87 -7.85 -7.43 -8.10
C ILE A 87 -8.72 -6.61 -7.12
N PHE A 88 -8.37 -5.38 -6.97
CA PHE A 88 -9.13 -4.46 -6.13
C PHE A 88 -10.39 -4.02 -6.84
N GLN A 89 -10.33 -4.04 -8.15
CA GLN A 89 -11.46 -3.78 -9.02
C GLN A 89 -12.39 -4.98 -9.04
N SER A 90 -11.80 -6.14 -8.84
CA SER A 90 -12.48 -7.40 -8.74
C SER A 90 -13.33 -7.41 -7.49
N ILE A 91 -12.76 -6.91 -6.43
CA ILE A 91 -13.43 -6.78 -5.21
C ILE A 91 -14.39 -5.58 -5.25
N PRO A 92 -15.63 -5.77 -4.81
CA PRO A 92 -16.68 -4.78 -4.91
C PRO A 92 -16.78 -3.90 -3.67
N ILE A 93 -17.44 -2.75 -3.81
CA ILE A 93 -17.69 -1.84 -2.71
C ILE A 93 -18.47 -2.53 -1.62
N GLY A 94 -18.00 -2.37 -0.42
CA GLY A 94 -18.66 -2.98 0.71
C GLY A 94 -18.01 -4.29 1.09
N ALA A 95 -16.87 -4.56 0.53
CA ALA A 95 -16.19 -5.84 0.73
C ALA A 95 -15.07 -5.69 1.73
N SER A 96 -14.24 -6.69 1.88
CA SER A 96 -13.08 -6.61 2.74
C SER A 96 -12.02 -7.51 2.22
N VAL A 97 -10.76 -7.26 2.57
CA VAL A 97 -9.71 -8.09 2.02
C VAL A 97 -8.58 -8.26 2.96
N ASP A 98 -8.23 -9.48 3.28
CA ASP A 98 -7.05 -9.73 4.08
C ASP A 98 -5.83 -9.59 3.17
N LEU A 99 -5.17 -8.50 3.31
CA LEU A 99 -4.01 -8.12 2.54
C LEU A 99 -2.77 -8.41 3.34
N GLU A 100 -1.70 -8.73 2.68
CA GLU A 100 -0.46 -8.93 3.37
C GLU A 100 0.52 -7.82 3.01
N LEU A 101 0.91 -7.10 4.02
CA LEU A 101 1.85 -6.01 3.96
C LEU A 101 3.16 -6.43 4.55
N CYS A 102 4.15 -5.67 4.28
CA CYS A 102 5.46 -5.84 4.81
C CYS A 102 6.03 -4.47 5.09
N ARG A 103 6.32 -4.17 6.28
CA ARG A 103 6.84 -2.87 6.55
C ARG A 103 8.32 -2.94 6.72
N GLY A 104 8.99 -1.91 6.28
CA GLY A 104 10.42 -1.85 6.36
C GLY A 104 10.95 -1.09 5.21
N TYR A 105 10.23 -1.13 4.13
CA TYR A 105 10.64 -0.43 2.96
C TYR A 105 10.19 1.01 3.02
N PRO A 106 11.11 1.93 2.75
CA PRO A 106 10.90 3.37 2.89
C PRO A 106 9.81 3.93 1.98
N LEU A 107 9.06 4.84 2.56
CA LEU A 107 8.03 5.58 1.93
C LEU A 107 8.55 6.29 0.68
N PRO A 108 7.91 6.04 -0.45
CA PRO A 108 8.20 6.71 -1.69
C PRO A 108 7.72 8.16 -1.67
N PHE A 109 6.44 8.35 -1.78
CA PHE A 109 5.88 9.67 -1.75
C PHE A 109 4.65 9.63 -0.94
N ASP A 110 4.51 10.58 -0.06
CA ASP A 110 3.36 10.66 0.77
C ASP A 110 2.78 12.03 0.68
N PRO A 111 1.75 12.12 -0.11
CA PRO A 111 1.03 13.36 -0.32
C PRO A 111 -0.13 13.51 0.61
N ASP A 112 -0.69 12.39 0.97
CA ASP A 112 -1.80 12.38 1.87
C ASP A 112 -1.34 12.68 3.26
N ASP A 113 -0.09 12.38 3.55
CA ASP A 113 0.42 12.77 4.89
C ASP A 113 1.45 13.77 4.68
N PRO A 114 1.23 14.90 5.31
CA PRO A 114 2.05 16.05 5.12
C PRO A 114 3.40 15.89 5.70
N ASN A 115 3.41 15.20 6.81
CA ASN A 115 4.50 15.12 7.77
C ASN A 115 5.76 14.49 7.24
N THR A 116 5.78 14.23 5.99
CA THR A 116 6.80 13.48 5.42
C THR A 116 7.82 14.37 4.67
N SER A 117 7.85 15.64 5.02
CA SER A 117 8.79 16.57 4.42
C SER A 117 9.10 17.68 5.45
N LEU A 118 9.86 18.69 5.07
CA LEU A 118 10.13 19.81 5.94
C LEU A 118 8.96 20.77 5.87
N VAL A 119 8.78 21.58 6.92
CA VAL A 119 7.74 22.60 7.03
C VAL A 119 6.32 21.98 6.89
N THR A 120 6.18 20.81 7.45
CA THR A 120 4.97 20.04 7.38
C THR A 120 4.25 20.08 8.74
N SER A 121 3.38 19.13 9.04
CA SER A 121 2.66 19.18 10.31
C SER A 121 3.53 18.80 11.53
N VAL A 122 4.78 18.52 11.28
CA VAL A 122 5.70 18.20 12.34
C VAL A 122 6.08 19.48 13.07
N ALA A 123 5.98 19.47 14.36
CA ALA A 123 6.25 20.64 15.17
C ALA A 123 7.72 20.69 15.55
N ILE A 124 8.54 20.40 14.58
CA ILE A 124 9.96 20.35 14.74
C ILE A 124 10.56 21.27 13.73
N LEU A 125 11.15 22.31 14.19
CA LEU A 125 11.76 23.29 13.35
C LEU A 125 13.26 23.27 13.58
N ASP A 126 13.70 22.13 14.03
CA ASP A 126 15.09 21.86 14.30
C ASP A 126 15.55 20.78 13.38
N LYS A 127 16.84 20.69 13.20
CA LYS A 127 17.43 19.69 12.31
C LYS A 127 17.66 18.37 13.04
N GLU A 128 16.79 18.09 13.98
CA GLU A 128 16.87 16.91 14.79
C GLU A 128 16.12 15.78 14.10
N PRO A 129 16.66 14.55 14.14
CA PRO A 129 16.03 13.36 13.54
C PRO A 129 14.65 13.06 14.14
N GLY A 1 17.63 -0.24 -6.74
CA GLY A 1 17.41 1.11 -6.23
C GLY A 1 17.13 1.08 -4.76
N ALA A 2 17.09 2.24 -4.15
CA ALA A 2 16.85 2.36 -2.72
C ALA A 2 15.38 2.14 -2.41
N MET A 3 14.54 2.66 -3.27
CA MET A 3 13.11 2.54 -3.11
C MET A 3 12.57 1.73 -4.26
N GLY A 4 12.61 2.32 -5.44
CA GLY A 4 12.17 1.65 -6.61
C GLY A 4 13.21 0.67 -7.05
N LYS A 5 12.77 -0.35 -7.75
CA LYS A 5 13.62 -1.46 -8.16
C LYS A 5 14.28 -2.08 -6.92
N PRO A 6 13.46 -2.75 -6.10
CA PRO A 6 13.90 -3.28 -4.83
C PRO A 6 14.34 -4.73 -4.95
N PHE A 7 14.47 -5.38 -3.83
CA PHE A 7 14.78 -6.74 -3.76
C PHE A 7 13.49 -7.47 -3.86
N PHE A 8 13.24 -8.01 -4.97
CA PHE A 8 12.01 -8.68 -5.22
C PHE A 8 12.30 -10.13 -5.47
N THR A 9 11.64 -10.97 -4.74
CA THR A 9 11.87 -12.39 -4.89
C THR A 9 10.55 -13.16 -4.82
N ARG A 10 9.47 -12.42 -5.14
CA ARG A 10 8.08 -12.89 -5.39
C ARG A 10 7.45 -13.78 -4.27
N ASN A 11 8.15 -13.96 -3.18
CA ASN A 11 7.64 -14.71 -2.06
C ASN A 11 7.93 -13.93 -0.80
N PRO A 12 6.86 -13.62 -0.03
CA PRO A 12 6.96 -12.92 1.24
C PRO A 12 7.92 -13.61 2.23
N SER A 13 8.00 -14.92 2.14
CA SER A 13 8.86 -15.70 3.01
C SER A 13 10.35 -15.46 2.64
N GLU A 14 10.59 -15.12 1.40
CA GLU A 14 11.93 -14.94 0.89
C GLU A 14 12.35 -13.48 0.99
N LEU A 15 11.38 -12.62 1.20
CA LEU A 15 11.59 -11.19 1.34
C LEU A 15 12.17 -10.82 2.69
N LYS A 16 12.24 -9.53 2.90
CA LYS A 16 12.62 -8.93 4.10
C LYS A 16 11.46 -8.07 4.51
N GLY A 17 11.58 -7.44 5.63
CA GLY A 17 10.50 -6.60 6.10
C GLY A 17 9.56 -7.32 7.07
N LYS A 18 8.77 -6.55 7.76
CA LYS A 18 7.78 -7.04 8.67
C LYS A 18 6.48 -7.28 7.93
N PHE A 19 5.95 -8.45 8.06
CA PHE A 19 4.77 -8.81 7.33
C PHE A 19 3.59 -8.80 8.22
N ILE A 20 2.69 -7.99 7.87
CA ILE A 20 1.52 -7.69 8.65
C ILE A 20 0.29 -8.00 7.84
N HIS A 21 -0.73 -8.44 8.50
CA HIS A 21 -1.93 -8.85 7.86
C HIS A 21 -3.07 -7.95 8.30
N THR A 22 -3.75 -7.39 7.35
CA THR A 22 -4.85 -6.49 7.58
C THR A 22 -5.92 -6.84 6.60
N LYS A 23 -7.10 -6.51 6.88
CA LYS A 23 -8.20 -6.72 5.98
C LYS A 23 -8.88 -5.41 5.84
N LEU A 24 -8.98 -4.98 4.61
CA LEU A 24 -9.44 -3.64 4.37
C LEU A 24 -10.81 -3.70 3.83
N ARG A 25 -11.71 -3.15 4.58
CA ARG A 25 -13.08 -3.10 4.21
C ARG A 25 -13.29 -2.02 3.21
N LYS A 26 -13.39 -2.43 1.98
CA LYS A 26 -13.74 -1.59 0.89
C LYS A 26 -15.11 -1.02 1.21
N SER A 27 -15.11 0.18 1.72
CA SER A 27 -16.28 0.88 2.17
C SER A 27 -16.93 1.60 0.96
N SER A 28 -17.68 2.67 1.21
CA SER A 28 -18.29 3.45 0.13
C SER A 28 -17.19 4.04 -0.77
N ARG A 29 -16.08 4.41 -0.14
CA ARG A 29 -14.90 4.88 -0.86
C ARG A 29 -14.04 3.68 -1.24
N GLY A 30 -14.28 2.57 -0.60
CA GLY A 30 -13.58 1.40 -0.83
C GLY A 30 -12.36 1.35 0.04
N PHE A 31 -11.21 1.43 -0.55
CA PHE A 31 -10.00 1.34 0.20
C PHE A 31 -9.49 2.72 0.50
N GLY A 32 -9.08 2.90 1.73
CA GLY A 32 -8.63 4.18 2.19
C GLY A 32 -7.18 4.47 1.80
N PHE A 33 -6.54 3.50 1.18
CA PHE A 33 -5.14 3.62 0.81
C PHE A 33 -4.95 3.65 -0.69
N THR A 34 -3.80 4.07 -1.07
CA THR A 34 -3.35 4.17 -2.42
C THR A 34 -2.08 3.39 -2.52
N VAL A 35 -1.84 2.80 -3.65
CA VAL A 35 -0.65 2.08 -3.82
C VAL A 35 0.16 2.60 -4.96
N VAL A 36 1.43 2.48 -4.82
CA VAL A 36 2.33 2.80 -5.84
C VAL A 36 3.41 1.75 -5.92
N GLY A 37 3.95 1.62 -7.06
CA GLY A 37 4.95 0.67 -7.30
C GLY A 37 4.47 -0.29 -8.31
N GLY A 38 4.64 -1.58 -8.03
CA GLY A 38 4.14 -2.67 -8.85
C GLY A 38 4.49 -2.49 -10.26
N ASP A 39 5.66 -1.97 -10.48
CA ASP A 39 6.06 -1.58 -11.79
C ASP A 39 6.21 -2.80 -12.57
N GLU A 40 6.60 -3.84 -11.88
CA GLU A 40 6.79 -5.06 -12.57
C GLU A 40 6.78 -6.15 -11.61
N PRO A 41 6.67 -7.40 -12.08
CA PRO A 41 6.88 -8.56 -11.26
C PRO A 41 8.36 -8.61 -10.84
N ASP A 42 8.72 -7.58 -10.08
CA ASP A 42 10.11 -7.27 -9.65
C ASP A 42 10.19 -5.88 -8.98
N GLU A 43 9.09 -5.12 -9.07
CA GLU A 43 8.95 -3.91 -8.30
C GLU A 43 7.64 -4.01 -7.59
N PHE A 44 7.74 -3.79 -6.21
CA PHE A 44 6.74 -4.03 -5.08
C PHE A 44 5.66 -2.99 -5.01
N LEU A 45 4.50 -3.32 -4.36
CA LEU A 45 3.52 -2.28 -4.14
C LEU A 45 3.78 -1.70 -2.82
N GLN A 46 3.61 -0.45 -2.67
CA GLN A 46 3.71 0.16 -1.39
C GLN A 46 2.58 1.10 -1.24
N ILE A 47 2.21 1.32 -0.03
CA ILE A 47 1.16 2.22 0.28
C ILE A 47 1.71 3.55 0.08
N LYS A 48 1.22 4.22 -0.92
CA LYS A 48 1.57 5.56 -1.17
C LYS A 48 1.14 6.34 0.02
N SER A 49 -0.11 6.08 0.45
CA SER A 49 -0.67 6.70 1.62
C SER A 49 -2.13 6.35 1.77
N LEU A 50 -2.68 6.74 2.86
CA LEU A 50 -4.02 6.43 3.23
C LEU A 50 -4.66 7.56 3.92
N VAL A 51 -5.92 7.69 3.70
CA VAL A 51 -6.71 8.66 4.35
C VAL A 51 -6.92 8.14 5.75
N LEU A 52 -6.51 8.90 6.75
CA LEU A 52 -6.59 8.47 8.12
C LEU A 52 -8.02 8.40 8.62
N ASP A 53 -8.88 8.84 7.78
CA ASP A 53 -10.30 8.86 8.01
C ASP A 53 -10.88 7.52 7.64
N GLY A 54 -10.19 6.87 6.74
CA GLY A 54 -10.67 5.69 6.15
C GLY A 54 -10.26 4.44 6.88
N PRO A 55 -10.82 3.31 6.47
CA PRO A 55 -10.65 1.99 7.11
C PRO A 55 -9.18 1.58 7.26
N ALA A 56 -8.35 2.10 6.40
CA ALA A 56 -6.91 1.80 6.38
C ALA A 56 -6.21 2.16 7.72
N ALA A 57 -6.43 3.40 8.15
CA ALA A 57 -5.90 3.90 9.41
C ALA A 57 -6.74 3.40 10.57
N LEU A 58 -8.01 3.25 10.31
CA LEU A 58 -8.99 2.86 11.31
C LEU A 58 -8.84 1.43 11.75
N ASP A 59 -8.47 0.59 10.81
CA ASP A 59 -8.22 -0.83 11.09
C ASP A 59 -7.00 -0.92 11.96
N GLY A 60 -6.24 0.14 11.87
CA GLY A 60 -5.09 0.37 12.71
C GLY A 60 -3.89 -0.39 12.29
N LYS A 61 -3.96 -0.96 11.13
CA LYS A 61 -2.96 -1.79 10.70
C LYS A 61 -2.08 -1.21 9.61
N MET A 62 -2.64 -0.54 8.61
CA MET A 62 -1.76 -0.12 7.55
C MET A 62 -1.28 1.28 7.73
N GLU A 63 -0.15 1.56 7.15
CA GLU A 63 0.48 2.83 7.27
C GLU A 63 1.10 3.19 5.92
N THR A 64 1.36 4.44 5.76
CA THR A 64 2.00 4.97 4.59
C THR A 64 3.43 4.40 4.54
N GLY A 65 3.71 3.58 3.57
CA GLY A 65 5.03 3.08 3.44
C GLY A 65 5.12 1.57 3.51
N ASP A 66 4.04 0.90 3.97
CA ASP A 66 4.04 -0.59 3.98
C ASP A 66 4.06 -1.06 2.52
N VAL A 67 4.60 -2.22 2.27
CA VAL A 67 4.56 -2.79 0.94
C VAL A 67 3.47 -3.87 0.83
N ILE A 68 2.58 -3.71 -0.14
CA ILE A 68 1.61 -4.72 -0.43
C ILE A 68 2.31 -5.84 -1.17
N VAL A 69 2.14 -6.99 -0.54
CA VAL A 69 2.71 -8.24 -0.93
C VAL A 69 1.64 -9.25 -1.35
N SER A 70 0.51 -9.23 -0.70
CA SER A 70 -0.52 -10.19 -1.07
C SER A 70 -1.93 -9.69 -0.82
N VAL A 71 -2.88 -10.31 -1.48
CA VAL A 71 -4.29 -10.01 -1.43
C VAL A 71 -5.02 -11.32 -1.48
N ASN A 72 -5.95 -11.56 -0.55
CA ASN A 72 -6.80 -12.77 -0.57
C ASN A 72 -5.94 -14.05 -0.60
N ASP A 73 -4.87 -14.04 0.19
CA ASP A 73 -3.85 -15.13 0.25
C ASP A 73 -3.25 -15.46 -1.11
N THR A 74 -3.28 -14.50 -1.99
CA THR A 74 -2.70 -14.63 -3.28
C THR A 74 -1.58 -13.64 -3.34
N CYS A 75 -0.41 -14.13 -3.67
CA CYS A 75 0.75 -13.32 -3.75
C CYS A 75 0.58 -12.36 -4.89
N VAL A 76 0.42 -11.12 -4.55
CA VAL A 76 0.18 -10.10 -5.53
C VAL A 76 1.35 -9.11 -5.49
N LEU A 77 2.43 -9.59 -4.88
CA LEU A 77 3.64 -8.89 -4.69
C LEU A 77 4.13 -8.50 -6.05
N GLY A 78 4.13 -7.16 -6.34
CA GLY A 78 4.37 -6.60 -7.70
C GLY A 78 3.92 -7.51 -8.79
N HIS A 79 2.72 -8.12 -8.55
CA HIS A 79 2.02 -9.03 -9.46
C HIS A 79 2.12 -8.39 -10.79
N THR A 80 1.47 -7.31 -10.85
CA THR A 80 1.75 -6.18 -11.65
C THR A 80 0.89 -5.15 -11.04
N HIS A 81 1.31 -3.95 -10.96
CA HIS A 81 0.39 -2.90 -10.52
C HIS A 81 -0.93 -2.95 -11.34
N ALA A 82 -0.85 -3.36 -12.59
CA ALA A 82 -2.05 -3.56 -13.40
C ALA A 82 -2.94 -4.68 -12.80
N GLN A 83 -2.32 -5.81 -12.44
CA GLN A 83 -3.03 -6.94 -11.86
C GLN A 83 -3.63 -6.62 -10.50
N VAL A 84 -2.87 -5.92 -9.69
CA VAL A 84 -3.33 -5.56 -8.35
C VAL A 84 -4.56 -4.66 -8.41
N VAL A 85 -4.54 -3.67 -9.32
CA VAL A 85 -5.65 -2.76 -9.46
C VAL A 85 -6.85 -3.51 -9.98
N LYS A 86 -6.61 -4.45 -10.90
CA LYS A 86 -7.67 -5.27 -11.41
C LYS A 86 -8.31 -6.12 -10.29
N ILE A 87 -7.49 -6.67 -9.40
CA ILE A 87 -7.99 -7.45 -8.27
C ILE A 87 -8.87 -6.62 -7.34
N PHE A 88 -8.47 -5.41 -7.11
CA PHE A 88 -9.23 -4.48 -6.28
C PHE A 88 -10.49 -4.04 -6.99
N GLN A 89 -10.38 -3.90 -8.29
CA GLN A 89 -11.50 -3.61 -9.16
C GLN A 89 -12.42 -4.82 -9.33
N SER A 90 -11.89 -5.97 -9.02
CA SER A 90 -12.60 -7.22 -8.99
C SER A 90 -13.39 -7.32 -7.69
N ILE A 91 -12.89 -6.67 -6.67
CA ILE A 91 -13.52 -6.61 -5.41
C ILE A 91 -14.54 -5.46 -5.40
N PRO A 92 -15.73 -5.70 -4.89
CA PRO A 92 -16.84 -4.75 -4.95
C PRO A 92 -16.92 -3.84 -3.72
N ILE A 93 -17.63 -2.73 -3.85
CA ILE A 93 -17.86 -1.80 -2.75
C ILE A 93 -18.60 -2.48 -1.65
N GLY A 94 -18.12 -2.28 -0.47
CA GLY A 94 -18.75 -2.91 0.66
C GLY A 94 -18.06 -4.21 1.05
N ALA A 95 -16.90 -4.43 0.49
CA ALA A 95 -16.19 -5.70 0.69
C ALA A 95 -15.12 -5.53 1.72
N SER A 96 -14.27 -6.52 1.87
CA SER A 96 -13.12 -6.40 2.72
C SER A 96 -12.07 -7.30 2.16
N VAL A 97 -10.81 -7.07 2.49
CA VAL A 97 -9.77 -7.88 1.88
C VAL A 97 -8.62 -8.11 2.78
N ASP A 98 -8.25 -9.33 2.98
CA ASP A 98 -7.08 -9.62 3.75
C ASP A 98 -5.86 -9.42 2.85
N LEU A 99 -5.12 -8.43 3.19
CA LEU A 99 -3.93 -7.98 2.51
C LEU A 99 -2.69 -8.28 3.34
N GLU A 100 -1.61 -8.61 2.68
CA GLU A 100 -0.34 -8.84 3.32
C GLU A 100 0.52 -7.59 3.04
N LEU A 101 0.91 -6.92 4.09
CA LEU A 101 1.73 -5.73 4.06
C LEU A 101 3.13 -6.09 4.51
N CYS A 102 4.05 -5.21 4.25
CA CYS A 102 5.40 -5.36 4.65
C CYS A 102 6.00 -4.02 5.07
N ARG A 103 6.26 -3.87 6.30
CA ARG A 103 6.93 -2.67 6.74
C ARG A 103 8.38 -2.86 6.88
N GLY A 104 9.08 -1.96 6.30
CA GLY A 104 10.51 -2.00 6.34
C GLY A 104 11.12 -1.36 5.15
N TYR A 105 10.32 -1.20 4.13
CA TYR A 105 10.79 -0.56 2.94
C TYR A 105 10.57 0.95 3.01
N PRO A 106 11.46 1.72 2.36
CA PRO A 106 11.37 3.19 2.34
C PRO A 106 10.03 3.65 1.81
N LEU A 107 9.42 4.57 2.53
CA LEU A 107 8.15 5.14 2.18
C LEU A 107 8.28 5.79 0.80
N PRO A 108 7.27 5.56 -0.08
CA PRO A 108 7.21 6.05 -1.47
C PRO A 108 7.65 7.48 -1.69
N PHE A 109 8.00 7.73 -2.95
CA PHE A 109 8.60 8.97 -3.46
C PHE A 109 7.92 10.21 -2.93
N ASP A 110 8.74 11.16 -2.51
CA ASP A 110 8.30 12.43 -1.95
C ASP A 110 8.45 13.58 -2.91
N PRO A 111 7.37 13.96 -3.56
CA PRO A 111 7.32 15.18 -4.31
C PRO A 111 6.68 16.29 -3.47
N ASP A 112 5.48 16.03 -3.04
CA ASP A 112 4.72 16.89 -2.19
C ASP A 112 4.05 15.99 -1.17
N ASP A 113 4.74 14.94 -0.87
CA ASP A 113 4.24 13.96 0.11
C ASP A 113 4.40 14.51 1.48
N PRO A 114 3.32 14.52 2.26
CA PRO A 114 3.38 14.92 3.62
C PRO A 114 4.22 14.05 4.42
N ASN A 115 3.98 12.76 4.24
CA ASN A 115 4.34 11.74 5.14
C ASN A 115 5.79 11.65 5.39
N THR A 116 6.50 12.11 4.45
CA THR A 116 7.89 12.06 4.42
C THR A 116 8.49 13.35 5.01
N SER A 117 7.73 14.39 4.90
CA SER A 117 8.08 15.74 5.25
C SER A 117 7.62 16.05 6.68
N LEU A 118 8.02 17.20 7.17
CA LEU A 118 7.71 17.66 8.52
C LEU A 118 6.30 18.27 8.58
N VAL A 119 5.42 17.69 7.84
CA VAL A 119 4.05 18.10 7.72
C VAL A 119 3.28 16.84 7.30
N THR A 120 3.68 15.78 7.92
CA THR A 120 3.24 14.47 7.58
C THR A 120 1.89 14.11 8.06
N SER A 121 1.10 13.56 7.12
CA SER A 121 -0.26 13.15 7.35
C SER A 121 -1.00 14.27 8.10
N VAL A 122 -1.08 15.41 7.39
CA VAL A 122 -1.48 16.73 7.87
C VAL A 122 -2.60 16.74 8.92
N ALA A 123 -2.21 16.76 10.16
CA ALA A 123 -3.11 16.91 11.28
C ALA A 123 -2.91 18.30 11.85
N ILE A 124 -2.59 19.18 10.95
CA ILE A 124 -2.27 20.54 11.25
C ILE A 124 -3.32 21.40 10.59
N LEU A 125 -4.06 22.08 11.39
CA LEU A 125 -5.17 22.85 10.91
C LEU A 125 -4.99 24.32 11.28
N ASP A 126 -3.76 24.73 11.33
CA ASP A 126 -3.44 26.10 11.73
C ASP A 126 -2.18 26.57 11.04
N LYS A 127 -2.25 27.79 10.45
CA LYS A 127 -1.12 28.50 9.78
C LYS A 127 -0.79 27.90 8.40
N GLU A 128 -0.76 26.61 8.37
CA GLU A 128 -0.45 25.81 7.20
C GLU A 128 -1.57 26.02 6.16
N PRO A 129 -1.24 26.02 4.82
CA PRO A 129 -2.19 26.23 3.70
C PRO A 129 -3.57 25.60 3.90
N GLY A 1 9.86 1.88 -13.24
CA GLY A 1 11.14 2.54 -13.02
C GLY A 1 12.27 1.94 -13.86
N ALA A 2 12.03 0.76 -14.48
CA ALA A 2 13.02 0.06 -15.32
C ALA A 2 14.31 -0.16 -14.56
N MET A 3 14.10 -0.46 -13.31
CA MET A 3 15.07 -0.62 -12.26
C MET A 3 14.23 -0.59 -11.02
N GLY A 4 13.80 -1.77 -10.63
CA GLY A 4 12.90 -1.94 -9.52
C GLY A 4 13.34 -1.22 -8.31
N LYS A 5 12.47 -0.40 -7.77
CA LYS A 5 12.85 0.35 -6.59
C LYS A 5 13.20 -0.51 -5.36
N PRO A 6 12.38 -1.52 -4.98
CA PRO A 6 12.70 -2.41 -3.87
C PRO A 6 13.32 -3.76 -4.35
N PHE A 7 13.59 -4.63 -3.40
CA PHE A 7 14.16 -5.93 -3.63
C PHE A 7 13.02 -6.88 -3.85
N PHE A 8 12.84 -7.28 -5.04
CA PHE A 8 11.73 -8.14 -5.36
C PHE A 8 12.19 -9.59 -5.43
N THR A 9 11.48 -10.46 -4.75
CA THR A 9 11.80 -11.86 -4.81
C THR A 9 10.51 -12.72 -4.91
N ARG A 10 9.39 -12.01 -5.15
CA ARG A 10 8.01 -12.54 -5.38
C ARG A 10 7.43 -13.38 -4.23
N ASN A 11 8.26 -13.93 -3.41
CA ASN A 11 7.82 -14.75 -2.33
C ASN A 11 7.93 -13.99 -1.02
N PRO A 12 6.80 -13.75 -0.35
CA PRO A 12 6.74 -13.09 0.96
C PRO A 12 7.57 -13.79 2.03
N SER A 13 7.78 -15.08 1.87
CA SER A 13 8.54 -15.85 2.83
C SER A 13 10.03 -15.54 2.69
N GLU A 14 10.43 -15.20 1.49
CA GLU A 14 11.83 -14.95 1.18
C GLU A 14 12.19 -13.49 1.42
N LEU A 15 11.22 -12.62 1.25
CA LEU A 15 11.41 -11.18 1.43
C LEU A 15 11.57 -10.81 2.92
N LYS A 16 12.23 -9.69 3.15
CA LYS A 16 12.47 -9.16 4.45
C LYS A 16 11.33 -8.25 4.82
N GLY A 17 11.49 -7.48 5.85
CA GLY A 17 10.42 -6.62 6.26
C GLY A 17 9.53 -7.31 7.28
N LYS A 18 8.61 -6.56 7.82
CA LYS A 18 7.64 -7.10 8.74
C LYS A 18 6.41 -7.39 7.98
N PHE A 19 5.90 -8.55 8.13
CA PHE A 19 4.73 -8.91 7.40
C PHE A 19 3.54 -8.86 8.28
N ILE A 20 2.72 -7.95 7.97
CA ILE A 20 1.59 -7.60 8.75
C ILE A 20 0.33 -7.88 7.97
N HIS A 21 -0.67 -8.32 8.64
CA HIS A 21 -1.88 -8.70 8.00
C HIS A 21 -2.93 -7.68 8.36
N THR A 22 -3.61 -7.20 7.37
CA THR A 22 -4.58 -6.17 7.52
C THR A 22 -5.76 -6.52 6.65
N LYS A 23 -6.88 -6.01 6.94
CA LYS A 23 -8.05 -6.18 6.10
C LYS A 23 -8.57 -4.84 5.79
N LEU A 24 -8.66 -4.55 4.52
CA LEU A 24 -9.03 -3.25 4.13
C LEU A 24 -10.41 -3.28 3.57
N ARG A 25 -11.28 -2.59 4.22
CA ARG A 25 -12.63 -2.49 3.81
C ARG A 25 -12.77 -1.59 2.62
N LYS A 26 -13.03 -2.17 1.47
CA LYS A 26 -13.45 -1.41 0.34
C LYS A 26 -14.80 -0.89 0.73
N SER A 27 -14.83 0.30 1.22
CA SER A 27 -16.03 0.89 1.73
C SER A 27 -16.74 1.62 0.59
N SER A 28 -17.54 2.60 0.91
CA SER A 28 -18.21 3.42 -0.07
C SER A 28 -17.18 4.14 -0.97
N ARG A 29 -16.02 4.50 -0.38
CA ARG A 29 -14.92 5.06 -1.15
C ARG A 29 -14.10 3.93 -1.79
N GLY A 30 -14.23 2.73 -1.22
CA GLY A 30 -13.55 1.58 -1.71
C GLY A 30 -12.07 1.66 -1.38
N PHE A 31 -11.76 1.31 -0.14
CA PHE A 31 -10.42 1.32 0.48
C PHE A 31 -10.06 2.73 0.93
N GLY A 32 -9.01 2.85 1.70
CA GLY A 32 -8.64 4.16 2.19
C GLY A 32 -7.18 4.44 1.99
N PHE A 33 -6.54 3.60 1.21
CA PHE A 33 -5.14 3.76 0.87
C PHE A 33 -4.99 3.92 -0.60
N THR A 34 -3.86 4.40 -0.96
CA THR A 34 -3.45 4.59 -2.29
C THR A 34 -2.22 3.74 -2.45
N VAL A 35 -1.92 3.30 -3.62
CA VAL A 35 -0.82 2.40 -3.77
C VAL A 35 -0.09 2.62 -5.06
N VAL A 36 1.21 2.51 -4.98
CA VAL A 36 2.08 2.65 -6.10
C VAL A 36 3.34 1.82 -5.88
N GLY A 37 4.09 1.63 -6.93
CA GLY A 37 5.39 1.05 -6.82
C GLY A 37 5.55 -0.30 -7.35
N GLY A 38 4.54 -0.80 -7.92
CA GLY A 38 4.48 -2.14 -8.26
C GLY A 38 4.37 -2.25 -9.67
N ASP A 39 5.23 -1.54 -10.29
CA ASP A 39 5.24 -1.37 -11.70
C ASP A 39 5.30 -2.68 -12.38
N GLU A 40 5.92 -3.67 -11.73
CA GLU A 40 6.15 -4.90 -12.42
C GLU A 40 6.47 -5.98 -11.49
N PRO A 41 6.55 -7.24 -11.97
CA PRO A 41 7.03 -8.37 -11.17
C PRO A 41 8.51 -8.19 -10.79
N ASP A 42 8.77 -7.05 -10.18
CA ASP A 42 10.11 -6.55 -9.86
C ASP A 42 10.02 -5.22 -9.09
N GLU A 43 8.87 -4.57 -9.18
CA GLU A 43 8.57 -3.43 -8.38
C GLU A 43 7.35 -3.80 -7.57
N PHE A 44 7.50 -3.71 -6.18
CA PHE A 44 6.51 -4.08 -5.06
C PHE A 44 5.46 -3.05 -4.87
N LEU A 45 4.30 -3.42 -4.31
CA LEU A 45 3.32 -2.40 -4.08
C LEU A 45 3.61 -1.79 -2.77
N GLN A 46 3.42 -0.53 -2.64
CA GLN A 46 3.58 0.11 -1.37
C GLN A 46 2.50 1.10 -1.23
N ILE A 47 2.13 1.34 -0.02
CA ILE A 47 1.09 2.26 0.28
C ILE A 47 1.62 3.62 0.04
N LYS A 48 1.11 4.24 -1.00
CA LYS A 48 1.46 5.59 -1.37
C LYS A 48 1.12 6.48 -0.20
N SER A 49 -0.04 6.14 0.43
CA SER A 49 -0.53 6.76 1.68
C SER A 49 -1.99 6.44 1.87
N LEU A 50 -2.49 6.80 3.01
CA LEU A 50 -3.83 6.49 3.40
C LEU A 50 -4.44 7.63 4.14
N VAL A 51 -5.72 7.71 4.04
CA VAL A 51 -6.48 8.67 4.76
C VAL A 51 -6.67 8.12 6.15
N LEU A 52 -6.34 8.90 7.17
CA LEU A 52 -6.40 8.44 8.53
C LEU A 52 -7.79 8.18 9.05
N ASP A 53 -8.74 8.61 8.31
CA ASP A 53 -10.14 8.33 8.62
C ASP A 53 -10.60 7.12 7.87
N GLY A 54 -9.75 6.65 7.00
CA GLY A 54 -10.10 5.55 6.18
C GLY A 54 -9.83 4.24 6.87
N PRO A 55 -10.42 3.17 6.35
CA PRO A 55 -10.33 1.80 6.92
C PRO A 55 -8.90 1.36 7.18
N ALA A 56 -8.01 1.86 6.36
CA ALA A 56 -6.56 1.57 6.48
C ALA A 56 -6.00 1.95 7.86
N ALA A 57 -6.38 3.14 8.28
CA ALA A 57 -6.01 3.70 9.58
C ALA A 57 -6.83 3.09 10.71
N LEU A 58 -8.06 2.74 10.41
CA LEU A 58 -8.98 2.16 11.38
C LEU A 58 -8.64 0.74 11.73
N ASP A 59 -8.25 -0.03 10.71
CA ASP A 59 -7.80 -1.42 10.90
C ASP A 59 -6.53 -1.35 11.70
N GLY A 60 -5.90 -0.21 11.54
CA GLY A 60 -4.76 0.20 12.32
C GLY A 60 -3.51 -0.52 11.97
N LYS A 61 -3.59 -1.32 10.98
CA LYS A 61 -2.55 -2.11 10.57
C LYS A 61 -1.77 -1.47 9.44
N MET A 62 -2.43 -0.65 8.65
CA MET A 62 -1.81 -0.15 7.48
C MET A 62 -1.22 1.24 7.72
N GLU A 63 -0.04 1.48 7.16
CA GLU A 63 0.66 2.73 7.28
C GLU A 63 1.27 3.12 5.89
N THR A 64 1.61 4.38 5.75
CA THR A 64 2.14 4.93 4.53
C THR A 64 3.58 4.43 4.27
N GLY A 65 3.74 3.55 3.30
CA GLY A 65 5.02 3.04 2.92
C GLY A 65 5.12 1.55 3.04
N ASP A 66 4.18 0.96 3.79
CA ASP A 66 4.12 -0.51 3.99
C ASP A 66 3.89 -1.15 2.59
N VAL A 67 4.61 -2.19 2.26
CA VAL A 67 4.46 -2.84 0.95
C VAL A 67 3.32 -3.87 0.89
N ILE A 68 2.41 -3.69 -0.06
CA ILE A 68 1.41 -4.70 -0.35
C ILE A 68 2.09 -5.83 -1.08
N VAL A 69 1.91 -6.97 -0.47
CA VAL A 69 2.49 -8.22 -0.86
C VAL A 69 1.41 -9.20 -1.29
N SER A 70 0.30 -9.24 -0.61
CA SER A 70 -0.71 -10.21 -0.96
C SER A 70 -2.13 -9.71 -0.73
N VAL A 71 -3.06 -10.46 -1.31
CA VAL A 71 -4.50 -10.18 -1.27
C VAL A 71 -5.20 -11.47 -1.08
N ASN A 72 -5.96 -11.59 0.00
CA ASN A 72 -6.73 -12.79 0.31
C ASN A 72 -5.79 -13.95 0.64
N ASP A 73 -5.18 -14.50 -0.39
CA ASP A 73 -4.15 -15.52 -0.26
C ASP A 73 -3.18 -15.47 -1.43
N THR A 74 -3.36 -14.53 -2.29
CA THR A 74 -2.59 -14.45 -3.48
C THR A 74 -1.47 -13.50 -3.27
N CYS A 75 -0.29 -13.99 -3.45
CA CYS A 75 0.89 -13.23 -3.41
C CYS A 75 0.93 -12.34 -4.64
N VAL A 76 0.34 -11.19 -4.48
CA VAL A 76 0.09 -10.24 -5.56
C VAL A 76 1.20 -9.17 -5.53
N LEU A 77 2.29 -9.55 -4.86
CA LEU A 77 3.47 -8.79 -4.67
C LEU A 77 3.97 -8.47 -6.04
N GLY A 78 3.92 -7.14 -6.41
CA GLY A 78 4.20 -6.64 -7.79
C GLY A 78 3.80 -7.65 -8.82
N HIS A 79 2.59 -8.21 -8.61
CA HIS A 79 1.96 -9.19 -9.48
C HIS A 79 2.09 -8.60 -10.84
N THR A 80 1.44 -7.52 -10.93
CA THR A 80 1.71 -6.41 -11.74
C THR A 80 0.84 -5.38 -11.18
N HIS A 81 1.23 -4.16 -11.12
CA HIS A 81 0.29 -3.13 -10.68
C HIS A 81 -1.05 -3.20 -11.47
N ALA A 82 -0.98 -3.61 -12.73
CA ALA A 82 -2.18 -3.86 -13.51
C ALA A 82 -3.03 -4.97 -12.86
N GLN A 83 -2.39 -6.09 -12.53
CA GLN A 83 -3.06 -7.23 -11.90
C GLN A 83 -3.61 -6.92 -10.53
N VAL A 84 -2.86 -6.15 -9.77
CA VAL A 84 -3.28 -5.76 -8.44
C VAL A 84 -4.55 -4.90 -8.50
N VAL A 85 -4.59 -3.95 -9.44
CA VAL A 85 -5.74 -3.08 -9.58
C VAL A 85 -6.92 -3.90 -10.07
N LYS A 86 -6.65 -4.85 -10.96
CA LYS A 86 -7.65 -5.81 -11.41
C LYS A 86 -8.23 -6.57 -10.24
N ILE A 87 -7.38 -6.99 -9.30
CA ILE A 87 -7.80 -7.72 -8.12
C ILE A 87 -8.66 -6.87 -7.18
N PHE A 88 -8.37 -5.61 -7.13
CA PHE A 88 -9.17 -4.68 -6.35
C PHE A 88 -10.46 -4.36 -7.07
N GLN A 89 -10.41 -4.44 -8.39
CA GLN A 89 -11.58 -4.34 -9.25
C GLN A 89 -12.43 -5.60 -9.17
N SER A 90 -11.75 -6.69 -8.87
CA SER A 90 -12.36 -7.98 -8.66
C SER A 90 -13.23 -7.90 -7.40
N ILE A 91 -12.72 -7.19 -6.44
CA ILE A 91 -13.41 -6.94 -5.23
C ILE A 91 -14.39 -5.77 -5.39
N PRO A 92 -15.62 -5.92 -4.92
CA PRO A 92 -16.68 -4.95 -5.11
C PRO A 92 -16.76 -3.91 -3.99
N ILE A 93 -17.42 -2.80 -4.26
CA ILE A 93 -17.64 -1.75 -3.25
C ILE A 93 -18.41 -2.28 -2.10
N GLY A 94 -17.94 -1.97 -0.92
CA GLY A 94 -18.60 -2.44 0.26
C GLY A 94 -17.99 -3.73 0.79
N ALA A 95 -16.85 -4.08 0.26
CA ALA A 95 -16.18 -5.34 0.61
C ALA A 95 -15.05 -5.08 1.57
N SER A 96 -14.23 -6.07 1.82
CA SER A 96 -13.03 -5.91 2.62
C SER A 96 -12.03 -6.91 2.15
N VAL A 97 -10.75 -6.75 2.55
CA VAL A 97 -9.74 -7.69 2.07
C VAL A 97 -8.63 -7.87 3.03
N ASP A 98 -8.35 -9.09 3.38
CA ASP A 98 -7.15 -9.33 4.16
C ASP A 98 -5.95 -9.31 3.23
N LEU A 99 -5.21 -8.26 3.35
CA LEU A 99 -4.05 -7.97 2.58
C LEU A 99 -2.83 -8.22 3.44
N GLU A 100 -1.74 -8.56 2.83
CA GLU A 100 -0.52 -8.73 3.55
C GLU A 100 0.44 -7.61 3.17
N LEU A 101 0.89 -6.90 4.18
CA LEU A 101 1.82 -5.79 4.07
C LEU A 101 3.18 -6.22 4.56
N CYS A 102 4.17 -5.57 4.05
CA CYS A 102 5.52 -5.70 4.49
C CYS A 102 6.02 -4.33 4.86
N ARG A 103 6.17 -4.07 6.06
CA ARG A 103 6.67 -2.81 6.45
C ARG A 103 8.14 -2.91 6.81
N GLY A 104 8.87 -1.94 6.38
CA GLY A 104 10.31 -1.92 6.53
C GLY A 104 10.83 -1.12 5.43
N TYR A 105 10.15 -1.21 4.32
CA TYR A 105 10.47 -0.45 3.18
C TYR A 105 9.84 0.92 3.34
N PRO A 106 10.58 1.96 2.99
CA PRO A 106 10.13 3.33 3.14
C PRO A 106 9.31 3.80 1.96
N LEU A 107 8.61 4.90 2.18
CA LEU A 107 7.89 5.57 1.14
C LEU A 107 8.84 5.93 0.03
N PRO A 108 8.55 5.42 -1.17
CA PRO A 108 9.45 5.50 -2.31
C PRO A 108 9.50 6.86 -2.98
N PHE A 109 8.54 7.18 -3.80
CA PHE A 109 8.51 8.40 -4.48
C PHE A 109 7.16 8.96 -4.49
N ASP A 110 7.13 10.22 -4.38
CA ASP A 110 5.96 10.98 -4.27
C ASP A 110 5.81 11.91 -5.49
N PRO A 111 5.23 11.41 -6.58
CA PRO A 111 5.00 12.21 -7.77
C PRO A 111 3.70 12.98 -7.66
N ASP A 112 2.64 12.23 -7.51
CA ASP A 112 1.30 12.77 -7.42
C ASP A 112 0.78 12.53 -6.05
N ASP A 113 1.70 12.57 -5.15
CA ASP A 113 1.35 12.55 -3.75
C ASP A 113 1.57 13.90 -3.30
N PRO A 114 0.48 14.58 -3.02
CA PRO A 114 0.53 15.97 -2.67
C PRO A 114 1.04 16.14 -1.28
N ASN A 115 0.64 15.17 -0.51
CA ASN A 115 0.67 15.04 0.93
C ASN A 115 2.00 15.30 1.55
N THR A 116 2.97 15.40 0.74
CA THR A 116 4.28 15.43 1.19
C THR A 116 4.84 16.87 1.31
N SER A 117 4.12 17.87 0.78
CA SER A 117 4.71 19.22 0.79
C SER A 117 3.69 20.35 0.91
N LEU A 118 3.93 21.26 1.86
CA LEU A 118 3.14 22.44 2.11
C LEU A 118 1.72 22.07 2.54
N VAL A 119 0.76 22.95 2.31
CA VAL A 119 -0.65 22.69 2.62
C VAL A 119 -1.26 21.55 1.75
N THR A 120 -0.94 20.36 2.14
CA THR A 120 -1.36 19.15 1.49
C THR A 120 -1.83 18.14 2.55
N SER A 121 -2.05 16.89 2.15
CA SER A 121 -2.55 15.81 3.01
C SER A 121 -3.97 16.07 3.51
N VAL A 122 -4.67 16.92 2.79
CA VAL A 122 -6.03 17.22 3.14
C VAL A 122 -6.96 16.27 2.41
N ALA A 123 -7.80 15.61 3.14
CA ALA A 123 -8.64 14.59 2.57
C ALA A 123 -9.97 15.14 2.13
N ILE A 124 -9.96 15.85 1.03
CA ILE A 124 -11.19 16.32 0.43
C ILE A 124 -11.50 15.37 -0.71
N LEU A 125 -12.23 14.34 -0.37
CA LEU A 125 -12.53 13.32 -1.31
C LEU A 125 -14.00 13.37 -1.66
N ASP A 126 -14.28 13.20 -2.92
CA ASP A 126 -15.62 13.25 -3.43
C ASP A 126 -15.67 12.30 -4.60
N LYS A 127 -16.84 11.78 -4.90
CA LYS A 127 -17.00 10.76 -5.93
C LYS A 127 -16.97 11.37 -7.32
N GLU A 128 -17.38 12.60 -7.41
CA GLU A 128 -17.43 13.27 -8.68
C GLU A 128 -16.23 14.22 -8.79
N PRO A 129 -15.51 14.20 -9.94
CA PRO A 129 -14.36 15.07 -10.19
C PRO A 129 -14.72 16.56 -10.10
N GLY A 1 11.33 1.50 -13.48
CA GLY A 1 10.79 1.62 -12.13
C GLY A 1 11.45 2.75 -11.40
N ALA A 2 10.67 3.60 -10.78
CA ALA A 2 11.19 4.70 -10.01
C ALA A 2 10.47 4.77 -8.68
N MET A 3 9.16 4.67 -8.72
CA MET A 3 8.36 4.63 -7.52
C MET A 3 8.29 3.21 -7.04
N GLY A 4 9.20 2.87 -6.16
CA GLY A 4 9.34 1.56 -5.66
C GLY A 4 10.80 1.26 -5.41
N LYS A 5 11.43 0.66 -6.40
CA LYS A 5 12.85 0.27 -6.37
C LYS A 5 13.28 -0.53 -5.12
N PRO A 6 12.69 -1.70 -4.90
CA PRO A 6 13.00 -2.54 -3.77
C PRO A 6 13.79 -3.79 -4.20
N PHE A 7 13.98 -4.68 -3.27
CA PHE A 7 14.58 -5.93 -3.49
C PHE A 7 13.44 -6.86 -3.72
N PHE A 8 13.29 -7.33 -4.89
CA PHE A 8 12.18 -8.15 -5.22
C PHE A 8 12.63 -9.58 -5.40
N THR A 9 12.04 -10.47 -4.64
CA THR A 9 12.38 -11.88 -4.75
C THR A 9 11.11 -12.73 -4.80
N ARG A 10 9.99 -12.03 -5.00
CA ARG A 10 8.61 -12.56 -5.12
C ARG A 10 8.10 -13.33 -3.90
N ASN A 11 8.96 -13.94 -3.18
CA ASN A 11 8.58 -14.71 -2.02
C ASN A 11 8.71 -13.88 -0.76
N PRO A 12 7.59 -13.64 -0.08
CA PRO A 12 7.55 -12.93 1.21
C PRO A 12 8.39 -13.61 2.30
N SER A 13 8.64 -14.89 2.16
CA SER A 13 9.42 -15.63 3.14
C SER A 13 10.92 -15.30 2.94
N GLU A 14 11.26 -14.91 1.73
CA GLU A 14 12.63 -14.59 1.38
C GLU A 14 12.86 -13.09 1.53
N LEU A 15 11.79 -12.34 1.54
CA LEU A 15 11.84 -10.91 1.61
C LEU A 15 11.87 -10.48 3.06
N LYS A 16 12.58 -9.40 3.33
CA LYS A 16 12.73 -8.95 4.67
C LYS A 16 11.86 -7.77 4.91
N GLY A 17 11.28 -7.81 6.02
CA GLY A 17 10.29 -6.83 6.40
C GLY A 17 9.35 -7.45 7.39
N LYS A 18 8.50 -6.67 8.02
CA LYS A 18 7.53 -7.27 8.88
C LYS A 18 6.23 -7.38 8.13
N PHE A 19 5.74 -8.57 8.03
CA PHE A 19 4.59 -8.81 7.23
C PHE A 19 3.30 -8.82 8.06
N ILE A 20 2.56 -7.82 7.81
CA ILE A 20 1.26 -7.54 8.41
C ILE A 20 0.18 -8.15 7.54
N HIS A 21 -0.89 -8.48 8.15
CA HIS A 21 -2.04 -9.00 7.46
C HIS A 21 -3.23 -8.21 7.90
N THR A 22 -3.77 -7.48 7.00
CA THR A 22 -4.87 -6.61 7.30
C THR A 22 -5.90 -6.62 6.22
N LYS A 23 -7.10 -6.75 6.62
CA LYS A 23 -8.22 -6.76 5.74
C LYS A 23 -8.73 -5.38 5.64
N LEU A 24 -8.83 -4.91 4.43
CA LEU A 24 -9.23 -3.57 4.20
C LEU A 24 -10.62 -3.58 3.70
N ARG A 25 -11.47 -2.98 4.46
CA ARG A 25 -12.84 -2.87 4.13
C ARG A 25 -12.99 -1.83 3.03
N LYS A 26 -13.21 -2.29 1.81
CA LYS A 26 -13.62 -1.42 0.73
C LYS A 26 -14.96 -0.87 1.16
N SER A 27 -14.96 0.31 1.70
CA SER A 27 -16.12 0.87 2.32
C SER A 27 -16.34 2.28 1.78
N SER A 28 -17.54 2.53 1.27
CA SER A 28 -17.97 3.82 0.71
C SER A 28 -17.11 4.19 -0.52
N ARG A 29 -15.91 4.67 -0.26
CA ARG A 29 -14.96 4.98 -1.30
C ARG A 29 -14.21 3.72 -1.66
N GLY A 30 -14.22 2.76 -0.75
CA GLY A 30 -13.58 1.55 -0.97
C GLY A 30 -12.36 1.51 -0.10
N PHE A 31 -11.20 1.57 -0.68
CA PHE A 31 -10.02 1.46 0.12
C PHE A 31 -9.54 2.83 0.53
N GLY A 32 -9.17 2.93 1.78
CA GLY A 32 -8.73 4.20 2.33
C GLY A 32 -7.28 4.49 2.06
N PHE A 33 -6.64 3.62 1.32
CA PHE A 33 -5.26 3.79 0.99
C PHE A 33 -5.08 3.89 -0.50
N THR A 34 -3.96 4.38 -0.89
CA THR A 34 -3.56 4.50 -2.23
C THR A 34 -2.41 3.56 -2.44
N VAL A 35 -2.30 2.98 -3.59
CA VAL A 35 -1.24 2.04 -3.77
C VAL A 35 -0.34 2.51 -4.87
N VAL A 36 0.93 2.28 -4.74
CA VAL A 36 1.84 2.58 -5.77
C VAL A 36 2.97 1.60 -5.74
N GLY A 37 3.49 1.37 -6.85
CA GLY A 37 4.53 0.46 -7.02
C GLY A 37 4.10 -0.51 -8.04
N GLY A 38 4.39 -1.80 -7.82
CA GLY A 38 3.98 -2.89 -8.70
C GLY A 38 4.28 -2.58 -10.09
N ASP A 39 5.41 -1.94 -10.28
CA ASP A 39 5.74 -1.40 -11.55
C ASP A 39 6.02 -2.54 -12.43
N GLU A 40 6.46 -3.62 -11.80
CA GLU A 40 6.71 -4.81 -12.55
C GLU A 40 6.81 -5.93 -11.59
N PRO A 41 6.80 -7.18 -12.07
CA PRO A 41 7.06 -8.34 -11.23
C PRO A 41 8.52 -8.34 -10.76
N ASP A 42 8.88 -7.24 -10.13
CA ASP A 42 10.27 -6.88 -9.77
C ASP A 42 10.30 -5.47 -9.07
N GLU A 43 9.15 -4.79 -9.06
CA GLU A 43 8.94 -3.59 -8.29
C GLU A 43 7.66 -3.83 -7.54
N PHE A 44 7.75 -3.68 -6.16
CA PHE A 44 6.74 -4.03 -5.06
C PHE A 44 5.63 -3.06 -4.98
N LEU A 45 4.48 -3.48 -4.39
CA LEU A 45 3.45 -2.51 -4.16
C LEU A 45 3.72 -1.93 -2.84
N GLN A 46 3.41 -0.71 -2.64
CA GLN A 46 3.51 -0.11 -1.35
C GLN A 46 2.37 0.84 -1.24
N ILE A 47 2.00 1.11 -0.04
CA ILE A 47 0.97 2.05 0.24
C ILE A 47 1.57 3.37 -0.03
N LYS A 48 1.03 4.06 -1.02
CA LYS A 48 1.44 5.40 -1.29
C LYS A 48 1.16 6.20 -0.05
N SER A 49 -0.04 5.95 0.52
CA SER A 49 -0.51 6.59 1.74
C SER A 49 -1.97 6.30 1.95
N LEU A 50 -2.47 6.69 3.07
CA LEU A 50 -3.81 6.39 3.43
C LEU A 50 -4.43 7.49 4.17
N VAL A 51 -5.69 7.64 3.93
CA VAL A 51 -6.49 8.60 4.59
C VAL A 51 -6.68 8.09 5.93
N LEU A 52 -6.31 8.90 6.82
CA LEU A 52 -6.39 8.73 8.19
C LEU A 52 -7.80 8.59 8.68
N ASP A 53 -8.68 8.93 7.84
CA ASP A 53 -10.10 8.83 8.07
C ASP A 53 -10.63 7.51 7.54
N GLY A 54 -9.80 6.85 6.76
CA GLY A 54 -10.19 5.68 6.06
C GLY A 54 -9.91 4.41 6.82
N PRO A 55 -10.55 3.32 6.40
CA PRO A 55 -10.47 2.00 7.06
C PRO A 55 -9.05 1.52 7.25
N ALA A 56 -8.18 1.96 6.37
CA ALA A 56 -6.75 1.62 6.43
C ALA A 56 -6.10 2.06 7.77
N ALA A 57 -6.33 3.32 8.12
CA ALA A 57 -5.83 3.92 9.35
C ALA A 57 -6.67 3.47 10.55
N LEU A 58 -7.94 3.27 10.29
CA LEU A 58 -8.91 2.90 11.30
C LEU A 58 -8.78 1.49 11.77
N ASP A 59 -8.37 0.63 10.87
CA ASP A 59 -8.10 -0.77 11.20
C ASP A 59 -6.88 -0.78 12.06
N GLY A 60 -6.09 0.24 11.83
CA GLY A 60 -4.90 0.52 12.60
C GLY A 60 -3.74 -0.34 12.22
N LYS A 61 -3.93 -1.13 11.21
CA LYS A 61 -2.93 -2.04 10.78
C LYS A 61 -2.13 -1.49 9.63
N MET A 62 -2.75 -0.69 8.78
CA MET A 62 -2.08 -0.27 7.61
C MET A 62 -1.46 1.12 7.79
N GLU A 63 -0.28 1.31 7.22
CA GLU A 63 0.45 2.55 7.35
C GLU A 63 1.10 2.91 5.97
N THR A 64 1.41 4.17 5.84
CA THR A 64 2.00 4.74 4.67
C THR A 64 3.42 4.14 4.43
N GLY A 65 3.60 3.44 3.33
CA GLY A 65 4.89 2.94 2.96
C GLY A 65 4.99 1.43 3.06
N ASP A 66 4.02 0.82 3.75
CA ASP A 66 3.99 -0.65 3.92
C ASP A 66 3.86 -1.29 2.51
N VAL A 67 4.62 -2.30 2.20
CA VAL A 67 4.56 -2.94 0.88
C VAL A 67 3.42 -3.97 0.77
N ILE A 68 2.57 -3.84 -0.23
CA ILE A 68 1.59 -4.86 -0.52
C ILE A 68 2.30 -5.99 -1.23
N VAL A 69 2.10 -7.15 -0.62
CA VAL A 69 2.69 -8.41 -0.99
C VAL A 69 1.61 -9.40 -1.41
N SER A 70 0.48 -9.38 -0.76
CA SER A 70 -0.55 -10.33 -1.13
C SER A 70 -1.95 -9.74 -1.00
N VAL A 71 -2.88 -10.21 -1.84
CA VAL A 71 -4.27 -9.80 -1.79
C VAL A 71 -5.12 -11.05 -1.91
N ASN A 72 -6.14 -11.18 -1.05
CA ASN A 72 -7.06 -12.33 -1.11
C ASN A 72 -6.31 -13.62 -0.92
N ASP A 73 -5.20 -13.50 -0.20
CA ASP A 73 -4.27 -14.59 0.16
C ASP A 73 -3.43 -15.04 -1.04
N THR A 74 -3.60 -14.40 -2.15
CA THR A 74 -2.83 -14.69 -3.31
C THR A 74 -1.62 -13.79 -3.27
N CYS A 75 -0.47 -14.40 -3.38
CA CYS A 75 0.76 -13.68 -3.38
C CYS A 75 0.82 -12.83 -4.63
N VAL A 76 0.67 -11.55 -4.45
CA VAL A 76 0.58 -10.62 -5.57
C VAL A 76 1.66 -9.55 -5.47
N LEU A 77 2.75 -9.92 -4.84
CA LEU A 77 3.88 -9.09 -4.67
C LEU A 77 4.35 -8.72 -6.04
N GLY A 78 4.23 -7.39 -6.37
CA GLY A 78 4.43 -6.85 -7.75
C GLY A 78 3.97 -7.81 -8.81
N HIS A 79 2.80 -8.44 -8.54
CA HIS A 79 2.08 -9.37 -9.44
C HIS A 79 2.13 -8.70 -10.77
N THR A 80 1.46 -7.63 -10.80
CA THR A 80 1.68 -6.48 -11.58
C THR A 80 0.80 -5.49 -10.95
N HIS A 81 1.16 -4.25 -10.85
CA HIS A 81 0.22 -3.27 -10.34
C HIS A 81 -1.14 -3.37 -11.10
N ALA A 82 -1.06 -3.64 -12.39
CA ALA A 82 -2.25 -3.85 -13.20
C ALA A 82 -3.10 -5.02 -12.65
N GLN A 83 -2.46 -6.15 -12.34
CA GLN A 83 -3.15 -7.32 -11.84
C GLN A 83 -3.80 -7.09 -10.49
N VAL A 84 -3.09 -6.47 -9.61
CA VAL A 84 -3.60 -6.21 -8.29
C VAL A 84 -4.72 -5.17 -8.31
N VAL A 85 -4.58 -4.13 -9.14
CA VAL A 85 -5.60 -3.12 -9.26
C VAL A 85 -6.85 -3.75 -9.86
N LYS A 86 -6.67 -4.66 -10.81
CA LYS A 86 -7.78 -5.38 -11.38
C LYS A 86 -8.55 -6.18 -10.32
N ILE A 87 -7.84 -6.78 -9.36
CA ILE A 87 -8.47 -7.51 -8.26
C ILE A 87 -9.28 -6.57 -7.36
N PHE A 88 -8.78 -5.38 -7.21
CA PHE A 88 -9.47 -4.34 -6.43
C PHE A 88 -10.67 -3.81 -7.21
N GLN A 89 -10.54 -3.83 -8.52
CA GLN A 89 -11.59 -3.50 -9.44
C GLN A 89 -12.62 -4.63 -9.47
N SER A 90 -12.15 -5.82 -9.16
CA SER A 90 -12.95 -7.00 -9.08
C SER A 90 -13.81 -6.96 -7.83
N ILE A 91 -13.18 -6.63 -6.73
CA ILE A 91 -13.83 -6.51 -5.46
C ILE A 91 -14.83 -5.33 -5.45
N PRO A 92 -16.02 -5.53 -4.89
CA PRO A 92 -17.13 -4.56 -4.90
C PRO A 92 -17.13 -3.63 -3.69
N ILE A 93 -17.84 -2.51 -3.78
CA ILE A 93 -17.98 -1.59 -2.67
C ILE A 93 -18.67 -2.25 -1.52
N GLY A 94 -18.13 -2.04 -0.36
CA GLY A 94 -18.71 -2.62 0.83
C GLY A 94 -18.07 -3.93 1.18
N ALA A 95 -16.96 -4.21 0.54
CA ALA A 95 -16.29 -5.48 0.70
C ALA A 95 -15.13 -5.32 1.61
N SER A 96 -14.31 -6.33 1.77
CA SER A 96 -13.11 -6.23 2.54
C SER A 96 -12.10 -7.16 1.94
N VAL A 97 -10.82 -6.92 2.20
CA VAL A 97 -9.79 -7.75 1.59
C VAL A 97 -8.66 -8.02 2.52
N ASP A 98 -8.34 -9.26 2.74
CA ASP A 98 -7.21 -9.60 3.58
C ASP A 98 -5.92 -9.44 2.76
N LEU A 99 -5.24 -8.38 3.06
CA LEU A 99 -4.03 -7.94 2.38
C LEU A 99 -2.80 -8.22 3.22
N GLU A 100 -1.73 -8.56 2.56
CA GLU A 100 -0.45 -8.76 3.21
C GLU A 100 0.45 -7.58 2.91
N LEU A 101 0.98 -6.99 3.96
CA LEU A 101 1.87 -5.84 3.90
C LEU A 101 3.25 -6.21 4.40
N CYS A 102 4.22 -5.46 4.00
CA CYS A 102 5.56 -5.59 4.46
C CYS A 102 6.10 -4.25 4.91
N ARG A 103 6.29 -4.13 6.13
CA ARG A 103 6.79 -2.95 6.74
C ARG A 103 8.31 -3.04 6.75
N GLY A 104 8.96 -2.08 6.11
CA GLY A 104 10.41 -2.08 6.07
C GLY A 104 10.95 -1.28 4.90
N TYR A 105 10.13 -1.11 3.90
CA TYR A 105 10.54 -0.33 2.76
C TYR A 105 10.07 1.11 2.81
N PRO A 106 10.98 2.04 2.41
CA PRO A 106 10.75 3.51 2.40
C PRO A 106 9.46 3.89 1.69
N LEU A 107 8.86 4.94 2.16
CA LEU A 107 7.63 5.44 1.69
C LEU A 107 7.84 6.06 0.31
N PRO A 108 7.07 5.60 -0.68
CA PRO A 108 7.11 6.08 -2.07
C PRO A 108 6.70 7.53 -2.20
N PHE A 109 6.60 7.95 -3.42
CA PHE A 109 6.28 9.31 -3.74
C PHE A 109 4.82 9.54 -3.67
N ASP A 110 4.54 10.54 -2.94
CA ASP A 110 3.25 10.94 -2.58
C ASP A 110 2.96 12.35 -3.13
N PRO A 111 2.50 12.43 -4.38
CA PRO A 111 2.18 13.71 -5.00
C PRO A 111 0.76 14.13 -4.72
N ASP A 112 -0.12 13.25 -5.06
CA ASP A 112 -1.52 13.43 -4.95
C ASP A 112 -2.00 13.14 -3.55
N ASP A 113 -1.15 12.60 -2.73
CA ASP A 113 -1.62 12.24 -1.38
C ASP A 113 -1.45 13.36 -0.44
N PRO A 114 -2.56 13.79 0.15
CA PRO A 114 -2.57 14.85 1.14
C PRO A 114 -1.94 14.47 2.41
N ASN A 115 -2.28 13.26 2.79
CA ASN A 115 -2.16 12.74 4.11
C ASN A 115 -0.77 12.75 4.64
N THR A 116 0.14 12.96 3.77
CA THR A 116 1.50 12.86 4.07
C THR A 116 2.13 14.23 4.31
N SER A 117 1.47 15.22 3.82
CA SER A 117 2.00 16.54 3.76
C SER A 117 0.99 17.53 4.27
N LEU A 118 1.14 18.77 3.88
CA LEU A 118 0.23 19.82 4.24
C LEU A 118 -1.14 19.55 3.62
N VAL A 119 -2.16 20.23 4.14
CA VAL A 119 -3.56 20.09 3.72
C VAL A 119 -3.99 18.62 3.64
N THR A 120 -3.62 17.89 4.67
CA THR A 120 -3.95 16.51 4.75
C THR A 120 -5.41 16.31 5.12
N SER A 121 -5.89 15.13 4.79
CA SER A 121 -7.24 14.75 4.95
C SER A 121 -7.49 14.30 6.41
N VAL A 122 -7.13 15.16 7.32
CA VAL A 122 -7.27 14.94 8.73
C VAL A 122 -8.55 15.55 9.24
N ALA A 123 -9.04 15.03 10.33
CA ALA A 123 -10.24 15.48 10.94
C ALA A 123 -9.93 16.50 12.03
N ILE A 124 -9.59 17.70 11.60
CA ILE A 124 -9.37 18.80 12.50
C ILE A 124 -10.47 19.80 12.20
N LEU A 125 -11.68 19.33 12.35
CA LEU A 125 -12.87 20.08 12.01
C LEU A 125 -13.41 20.79 13.23
N ASP A 126 -12.50 21.12 14.10
CA ASP A 126 -12.79 21.86 15.29
C ASP A 126 -11.54 22.56 15.69
N LYS A 127 -11.66 23.76 16.12
CA LYS A 127 -10.53 24.50 16.60
C LYS A 127 -10.92 25.20 17.89
N GLU A 128 -10.31 24.78 18.97
CA GLU A 128 -10.55 25.39 20.25
C GLU A 128 -9.88 26.76 20.28
N PRO A 129 -10.58 27.80 20.77
CA PRO A 129 -10.05 29.16 20.86
C PRO A 129 -8.72 29.20 21.63
N GLY A 1 15.61 5.16 -7.83
CA GLY A 1 15.06 5.61 -9.11
C GLY A 1 13.65 6.12 -8.96
N ALA A 2 13.50 7.23 -8.24
CA ALA A 2 12.20 7.88 -7.95
C ALA A 2 11.30 7.00 -7.08
N MET A 3 10.66 6.03 -7.70
CA MET A 3 9.75 5.15 -7.01
C MET A 3 9.90 3.77 -7.58
N GLY A 4 9.58 2.80 -6.79
CA GLY A 4 9.64 1.45 -7.22
C GLY A 4 11.04 0.91 -7.22
N LYS A 5 11.28 0.00 -8.16
CA LYS A 5 12.55 -0.72 -8.35
C LYS A 5 13.26 -1.13 -7.04
N PRO A 6 12.67 -2.04 -6.25
CA PRO A 6 13.24 -2.55 -5.02
C PRO A 6 13.85 -3.96 -5.23
N PHE A 7 14.08 -4.66 -4.14
CA PHE A 7 14.57 -6.00 -4.16
C PHE A 7 13.38 -6.89 -4.32
N PHE A 8 13.21 -7.40 -5.47
CA PHE A 8 12.09 -8.22 -5.74
C PHE A 8 12.53 -9.65 -5.96
N THR A 9 11.89 -10.56 -5.27
CA THR A 9 12.22 -11.96 -5.42
C THR A 9 10.93 -12.82 -5.32
N ARG A 10 9.79 -12.12 -5.48
CA ARG A 10 8.39 -12.65 -5.52
C ARG A 10 7.94 -13.42 -4.26
N ASN A 11 8.86 -13.92 -3.50
CA ASN A 11 8.53 -14.71 -2.33
C ASN A 11 8.64 -13.88 -1.06
N PRO A 12 7.49 -13.63 -0.39
CA PRO A 12 7.41 -12.96 0.93
C PRO A 12 8.40 -13.54 1.95
N SER A 13 8.60 -14.84 1.88
CA SER A 13 9.46 -15.53 2.81
C SER A 13 10.96 -15.26 2.52
N GLU A 14 11.23 -14.76 1.34
CA GLU A 14 12.59 -14.41 0.93
C GLU A 14 12.84 -12.94 1.18
N LEU A 15 11.77 -12.19 1.36
CA LEU A 15 11.88 -10.79 1.68
C LEU A 15 12.17 -10.62 3.14
N LYS A 16 12.33 -9.39 3.52
CA LYS A 16 12.49 -9.01 4.86
C LYS A 16 11.28 -8.20 5.24
N GLY A 17 11.36 -7.45 6.28
CA GLY A 17 10.22 -6.63 6.64
C GLY A 17 9.33 -7.30 7.68
N LYS A 18 8.31 -6.59 8.10
CA LYS A 18 7.34 -7.08 9.04
C LYS A 18 6.11 -7.44 8.26
N PHE A 19 5.56 -8.57 8.49
CA PHE A 19 4.43 -9.01 7.70
C PHE A 19 3.18 -8.98 8.46
N ILE A 20 2.38 -8.09 8.06
CA ILE A 20 1.15 -7.74 8.67
C ILE A 20 0.02 -8.13 7.75
N HIS A 21 -1.11 -8.45 8.30
CA HIS A 21 -2.19 -8.90 7.49
C HIS A 21 -3.43 -8.13 7.87
N THR A 22 -3.79 -7.23 7.05
CA THR A 22 -4.88 -6.35 7.34
C THR A 22 -5.92 -6.40 6.27
N LYS A 23 -7.09 -6.59 6.71
CA LYS A 23 -8.24 -6.63 5.88
C LYS A 23 -8.77 -5.24 5.73
N LEU A 24 -8.84 -4.81 4.51
CA LEU A 24 -9.24 -3.50 4.22
C LEU A 24 -10.61 -3.58 3.70
N ARG A 25 -11.50 -2.99 4.40
CA ARG A 25 -12.83 -2.97 4.02
C ARG A 25 -13.01 -1.92 2.97
N LYS A 26 -13.22 -2.37 1.75
CA LYS A 26 -13.63 -1.53 0.68
C LYS A 26 -14.98 -1.05 1.09
N SER A 27 -15.01 0.13 1.64
CA SER A 27 -16.17 0.73 2.19
C SER A 27 -17.01 1.34 1.06
N SER A 28 -17.82 2.33 1.38
CA SER A 28 -18.61 3.04 0.41
C SER A 28 -17.66 3.66 -0.64
N ARG A 29 -16.54 4.22 -0.17
CA ARG A 29 -15.53 4.76 -1.06
C ARG A 29 -14.58 3.65 -1.51
N GLY A 30 -14.55 2.60 -0.72
CA GLY A 30 -13.74 1.50 -1.00
C GLY A 30 -12.52 1.51 -0.13
N PHE A 31 -11.35 1.46 -0.72
CA PHE A 31 -10.13 1.41 0.06
C PHE A 31 -9.68 2.80 0.42
N GLY A 32 -9.09 2.92 1.60
CA GLY A 32 -8.68 4.21 2.07
C GLY A 32 -7.22 4.50 1.80
N PHE A 33 -6.56 3.58 1.14
CA PHE A 33 -5.15 3.74 0.84
C PHE A 33 -4.91 3.86 -0.65
N THR A 34 -3.75 4.35 -0.95
CA THR A 34 -3.29 4.53 -2.28
C THR A 34 -2.11 3.64 -2.47
N VAL A 35 -1.91 3.14 -3.64
CA VAL A 35 -0.85 2.21 -3.84
C VAL A 35 0.04 2.66 -4.96
N VAL A 36 1.32 2.42 -4.83
CA VAL A 36 2.21 2.67 -5.87
C VAL A 36 3.40 1.73 -5.77
N GLY A 37 4.13 1.63 -6.84
CA GLY A 37 5.36 0.92 -6.84
C GLY A 37 5.48 -0.14 -7.84
N GLY A 38 4.66 -1.12 -7.67
CA GLY A 38 4.72 -2.35 -8.29
C GLY A 38 4.30 -2.40 -9.63
N ASP A 39 4.93 -1.65 -10.43
CA ASP A 39 4.63 -1.63 -11.80
C ASP A 39 4.98 -2.92 -12.46
N GLU A 40 5.67 -3.85 -11.75
CA GLU A 40 6.07 -5.01 -12.48
C GLU A 40 6.39 -6.11 -11.59
N PRO A 41 6.51 -7.34 -12.12
CA PRO A 41 6.98 -8.50 -11.36
C PRO A 41 8.47 -8.33 -11.00
N ASP A 42 8.74 -7.19 -10.37
CA ASP A 42 10.08 -6.69 -10.07
C ASP A 42 9.98 -5.36 -9.28
N GLU A 43 8.81 -4.73 -9.33
CA GLU A 43 8.50 -3.62 -8.48
C GLU A 43 7.36 -4.03 -7.63
N PHE A 44 7.54 -3.82 -6.27
CA PHE A 44 6.62 -4.15 -5.10
C PHE A 44 5.52 -3.16 -4.95
N LEU A 45 4.40 -3.54 -4.33
CA LEU A 45 3.40 -2.54 -4.10
C LEU A 45 3.65 -1.96 -2.79
N GLN A 46 3.45 -0.73 -2.63
CA GLN A 46 3.55 -0.13 -1.35
C GLN A 46 2.45 0.84 -1.21
N ILE A 47 2.10 1.08 0.00
CA ILE A 47 1.07 2.02 0.32
C ILE A 47 1.70 3.33 0.13
N LYS A 48 1.27 4.03 -0.92
CA LYS A 48 1.78 5.34 -1.13
C LYS A 48 1.43 6.18 0.06
N SER A 49 0.22 5.91 0.61
CA SER A 49 -0.31 6.52 1.80
C SER A 49 -1.80 6.31 1.85
N LEU A 50 -2.40 6.69 2.92
CA LEU A 50 -3.77 6.47 3.16
C LEU A 50 -4.42 7.67 3.76
N VAL A 51 -5.68 7.80 3.49
CA VAL A 51 -6.50 8.79 4.08
C VAL A 51 -6.72 8.32 5.49
N LEU A 52 -6.25 9.08 6.48
CA LEU A 52 -6.31 8.63 7.84
C LEU A 52 -7.71 8.56 8.43
N ASP A 53 -8.63 9.00 7.67
CA ASP A 53 -10.03 8.89 7.99
C ASP A 53 -10.63 7.62 7.38
N GLY A 54 -9.82 6.91 6.64
CA GLY A 54 -10.25 5.75 5.97
C GLY A 54 -9.96 4.47 6.73
N PRO A 55 -10.56 3.37 6.29
CA PRO A 55 -10.48 2.04 6.96
C PRO A 55 -9.04 1.58 7.20
N ALA A 56 -8.15 1.97 6.31
CA ALA A 56 -6.72 1.62 6.39
C ALA A 56 -6.10 2.11 7.71
N ALA A 57 -6.44 3.35 8.05
CA ALA A 57 -6.01 4.02 9.25
C ALA A 57 -6.76 3.53 10.47
N LEU A 58 -8.02 3.22 10.28
CA LEU A 58 -8.91 2.82 11.35
C LEU A 58 -8.70 1.40 11.81
N ASP A 59 -8.24 0.58 10.89
CA ASP A 59 -7.86 -0.80 11.25
C ASP A 59 -6.59 -0.71 12.06
N GLY A 60 -5.94 0.43 11.87
CA GLY A 60 -4.71 0.78 12.53
C GLY A 60 -3.57 -0.14 12.19
N LYS A 61 -3.72 -0.80 11.10
CA LYS A 61 -2.82 -1.82 10.73
C LYS A 61 -2.04 -1.42 9.52
N MET A 62 -2.64 -0.61 8.68
CA MET A 62 -2.01 -0.23 7.49
C MET A 62 -1.34 1.11 7.67
N GLU A 63 -0.12 1.20 7.26
CA GLU A 63 0.67 2.38 7.42
C GLU A 63 1.18 2.83 6.06
N THR A 64 1.49 4.08 5.99
CA THR A 64 2.01 4.69 4.84
C THR A 64 3.47 4.20 4.66
N GLY A 65 3.66 3.36 3.67
CA GLY A 65 4.98 2.86 3.40
C GLY A 65 5.06 1.34 3.44
N ASP A 66 4.02 0.65 3.96
CA ASP A 66 4.02 -0.83 3.97
C ASP A 66 4.01 -1.32 2.52
N VAL A 67 4.55 -2.48 2.25
CA VAL A 67 4.50 -3.08 0.92
C VAL A 67 3.42 -4.16 0.83
N ILE A 68 2.51 -3.99 -0.12
CA ILE A 68 1.56 -5.02 -0.44
C ILE A 68 2.30 -6.13 -1.15
N VAL A 69 2.15 -7.26 -0.52
CA VAL A 69 2.76 -8.51 -0.88
C VAL A 69 1.69 -9.51 -1.29
N SER A 70 0.53 -9.45 -0.67
CA SER A 70 -0.53 -10.38 -1.02
C SER A 70 -1.93 -9.76 -0.87
N VAL A 71 -2.86 -10.20 -1.71
CA VAL A 71 -4.28 -9.85 -1.59
C VAL A 71 -5.05 -11.14 -1.55
N ASN A 72 -5.99 -11.24 -0.60
CA ASN A 72 -6.83 -12.46 -0.49
C ASN A 72 -5.97 -13.69 -0.24
N ASP A 73 -4.81 -13.44 0.37
CA ASP A 73 -3.79 -14.45 0.70
C ASP A 73 -3.21 -15.09 -0.58
N THR A 74 -3.28 -14.35 -1.61
CA THR A 74 -2.67 -14.67 -2.87
C THR A 74 -1.52 -13.74 -3.04
N CYS A 75 -0.35 -14.30 -3.24
CA CYS A 75 0.86 -13.55 -3.37
C CYS A 75 0.79 -12.68 -4.60
N VAL A 76 0.61 -11.42 -4.38
CA VAL A 76 0.47 -10.44 -5.46
C VAL A 76 1.54 -9.39 -5.35
N LEU A 77 2.64 -9.80 -4.76
CA LEU A 77 3.79 -9.00 -4.59
C LEU A 77 4.23 -8.66 -5.97
N GLY A 78 4.15 -7.33 -6.32
CA GLY A 78 4.34 -6.85 -7.72
C GLY A 78 3.86 -7.85 -8.73
N HIS A 79 2.64 -8.38 -8.44
CA HIS A 79 1.90 -9.31 -9.31
C HIS A 79 2.00 -8.68 -10.64
N THR A 80 1.33 -7.61 -10.71
CA THR A 80 1.63 -6.48 -11.50
C THR A 80 0.77 -5.45 -10.92
N HIS A 81 1.18 -4.22 -10.85
CA HIS A 81 0.27 -3.18 -10.41
C HIS A 81 -1.05 -3.25 -11.20
N ALA A 82 -0.96 -3.59 -12.47
CA ALA A 82 -2.14 -3.79 -13.28
C ALA A 82 -3.03 -4.94 -12.72
N GLN A 83 -2.41 -6.07 -12.37
CA GLN A 83 -3.16 -7.22 -11.82
C GLN A 83 -3.82 -6.91 -10.50
N VAL A 84 -3.09 -6.27 -9.63
CA VAL A 84 -3.59 -5.97 -8.32
C VAL A 84 -4.69 -4.92 -8.36
N VAL A 85 -4.50 -3.86 -9.16
CA VAL A 85 -5.51 -2.83 -9.27
C VAL A 85 -6.75 -3.44 -9.89
N LYS A 86 -6.55 -4.36 -10.84
CA LYS A 86 -7.66 -5.07 -11.45
C LYS A 86 -8.43 -5.85 -10.40
N ILE A 87 -7.72 -6.54 -9.50
CA ILE A 87 -8.36 -7.32 -8.44
C ILE A 87 -9.15 -6.45 -7.46
N PHE A 88 -8.63 -5.29 -7.18
CA PHE A 88 -9.30 -4.32 -6.31
C PHE A 88 -10.52 -3.74 -7.02
N GLN A 89 -10.40 -3.61 -8.32
CA GLN A 89 -11.46 -3.20 -9.18
C GLN A 89 -12.48 -4.31 -9.40
N SER A 90 -12.02 -5.53 -9.26
CA SER A 90 -12.82 -6.73 -9.32
C SER A 90 -13.65 -6.83 -8.06
N ILE A 91 -13.04 -6.48 -6.95
CA ILE A 91 -13.65 -6.47 -5.67
C ILE A 91 -14.69 -5.34 -5.61
N PRO A 92 -15.88 -5.62 -5.07
CA PRO A 92 -17.00 -4.69 -5.05
C PRO A 92 -17.03 -3.80 -3.80
N ILE A 93 -17.78 -2.72 -3.87
CA ILE A 93 -17.98 -1.83 -2.73
C ILE A 93 -18.61 -2.56 -1.58
N GLY A 94 -18.06 -2.31 -0.44
CA GLY A 94 -18.53 -2.92 0.79
C GLY A 94 -17.81 -4.22 1.08
N ALA A 95 -16.76 -4.48 0.34
CA ALA A 95 -16.07 -5.79 0.42
C ALA A 95 -14.77 -5.68 1.16
N SER A 96 -14.49 -6.55 2.06
CA SER A 96 -13.25 -6.41 2.77
C SER A 96 -12.21 -7.36 2.21
N VAL A 97 -10.95 -7.06 2.44
CA VAL A 97 -9.90 -7.87 1.85
C VAL A 97 -8.71 -8.02 2.75
N ASP A 98 -8.30 -9.23 3.02
CA ASP A 98 -7.09 -9.44 3.81
C ASP A 98 -5.89 -9.24 2.91
N LEU A 99 -5.22 -8.18 3.14
CA LEU A 99 -4.03 -7.78 2.42
C LEU A 99 -2.80 -8.04 3.27
N GLU A 100 -1.78 -8.57 2.67
CA GLU A 100 -0.54 -8.81 3.34
C GLU A 100 0.41 -7.66 3.04
N LEU A 101 0.86 -7.03 4.08
CA LEU A 101 1.74 -5.92 4.06
C LEU A 101 3.08 -6.32 4.64
N CYS A 102 4.08 -5.71 4.17
CA CYS A 102 5.39 -5.84 4.69
C CYS A 102 5.92 -4.48 5.03
N ARG A 103 6.16 -4.22 6.23
CA ARG A 103 6.65 -2.91 6.58
C ARG A 103 8.13 -2.97 6.83
N GLY A 104 8.84 -1.96 6.41
CA GLY A 104 10.27 -1.93 6.57
C GLY A 104 10.95 -1.47 5.33
N TYR A 105 10.23 -1.50 4.26
CA TYR A 105 10.75 -1.03 3.00
C TYR A 105 10.39 0.45 2.84
N PRO A 106 11.34 1.25 2.31
CA PRO A 106 11.23 2.73 2.16
C PRO A 106 9.92 3.18 1.56
N LEU A 107 9.35 4.19 2.18
CA LEU A 107 8.08 4.76 1.83
C LEU A 107 8.14 5.34 0.42
N PRO A 108 7.09 5.10 -0.37
CA PRO A 108 6.94 5.61 -1.75
C PRO A 108 7.19 7.08 -1.92
N PHE A 109 7.53 7.39 -3.13
CA PHE A 109 7.87 8.72 -3.56
C PHE A 109 6.65 9.50 -3.80
N ASP A 110 6.73 10.71 -3.36
CA ASP A 110 5.66 11.57 -3.39
C ASP A 110 5.94 12.71 -4.39
N PRO A 111 5.36 12.60 -5.59
CA PRO A 111 5.45 13.64 -6.59
C PRO A 111 4.20 14.53 -6.59
N ASP A 112 3.08 13.91 -6.76
CA ASP A 112 1.80 14.59 -6.85
C ASP A 112 0.97 14.27 -5.62
N ASP A 113 1.63 13.68 -4.67
CA ASP A 113 0.99 13.27 -3.41
C ASP A 113 0.62 14.49 -2.62
N PRO A 114 -0.66 14.55 -2.23
CA PRO A 114 -1.17 15.65 -1.44
C PRO A 114 -0.74 15.55 -0.02
N ASN A 115 -0.86 14.34 0.42
CA ASN A 115 -0.86 13.90 1.75
C ASN A 115 0.41 14.26 2.48
N THR A 116 1.40 14.50 1.73
CA THR A 116 2.69 14.72 2.23
C THR A 116 2.98 16.22 2.43
N SER A 117 2.23 17.04 1.76
CA SER A 117 2.45 18.46 1.76
C SER A 117 1.26 19.17 2.42
N LEU A 118 1.38 20.47 2.62
CA LEU A 118 0.35 21.23 3.28
C LEU A 118 -0.72 21.68 2.28
N VAL A 119 -1.40 20.70 1.77
CA VAL A 119 -2.49 20.85 0.84
C VAL A 119 -3.08 19.43 0.68
N THR A 120 -3.13 18.75 1.78
CA THR A 120 -3.43 17.36 1.76
C THR A 120 -4.84 16.95 1.96
N SER A 121 -5.27 16.10 1.03
CA SER A 121 -6.44 15.32 1.11
C SER A 121 -7.69 16.10 1.60
N VAL A 122 -8.24 16.87 0.71
CA VAL A 122 -9.46 17.62 0.98
C VAL A 122 -10.61 16.65 1.18
N ALA A 123 -11.36 16.80 2.25
CA ALA A 123 -12.42 15.85 2.61
C ALA A 123 -13.74 16.20 1.94
N ILE A 124 -13.63 17.01 0.96
CA ILE A 124 -14.74 17.49 0.17
C ILE A 124 -14.23 17.61 -1.26
N LEU A 125 -14.02 16.49 -1.90
CA LEU A 125 -13.55 16.48 -3.25
C LEU A 125 -14.69 16.64 -4.19
N ASP A 126 -14.61 17.68 -4.94
CA ASP A 126 -15.62 18.04 -5.90
C ASP A 126 -15.18 17.57 -7.26
N LYS A 127 -15.89 16.62 -7.81
CA LYS A 127 -15.56 16.10 -9.11
C LYS A 127 -16.87 15.79 -9.84
N GLU A 128 -17.73 16.78 -9.89
CA GLU A 128 -19.02 16.64 -10.51
C GLU A 128 -18.89 16.64 -12.04
N PRO A 129 -19.62 15.74 -12.73
CA PRO A 129 -19.68 15.73 -14.19
C PRO A 129 -20.25 17.05 -14.72
N GLY A 1 12.12 1.86 -11.52
CA GLY A 1 13.07 2.82 -10.97
C GLY A 1 12.37 4.04 -10.45
N ALA A 2 13.14 5.12 -10.29
CA ALA A 2 12.67 6.43 -9.80
C ALA A 2 12.21 6.37 -8.34
N MET A 3 11.01 5.91 -8.11
CA MET A 3 10.46 5.82 -6.79
C MET A 3 10.12 4.38 -6.49
N GLY A 4 11.05 3.65 -5.94
CA GLY A 4 10.80 2.29 -5.62
C GLY A 4 11.93 1.38 -6.02
N LYS A 5 11.59 0.39 -6.82
CA LYS A 5 12.49 -0.67 -7.26
C LYS A 5 13.27 -1.30 -6.10
N PRO A 6 12.57 -2.00 -5.20
CA PRO A 6 13.17 -2.67 -4.07
C PRO A 6 13.62 -4.09 -4.45
N PHE A 7 14.10 -4.81 -3.46
CA PHE A 7 14.55 -6.15 -3.61
C PHE A 7 13.36 -7.02 -3.82
N PHE A 8 13.18 -7.44 -5.00
CA PHE A 8 12.07 -8.27 -5.34
C PHE A 8 12.51 -9.72 -5.37
N THR A 9 11.68 -10.59 -4.84
CA THR A 9 12.00 -12.01 -4.85
C THR A 9 10.71 -12.86 -4.97
N ARG A 10 9.62 -12.16 -5.26
CA ARG A 10 8.25 -12.69 -5.48
C ARG A 10 7.71 -13.59 -4.34
N ASN A 11 8.44 -13.69 -3.26
CA ASN A 11 8.01 -14.48 -2.12
C ASN A 11 8.23 -13.66 -0.84
N PRO A 12 7.15 -13.46 -0.09
CA PRO A 12 7.16 -12.76 1.20
C PRO A 12 8.15 -13.38 2.18
N SER A 13 8.28 -14.68 2.12
CA SER A 13 9.12 -15.41 3.03
C SER A 13 10.61 -15.18 2.73
N GLU A 14 10.88 -14.76 1.53
CA GLU A 14 12.24 -14.49 1.09
C GLU A 14 12.58 -13.02 1.32
N LEU A 15 11.56 -12.19 1.37
CA LEU A 15 11.72 -10.77 1.60
C LEU A 15 11.75 -10.49 3.10
N LYS A 16 12.30 -9.36 3.46
CA LYS A 16 12.42 -8.94 4.81
C LYS A 16 11.30 -7.97 5.12
N GLY A 17 11.36 -7.35 6.25
CA GLY A 17 10.28 -6.47 6.63
C GLY A 17 9.35 -7.14 7.62
N LYS A 18 8.36 -6.43 8.06
CA LYS A 18 7.35 -6.97 8.93
C LYS A 18 6.18 -7.29 8.09
N PHE A 19 5.77 -8.47 8.10
CA PHE A 19 4.68 -8.87 7.27
C PHE A 19 3.47 -9.02 8.10
N ILE A 20 2.51 -8.22 7.78
CA ILE A 20 1.29 -8.14 8.52
C ILE A 20 0.14 -8.31 7.60
N HIS A 21 -0.69 -9.21 7.94
CA HIS A 21 -1.80 -9.52 7.14
C HIS A 21 -3.00 -8.82 7.73
N THR A 22 -3.51 -7.86 7.04
CA THR A 22 -4.67 -7.16 7.49
C THR A 22 -5.68 -7.02 6.35
N LYS A 23 -6.90 -7.03 6.75
CA LYS A 23 -8.03 -6.87 5.89
C LYS A 23 -8.38 -5.43 5.78
N LEU A 24 -8.58 -5.00 4.57
CA LEU A 24 -8.98 -3.67 4.31
C LEU A 24 -10.39 -3.74 3.85
N ARG A 25 -11.26 -3.12 4.55
CA ARG A 25 -12.61 -3.09 4.17
C ARG A 25 -12.84 -2.03 3.13
N LYS A 26 -13.10 -2.46 1.91
CA LYS A 26 -13.52 -1.58 0.86
C LYS A 26 -14.85 -1.04 1.31
N SER A 27 -14.81 0.11 1.89
CA SER A 27 -15.94 0.76 2.50
C SER A 27 -16.64 1.63 1.46
N SER A 28 -17.35 2.66 1.90
CA SER A 28 -18.08 3.58 1.04
C SER A 28 -17.17 4.14 -0.07
N ARG A 29 -15.92 4.48 0.26
CA ARG A 29 -14.98 4.96 -0.73
C ARG A 29 -14.13 3.81 -1.23
N GLY A 30 -14.24 2.67 -0.56
CA GLY A 30 -13.51 1.53 -0.89
C GLY A 30 -12.30 1.45 -0.02
N PHE A 31 -11.14 1.46 -0.61
CA PHE A 31 -9.95 1.35 0.18
C PHE A 31 -9.48 2.73 0.55
N GLY A 32 -9.02 2.87 1.78
CA GLY A 32 -8.60 4.18 2.27
C GLY A 32 -7.17 4.49 1.95
N PHE A 33 -6.53 3.60 1.23
CA PHE A 33 -5.15 3.78 0.87
C PHE A 33 -4.99 3.89 -0.62
N THR A 34 -3.86 4.39 -1.00
CA THR A 34 -3.46 4.56 -2.35
C THR A 34 -2.27 3.67 -2.57
N VAL A 35 -2.02 3.23 -3.77
CA VAL A 35 -0.95 2.29 -3.97
C VAL A 35 0.01 2.76 -5.04
N VAL A 36 1.28 2.50 -4.85
CA VAL A 36 2.26 2.73 -5.85
C VAL A 36 3.42 1.77 -5.66
N GLY A 37 4.11 1.52 -6.71
CA GLY A 37 5.28 0.72 -6.62
C GLY A 37 5.38 -0.26 -7.69
N GLY A 38 4.54 -1.28 -7.57
CA GLY A 38 4.52 -2.48 -8.33
C GLY A 38 4.31 -2.36 -9.75
N ASP A 39 5.14 -1.66 -10.37
CA ASP A 39 5.13 -1.46 -11.77
C ASP A 39 5.35 -2.76 -12.41
N GLU A 40 6.06 -3.65 -11.72
CA GLU A 40 6.45 -4.82 -12.42
C GLU A 40 6.66 -5.93 -11.50
N PRO A 41 6.76 -7.15 -12.01
CA PRO A 41 7.16 -8.31 -11.21
C PRO A 41 8.64 -8.16 -10.81
N ASP A 42 8.92 -7.04 -10.17
CA ASP A 42 10.26 -6.55 -9.82
C ASP A 42 10.16 -5.20 -9.04
N GLU A 43 8.99 -4.55 -9.13
CA GLU A 43 8.65 -3.40 -8.28
C GLU A 43 7.50 -3.88 -7.49
N PHE A 44 7.63 -3.75 -6.12
CA PHE A 44 6.66 -4.15 -5.01
C PHE A 44 5.57 -3.16 -4.86
N LEU A 45 4.42 -3.55 -4.29
CA LEU A 45 3.40 -2.54 -4.06
C LEU A 45 3.67 -1.95 -2.75
N GLN A 46 3.46 -0.69 -2.61
CA GLN A 46 3.58 -0.05 -1.33
C GLN A 46 2.47 0.93 -1.22
N ILE A 47 2.10 1.22 -0.03
CA ILE A 47 1.06 2.18 0.21
C ILE A 47 1.63 3.51 -0.07
N LYS A 48 1.11 4.12 -1.12
CA LYS A 48 1.48 5.46 -1.51
C LYS A 48 1.21 6.38 -0.31
N SER A 49 0.08 6.06 0.39
CA SER A 49 -0.37 6.68 1.62
C SER A 49 -1.84 6.42 1.79
N LEU A 50 -2.37 6.79 2.90
CA LEU A 50 -3.71 6.53 3.25
C LEU A 50 -4.34 7.70 3.92
N VAL A 51 -5.60 7.83 3.69
CA VAL A 51 -6.40 8.84 4.32
C VAL A 51 -6.64 8.36 5.72
N LEU A 52 -6.35 9.20 6.71
CA LEU A 52 -6.48 8.84 8.11
C LEU A 52 -7.94 8.55 8.51
N ASP A 53 -8.83 8.97 7.69
CA ASP A 53 -10.23 8.74 7.87
C ASP A 53 -10.70 7.57 7.03
N GLY A 54 -9.76 6.91 6.41
CA GLY A 54 -10.07 5.79 5.63
C GLY A 54 -9.88 4.54 6.42
N PRO A 55 -10.51 3.45 5.98
CA PRO A 55 -10.50 2.14 6.69
C PRO A 55 -9.08 1.66 7.00
N ALA A 56 -8.14 2.03 6.16
CA ALA A 56 -6.73 1.66 6.33
C ALA A 56 -6.15 2.19 7.66
N ALA A 57 -6.48 3.46 7.92
CA ALA A 57 -6.08 4.18 9.12
C ALA A 57 -6.93 3.77 10.30
N LEU A 58 -8.18 3.49 10.04
CA LEU A 58 -9.12 3.09 11.04
C LEU A 58 -8.80 1.75 11.58
N ASP A 59 -8.51 0.85 10.69
CA ASP A 59 -8.12 -0.50 11.03
C ASP A 59 -6.83 -0.42 11.79
N GLY A 60 -6.06 0.55 11.36
CA GLY A 60 -4.85 0.95 12.02
C GLY A 60 -3.67 0.10 11.69
N LYS A 61 -3.91 -0.97 11.01
CA LYS A 61 -2.93 -1.91 10.69
C LYS A 61 -2.22 -1.55 9.40
N MET A 62 -2.77 -0.64 8.62
CA MET A 62 -2.14 -0.28 7.39
C MET A 62 -1.46 1.07 7.58
N GLU A 63 -0.31 1.27 6.94
CA GLU A 63 0.48 2.47 7.17
C GLU A 63 1.14 2.91 5.87
N THR A 64 1.44 4.18 5.80
CA THR A 64 2.08 4.78 4.67
C THR A 64 3.49 4.17 4.46
N GLY A 65 3.64 3.38 3.43
CA GLY A 65 4.91 2.80 3.13
C GLY A 65 5.00 1.31 3.39
N ASP A 66 3.91 0.67 3.87
CA ASP A 66 3.96 -0.81 3.95
C ASP A 66 3.85 -1.34 2.52
N VAL A 67 4.50 -2.43 2.24
CA VAL A 67 4.47 -3.03 0.93
C VAL A 67 3.39 -4.12 0.81
N ILE A 68 2.46 -3.92 -0.10
CA ILE A 68 1.50 -4.94 -0.41
C ILE A 68 2.20 -6.06 -1.14
N VAL A 69 2.02 -7.22 -0.55
CA VAL A 69 2.63 -8.46 -0.95
C VAL A 69 1.58 -9.48 -1.43
N SER A 70 0.47 -9.56 -0.76
CA SER A 70 -0.52 -10.56 -1.15
C SER A 70 -1.95 -10.07 -0.95
N VAL A 71 -2.85 -10.51 -1.80
CA VAL A 71 -4.28 -10.23 -1.65
C VAL A 71 -5.02 -11.54 -1.66
N ASN A 72 -5.93 -11.73 -0.69
CA ASN A 72 -6.73 -12.98 -0.63
C ASN A 72 -5.82 -14.22 -0.56
N ASP A 73 -4.65 -14.02 0.02
CA ASP A 73 -3.56 -15.05 0.13
C ASP A 73 -2.93 -15.43 -1.19
N THR A 74 -3.22 -14.70 -2.21
CA THR A 74 -2.57 -14.87 -3.46
C THR A 74 -1.41 -13.92 -3.47
N CYS A 75 -0.24 -14.46 -3.66
CA CYS A 75 0.97 -13.69 -3.66
C CYS A 75 0.94 -12.76 -4.86
N VAL A 76 0.68 -11.52 -4.59
CA VAL A 76 0.51 -10.52 -5.65
C VAL A 76 1.56 -9.44 -5.52
N LEU A 77 2.66 -9.83 -4.93
CA LEU A 77 3.80 -9.03 -4.72
C LEU A 77 4.27 -8.65 -6.08
N GLY A 78 4.17 -7.32 -6.41
CA GLY A 78 4.40 -6.80 -7.80
C GLY A 78 3.91 -7.75 -8.84
N HIS A 79 2.72 -8.36 -8.55
CA HIS A 79 1.99 -9.28 -9.43
C HIS A 79 2.06 -8.64 -10.76
N THR A 80 1.39 -7.55 -10.80
CA THR A 80 1.64 -6.42 -11.58
C THR A 80 0.77 -5.40 -10.99
N HIS A 81 1.16 -4.17 -10.92
CA HIS A 81 0.21 -3.12 -10.49
C HIS A 81 -1.10 -3.24 -11.28
N ALA A 82 -1.00 -3.60 -12.56
CA ALA A 82 -2.16 -3.84 -13.37
C ALA A 82 -3.04 -4.95 -12.78
N GLN A 83 -2.42 -6.07 -12.41
CA GLN A 83 -3.14 -7.18 -11.86
C GLN A 83 -3.74 -6.91 -10.50
N VAL A 84 -2.99 -6.28 -9.64
CA VAL A 84 -3.47 -5.98 -8.32
C VAL A 84 -4.63 -4.97 -8.36
N VAL A 85 -4.52 -3.96 -9.25
CA VAL A 85 -5.59 -2.98 -9.39
C VAL A 85 -6.83 -3.68 -9.92
N LYS A 86 -6.64 -4.62 -10.84
CA LYS A 86 -7.74 -5.40 -11.38
C LYS A 86 -8.48 -6.19 -10.29
N ILE A 87 -7.75 -6.72 -9.32
CA ILE A 87 -8.33 -7.46 -8.20
C ILE A 87 -9.14 -6.53 -7.28
N PHE A 88 -8.65 -5.34 -7.09
CA PHE A 88 -9.32 -4.33 -6.28
C PHE A 88 -10.54 -3.79 -7.02
N GLN A 89 -10.43 -3.78 -8.34
CA GLN A 89 -11.53 -3.47 -9.24
C GLN A 89 -12.57 -4.57 -9.18
N SER A 90 -12.09 -5.76 -8.95
CA SER A 90 -12.89 -6.95 -8.87
C SER A 90 -13.70 -6.96 -7.58
N ILE A 91 -13.08 -6.58 -6.51
CA ILE A 91 -13.72 -6.48 -5.24
C ILE A 91 -14.68 -5.27 -5.23
N PRO A 92 -15.91 -5.44 -4.75
CA PRO A 92 -16.95 -4.42 -4.82
C PRO A 92 -17.01 -3.51 -3.58
N ILE A 93 -17.66 -2.36 -3.71
CA ILE A 93 -17.82 -1.42 -2.60
C ILE A 93 -18.60 -2.04 -1.49
N GLY A 94 -18.06 -1.92 -0.32
CA GLY A 94 -18.70 -2.50 0.83
C GLY A 94 -18.13 -3.87 1.17
N ALA A 95 -17.01 -4.19 0.55
CA ALA A 95 -16.38 -5.51 0.72
C ALA A 95 -15.21 -5.39 1.66
N SER A 96 -14.42 -6.43 1.77
CA SER A 96 -13.21 -6.37 2.55
C SER A 96 -12.18 -7.27 1.94
N VAL A 97 -10.92 -7.14 2.37
CA VAL A 97 -9.87 -7.95 1.76
C VAL A 97 -8.79 -8.22 2.71
N ASP A 98 -8.50 -9.44 2.89
CA ASP A 98 -7.42 -9.85 3.74
C ASP A 98 -6.12 -9.82 2.88
N LEU A 99 -5.32 -8.80 3.14
CA LEU A 99 -4.11 -8.46 2.39
C LEU A 99 -2.87 -8.68 3.24
N GLU A 100 -1.76 -8.98 2.63
CA GLU A 100 -0.51 -9.09 3.37
C GLU A 100 0.41 -7.94 2.98
N LEU A 101 0.78 -7.19 3.98
CA LEU A 101 1.56 -5.98 3.92
C LEU A 101 2.96 -6.26 4.48
N CYS A 102 3.88 -5.36 4.21
CA CYS A 102 5.25 -5.46 4.68
C CYS A 102 5.81 -4.11 5.10
N ARG A 103 6.04 -3.95 6.33
CA ARG A 103 6.57 -2.70 6.82
C ARG A 103 8.08 -2.83 6.92
N GLY A 104 8.80 -1.90 6.39
CA GLY A 104 10.24 -2.00 6.46
C GLY A 104 10.90 -1.33 5.31
N TYR A 105 10.15 -1.11 4.28
CA TYR A 105 10.67 -0.44 3.13
C TYR A 105 10.11 0.96 3.06
N PRO A 106 11.02 1.93 2.94
CA PRO A 106 10.70 3.36 2.97
C PRO A 106 9.73 3.76 1.87
N LEU A 107 8.95 4.79 2.17
CA LEU A 107 7.99 5.35 1.27
C LEU A 107 8.65 5.79 -0.02
N PRO A 108 8.13 5.27 -1.15
CA PRO A 108 8.65 5.56 -2.46
C PRO A 108 8.41 6.99 -2.83
N PHE A 109 7.23 7.42 -2.59
CA PHE A 109 6.83 8.73 -2.90
C PHE A 109 6.00 9.28 -1.79
N ASP A 110 6.19 10.53 -1.51
CA ASP A 110 5.45 11.24 -0.50
C ASP A 110 4.50 12.23 -1.10
N PRO A 111 3.24 11.85 -1.16
CA PRO A 111 2.19 12.73 -1.54
C PRO A 111 1.45 13.26 -0.33
N ASP A 112 0.81 12.37 0.36
CA ASP A 112 0.02 12.73 1.48
C ASP A 112 0.55 12.05 2.68
N ASP A 113 1.82 11.85 2.69
CA ASP A 113 2.44 11.42 3.96
C ASP A 113 2.73 12.63 4.72
N PRO A 114 1.96 12.83 5.75
CA PRO A 114 1.98 14.08 6.50
C PRO A 114 3.23 14.18 7.31
N ASN A 115 3.61 13.03 7.65
CA ASN A 115 4.56 12.62 8.57
C ASN A 115 5.97 13.02 8.16
N THR A 116 6.05 13.61 7.04
CA THR A 116 7.29 13.96 6.49
C THR A 116 7.66 15.38 6.91
N SER A 117 6.65 16.11 7.26
CA SER A 117 6.77 17.45 7.73
C SER A 117 6.87 17.40 9.25
N LEU A 118 7.35 18.47 9.83
CA LEU A 118 7.48 18.54 11.26
C LEU A 118 6.11 18.68 11.91
N VAL A 119 5.94 18.00 13.05
CA VAL A 119 4.73 17.96 13.83
C VAL A 119 3.46 17.65 13.02
N THR A 120 3.60 16.77 12.07
CA THR A 120 2.47 16.36 11.30
C THR A 120 2.17 14.91 11.68
N SER A 121 1.23 14.24 10.98
CA SER A 121 0.74 12.90 11.33
C SER A 121 0.12 12.85 12.72
N VAL A 122 -1.18 12.97 12.75
CA VAL A 122 -1.93 12.93 14.00
C VAL A 122 -1.93 11.54 14.65
N ALA A 123 -0.79 11.21 15.22
CA ALA A 123 -0.55 9.97 15.90
C ALA A 123 0.20 10.26 17.19
N ILE A 124 -0.12 11.41 17.74
CA ILE A 124 0.47 11.93 18.98
C ILE A 124 2.00 12.11 18.82
N LEU A 125 2.36 12.90 17.85
CA LEU A 125 3.74 13.19 17.55
C LEU A 125 3.93 14.69 17.51
N ASP A 126 4.73 15.18 18.38
CA ASP A 126 5.00 16.61 18.48
C ASP A 126 6.49 16.79 18.39
N LYS A 127 7.06 16.18 17.38
CA LYS A 127 8.48 16.15 17.22
C LYS A 127 8.94 17.30 16.36
N GLU A 128 9.06 18.46 16.96
CA GLU A 128 9.59 19.61 16.28
C GLU A 128 11.04 19.80 16.73
N PRO A 129 11.98 20.08 15.81
CA PRO A 129 13.38 20.36 16.16
C PRO A 129 13.53 21.47 17.20
N GLY A 1 10.78 -0.55 -13.75
CA GLY A 1 11.94 0.06 -13.12
C GLY A 1 13.20 -0.53 -13.67
N ALA A 2 14.36 -0.02 -13.25
CA ALA A 2 15.65 -0.53 -13.71
C ALA A 2 15.82 -1.97 -13.25
N MET A 3 15.88 -2.14 -11.96
CA MET A 3 15.92 -3.48 -11.37
C MET A 3 14.61 -3.65 -10.62
N GLY A 4 13.68 -2.83 -11.00
CA GLY A 4 12.45 -2.69 -10.29
C GLY A 4 12.59 -1.48 -9.42
N LYS A 5 11.98 -1.46 -8.27
CA LYS A 5 12.30 -0.42 -7.31
C LYS A 5 13.09 -1.01 -6.13
N PRO A 6 12.53 -1.97 -5.35
CA PRO A 6 13.28 -2.62 -4.29
C PRO A 6 13.72 -4.05 -4.69
N PHE A 7 14.12 -4.81 -3.71
CA PHE A 7 14.50 -6.18 -3.84
C PHE A 7 13.26 -6.99 -3.99
N PHE A 8 13.03 -7.45 -5.15
CA PHE A 8 11.87 -8.24 -5.43
C PHE A 8 12.28 -9.69 -5.48
N THR A 9 11.56 -10.53 -4.78
CA THR A 9 11.88 -11.94 -4.80
C THR A 9 10.60 -12.80 -4.86
N ARG A 10 9.48 -12.13 -5.13
CA ARG A 10 8.12 -12.70 -5.32
C ARG A 10 7.63 -13.62 -4.19
N ASN A 11 8.37 -13.66 -3.14
CA ASN A 11 8.08 -14.50 -2.03
C ASN A 11 8.16 -13.74 -0.75
N PRO A 12 7.04 -13.64 -0.05
CA PRO A 12 6.99 -13.07 1.30
C PRO A 12 7.81 -13.92 2.28
N SER A 13 8.06 -15.14 1.88
CA SER A 13 8.84 -16.07 2.64
C SER A 13 10.34 -15.73 2.54
N GLU A 14 10.72 -15.15 1.43
CA GLU A 14 12.12 -14.88 1.12
C GLU A 14 12.46 -13.39 1.23
N LEU A 15 11.43 -12.58 1.35
CA LEU A 15 11.59 -11.15 1.42
C LEU A 15 11.66 -10.73 2.87
N LYS A 16 12.38 -9.67 3.13
CA LYS A 16 12.62 -9.23 4.46
C LYS A 16 11.82 -8.02 4.76
N GLY A 17 11.26 -8.06 5.88
CA GLY A 17 10.32 -7.06 6.31
C GLY A 17 9.35 -7.68 7.28
N LYS A 18 8.54 -6.90 7.95
CA LYS A 18 7.55 -7.49 8.80
C LYS A 18 6.28 -7.66 8.00
N PHE A 19 5.81 -8.87 7.93
CA PHE A 19 4.68 -9.19 7.14
C PHE A 19 3.46 -9.26 7.99
N ILE A 20 2.60 -8.39 7.68
CA ILE A 20 1.41 -8.10 8.42
C ILE A 20 0.21 -8.48 7.59
N HIS A 21 -0.87 -8.82 8.22
CA HIS A 21 -2.04 -9.21 7.51
C HIS A 21 -3.22 -8.43 8.02
N THR A 22 -3.69 -7.53 7.22
CA THR A 22 -4.82 -6.72 7.57
C THR A 22 -5.80 -6.71 6.45
N LYS A 23 -7.00 -6.86 6.79
CA LYS A 23 -8.08 -6.83 5.88
C LYS A 23 -8.56 -5.42 5.75
N LEU A 24 -8.62 -4.97 4.53
CA LEU A 24 -9.02 -3.65 4.27
C LEU A 24 -10.38 -3.72 3.71
N ARG A 25 -11.28 -3.16 4.42
CA ARG A 25 -12.63 -3.12 4.03
C ARG A 25 -12.82 -2.06 2.98
N LYS A 26 -13.03 -2.49 1.76
CA LYS A 26 -13.48 -1.64 0.72
C LYS A 26 -14.84 -1.12 1.17
N SER A 27 -14.82 0.05 1.73
CA SER A 27 -15.96 0.68 2.33
C SER A 27 -16.73 1.43 1.23
N SER A 28 -17.48 2.45 1.63
CA SER A 28 -18.24 3.28 0.74
C SER A 28 -17.34 3.87 -0.39
N ARG A 29 -16.13 4.30 -0.01
CA ARG A 29 -15.17 4.78 -0.98
C ARG A 29 -14.21 3.66 -1.38
N GLY A 30 -14.30 2.55 -0.66
CA GLY A 30 -13.50 1.44 -0.90
C GLY A 30 -12.31 1.42 -0.01
N PHE A 31 -11.14 1.43 -0.58
CA PHE A 31 -9.95 1.33 0.21
C PHE A 31 -9.48 2.70 0.60
N GLY A 32 -8.99 2.82 1.82
CA GLY A 32 -8.59 4.10 2.33
C GLY A 32 -7.17 4.45 2.01
N PHE A 33 -6.50 3.57 1.29
CA PHE A 33 -5.11 3.78 0.94
C PHE A 33 -4.96 3.93 -0.55
N THR A 34 -3.86 4.47 -0.91
CA THR A 34 -3.44 4.66 -2.23
C THR A 34 -2.21 3.78 -2.35
N VAL A 35 -1.90 3.36 -3.51
CA VAL A 35 -0.81 2.43 -3.64
C VAL A 35 -0.03 2.68 -4.89
N VAL A 36 1.25 2.48 -4.79
CA VAL A 36 2.13 2.67 -5.87
C VAL A 36 3.30 1.71 -5.74
N GLY A 37 4.07 1.64 -6.77
CA GLY A 37 5.29 0.92 -6.73
C GLY A 37 5.40 -0.11 -7.75
N GLY A 38 4.60 -1.09 -7.57
CA GLY A 38 4.66 -2.30 -8.22
C GLY A 38 4.22 -2.34 -9.55
N ASP A 39 4.81 -1.56 -10.36
CA ASP A 39 4.50 -1.56 -11.74
C ASP A 39 4.86 -2.87 -12.37
N GLU A 40 5.63 -3.74 -11.67
CA GLU A 40 6.06 -4.91 -12.37
C GLU A 40 6.42 -5.98 -11.45
N PRO A 41 6.56 -7.22 -11.92
CA PRO A 41 7.01 -8.34 -11.10
C PRO A 41 8.49 -8.19 -10.70
N ASP A 42 8.80 -6.98 -10.27
CA ASP A 42 10.14 -6.46 -9.94
C ASP A 42 10.00 -5.16 -9.12
N GLU A 43 8.85 -4.51 -9.24
CA GLU A 43 8.52 -3.41 -8.40
C GLU A 43 7.39 -3.87 -7.55
N PHE A 44 7.57 -3.74 -6.18
CA PHE A 44 6.64 -4.11 -5.04
C PHE A 44 5.57 -3.09 -4.86
N LEU A 45 4.45 -3.47 -4.25
CA LEU A 45 3.44 -2.45 -3.99
C LEU A 45 3.74 -1.88 -2.67
N GLN A 46 3.52 -0.64 -2.48
CA GLN A 46 3.66 -0.04 -1.19
C GLN A 46 2.59 0.99 -1.08
N ILE A 47 2.16 1.23 0.12
CA ILE A 47 1.13 2.20 0.37
C ILE A 47 1.71 3.52 0.09
N LYS A 48 1.14 4.18 -0.88
CA LYS A 48 1.52 5.50 -1.26
C LYS A 48 1.25 6.37 -0.08
N SER A 49 0.06 6.12 0.53
CA SER A 49 -0.43 6.78 1.73
C SER A 49 -1.91 6.49 1.91
N LEU A 50 -2.45 6.94 2.99
CA LEU A 50 -3.80 6.64 3.33
C LEU A 50 -4.51 7.81 3.94
N VAL A 51 -5.79 7.80 3.74
CA VAL A 51 -6.67 8.77 4.31
C VAL A 51 -7.01 8.30 5.65
N LEU A 52 -6.82 9.19 6.55
CA LEU A 52 -6.94 8.97 7.91
C LEU A 52 -8.34 8.73 8.36
N ASP A 53 -9.22 9.05 7.52
CA ASP A 53 -10.61 8.81 7.71
C ASP A 53 -11.04 7.53 7.03
N GLY A 54 -10.13 6.92 6.30
CA GLY A 54 -10.42 5.75 5.57
C GLY A 54 -10.13 4.50 6.37
N PRO A 55 -10.66 3.37 5.95
CA PRO A 55 -10.57 2.07 6.67
C PRO A 55 -9.13 1.66 7.00
N ALA A 56 -8.21 2.03 6.14
CA ALA A 56 -6.77 1.72 6.32
C ALA A 56 -6.23 2.31 7.63
N ALA A 57 -6.66 3.54 7.87
CA ALA A 57 -6.31 4.30 9.06
C ALA A 57 -7.13 3.83 10.26
N LEU A 58 -8.38 3.51 10.00
CA LEU A 58 -9.33 3.10 11.01
C LEU A 58 -9.02 1.77 11.59
N ASP A 59 -8.60 0.86 10.75
CA ASP A 59 -8.21 -0.47 11.20
C ASP A 59 -6.91 -0.34 11.94
N GLY A 60 -6.20 0.70 11.53
CA GLY A 60 -4.97 1.13 12.18
C GLY A 60 -3.78 0.29 11.85
N LYS A 61 -3.99 -0.67 11.02
CA LYS A 61 -2.99 -1.58 10.69
C LYS A 61 -2.18 -1.17 9.49
N MET A 62 -2.70 -0.30 8.64
CA MET A 62 -2.00 0.04 7.45
C MET A 62 -1.26 1.37 7.65
N GLU A 63 -0.12 1.54 6.98
CA GLU A 63 0.72 2.70 7.17
C GLU A 63 1.46 3.07 5.87
N THR A 64 1.82 4.33 5.75
CA THR A 64 2.47 4.87 4.56
C THR A 64 3.84 4.18 4.32
N GLY A 65 3.90 3.34 3.32
CA GLY A 65 5.12 2.73 2.93
C GLY A 65 5.17 1.25 3.22
N ASP A 66 4.13 0.68 3.85
CA ASP A 66 4.13 -0.80 4.00
C ASP A 66 3.92 -1.41 2.61
N VAL A 67 4.63 -2.45 2.30
CA VAL A 67 4.56 -3.06 1.00
C VAL A 67 3.46 -4.10 0.88
N ILE A 68 2.55 -3.88 -0.04
CA ILE A 68 1.54 -4.86 -0.35
C ILE A 68 2.23 -5.98 -1.10
N VAL A 69 2.02 -7.12 -0.51
CA VAL A 69 2.57 -8.39 -0.89
C VAL A 69 1.48 -9.35 -1.32
N SER A 70 0.36 -9.38 -0.64
CA SER A 70 -0.67 -10.35 -1.03
C SER A 70 -2.08 -9.86 -0.73
N VAL A 71 -3.05 -10.30 -1.53
CA VAL A 71 -4.42 -10.09 -1.23
C VAL A 71 -5.03 -11.47 -1.18
N ASN A 72 -5.95 -11.71 -0.26
CA ASN A 72 -6.70 -13.01 -0.19
C ASN A 72 -5.73 -14.21 -0.11
N ASP A 73 -4.56 -13.94 0.45
CA ASP A 73 -3.43 -14.88 0.58
C ASP A 73 -3.01 -15.45 -0.77
N THR A 74 -2.99 -14.58 -1.69
CA THR A 74 -2.48 -14.79 -3.01
C THR A 74 -1.40 -13.76 -3.21
N CYS A 75 -0.21 -14.21 -3.52
CA CYS A 75 0.94 -13.34 -3.64
C CYS A 75 0.78 -12.37 -4.81
N VAL A 76 0.40 -11.18 -4.48
CA VAL A 76 0.18 -10.14 -5.47
C VAL A 76 1.35 -9.15 -5.42
N LEU A 77 2.44 -9.60 -4.81
CA LEU A 77 3.63 -8.84 -4.64
C LEU A 77 4.09 -8.53 -6.02
N GLY A 78 4.04 -7.20 -6.38
CA GLY A 78 4.26 -6.72 -7.78
C GLY A 78 3.73 -7.70 -8.78
N HIS A 79 2.50 -8.21 -8.48
CA HIS A 79 1.73 -9.13 -9.33
C HIS A 79 1.86 -8.54 -10.67
N THR A 80 1.26 -7.44 -10.76
CA THR A 80 1.59 -6.34 -11.55
C THR A 80 0.73 -5.29 -10.99
N HIS A 81 1.17 -4.07 -10.89
CA HIS A 81 0.25 -3.02 -10.47
C HIS A 81 -1.05 -3.04 -11.30
N ALA A 82 -0.93 -3.37 -12.58
CA ALA A 82 -2.09 -3.54 -13.43
C ALA A 82 -3.01 -4.65 -12.90
N GLN A 83 -2.43 -5.77 -12.50
CA GLN A 83 -3.20 -6.87 -11.96
C GLN A 83 -3.79 -6.59 -10.61
N VAL A 84 -3.03 -5.95 -9.75
CA VAL A 84 -3.53 -5.63 -8.43
C VAL A 84 -4.70 -4.65 -8.51
N VAL A 85 -4.63 -3.67 -9.42
CA VAL A 85 -5.73 -2.73 -9.60
C VAL A 85 -6.95 -3.48 -10.11
N LYS A 86 -6.72 -4.42 -11.04
CA LYS A 86 -7.77 -5.29 -11.56
C LYS A 86 -8.39 -6.14 -10.43
N ILE A 87 -7.55 -6.56 -9.50
CA ILE A 87 -7.97 -7.33 -8.35
C ILE A 87 -8.78 -6.50 -7.35
N PHE A 88 -8.40 -5.27 -7.19
CA PHE A 88 -9.14 -4.34 -6.34
C PHE A 88 -10.43 -3.93 -7.01
N GLN A 89 -10.42 -3.92 -8.32
CA GLN A 89 -11.59 -3.74 -9.14
C GLN A 89 -12.44 -5.00 -9.19
N SER A 90 -11.82 -6.11 -8.86
CA SER A 90 -12.47 -7.39 -8.78
C SER A 90 -13.24 -7.45 -7.46
N ILE A 91 -12.76 -6.69 -6.52
CA ILE A 91 -13.38 -6.56 -5.27
C ILE A 91 -14.39 -5.41 -5.30
N PRO A 92 -15.60 -5.65 -4.86
CA PRO A 92 -16.71 -4.71 -4.95
C PRO A 92 -16.80 -3.78 -3.73
N ILE A 93 -17.52 -2.69 -3.88
CA ILE A 93 -17.75 -1.75 -2.78
C ILE A 93 -18.46 -2.43 -1.64
N GLY A 94 -17.97 -2.19 -0.48
CA GLY A 94 -18.56 -2.79 0.69
C GLY A 94 -17.92 -4.11 1.04
N ALA A 95 -16.81 -4.41 0.41
CA ALA A 95 -16.14 -5.70 0.59
C ALA A 95 -14.96 -5.54 1.50
N SER A 96 -14.09 -6.53 1.58
CA SER A 96 -12.90 -6.42 2.38
C SER A 96 -11.82 -7.30 1.80
N VAL A 97 -10.56 -7.07 2.19
CA VAL A 97 -9.49 -7.87 1.65
C VAL A 97 -8.42 -8.11 2.65
N ASP A 98 -8.09 -9.33 2.87
CA ASP A 98 -6.98 -9.63 3.75
C ASP A 98 -5.70 -9.45 2.96
N LEU A 99 -5.01 -8.40 3.26
CA LEU A 99 -3.80 -7.99 2.58
C LEU A 99 -2.56 -8.28 3.41
N GLU A 100 -1.54 -8.82 2.78
CA GLU A 100 -0.26 -8.96 3.40
C GLU A 100 0.54 -7.72 3.11
N LEU A 101 0.93 -7.05 4.15
CA LEU A 101 1.72 -5.86 4.08
C LEU A 101 3.11 -6.23 4.51
N CYS A 102 4.04 -5.38 4.25
CA CYS A 102 5.39 -5.57 4.66
C CYS A 102 6.01 -4.27 5.09
N ARG A 103 6.24 -4.14 6.33
CA ARG A 103 6.92 -2.97 6.80
C ARG A 103 8.37 -3.19 6.98
N GLY A 104 9.13 -2.43 6.22
CA GLY A 104 10.55 -2.53 6.22
C GLY A 104 11.16 -1.69 5.15
N TYR A 105 10.44 -1.51 4.07
CA TYR A 105 10.94 -0.69 2.99
C TYR A 105 10.29 0.69 3.03
N PRO A 106 11.10 1.73 2.85
CA PRO A 106 10.62 3.13 2.86
C PRO A 106 9.78 3.43 1.63
N LEU A 107 9.00 4.50 1.72
CA LEU A 107 8.17 4.99 0.64
C LEU A 107 8.96 5.12 -0.66
N PRO A 108 8.43 4.50 -1.73
CA PRO A 108 9.11 4.32 -3.01
C PRO A 108 9.15 5.53 -3.95
N PHE A 109 8.10 5.75 -4.69
CA PHE A 109 8.14 6.75 -5.72
C PHE A 109 6.96 7.71 -5.59
N ASP A 110 7.20 8.93 -5.95
CA ASP A 110 6.25 10.02 -5.88
C ASP A 110 6.26 10.80 -7.16
N PRO A 111 5.24 10.59 -7.95
CA PRO A 111 5.03 11.38 -9.14
C PRO A 111 4.00 12.46 -8.93
N ASP A 112 2.82 12.03 -8.68
CA ASP A 112 1.67 12.86 -8.57
C ASP A 112 1.48 13.36 -7.18
N ASP A 113 2.23 12.82 -6.25
CA ASP A 113 1.88 13.08 -4.86
C ASP A 113 2.59 14.23 -4.30
N PRO A 114 1.88 14.94 -3.47
CA PRO A 114 2.48 15.94 -2.62
C PRO A 114 3.08 15.33 -1.38
N ASN A 115 2.31 14.38 -0.88
CA ASN A 115 2.37 13.80 0.46
C ASN A 115 3.70 13.35 0.95
N THR A 116 4.63 13.20 0.09
CA THR A 116 5.83 12.59 0.47
C THR A 116 6.85 13.51 1.15
N SER A 117 6.98 14.73 0.69
CA SER A 117 8.08 15.59 1.18
C SER A 117 7.84 17.09 0.98
N LEU A 118 7.95 17.85 2.10
CA LEU A 118 7.89 19.34 2.18
C LEU A 118 6.69 19.96 1.50
N VAL A 119 5.78 20.53 2.29
CA VAL A 119 4.52 21.11 1.80
C VAL A 119 3.73 20.00 1.12
N THR A 120 3.11 19.16 1.90
CA THR A 120 2.48 18.01 1.34
C THR A 120 1.01 17.97 1.74
N SER A 121 0.23 17.10 1.06
CA SER A 121 -1.22 16.95 1.28
C SER A 121 -1.98 18.25 0.91
N VAL A 122 -2.81 18.15 -0.13
CA VAL A 122 -3.55 19.29 -0.69
C VAL A 122 -2.53 20.35 -1.16
N ALA A 123 -1.53 19.87 -1.85
CA ALA A 123 -0.45 20.68 -2.36
C ALA A 123 0.22 19.91 -3.48
N ILE A 124 -0.49 19.77 -4.55
CA ILE A 124 -0.03 19.02 -5.68
C ILE A 124 0.79 19.93 -6.54
N LEU A 125 2.05 19.94 -6.26
CA LEU A 125 2.97 20.84 -6.88
C LEU A 125 3.60 20.23 -8.11
N ASP A 126 3.00 19.13 -8.49
CA ASP A 126 3.27 18.44 -9.74
C ASP A 126 2.41 19.11 -10.82
N LYS A 127 1.55 20.00 -10.31
CA LYS A 127 0.66 20.87 -11.06
C LYS A 127 -0.54 20.17 -11.62
N GLU A 128 -1.44 19.80 -10.73
CA GLU A 128 -2.71 19.23 -11.12
C GLU A 128 -3.74 20.35 -10.97
N PRO A 129 -4.74 20.45 -11.86
CA PRO A 129 -5.80 21.46 -11.77
C PRO A 129 -6.52 21.43 -10.41
N GLY A 1 17.56 7.13 -7.29
CA GLY A 1 16.86 5.86 -7.44
C GLY A 1 15.87 5.90 -8.58
N ALA A 2 14.66 5.49 -8.30
CA ALA A 2 13.63 5.44 -9.30
C ALA A 2 12.30 5.65 -8.63
N MET A 3 11.22 5.31 -9.30
CA MET A 3 9.91 5.38 -8.67
C MET A 3 9.75 4.34 -7.54
N GLY A 4 10.39 3.21 -7.71
CA GLY A 4 10.38 2.19 -6.68
C GLY A 4 11.75 1.63 -6.50
N LYS A 5 12.00 0.56 -7.21
CA LYS A 5 13.26 -0.17 -7.18
C LYS A 5 13.66 -0.69 -5.77
N PRO A 6 12.94 -1.70 -5.30
CA PRO A 6 13.25 -2.37 -4.06
C PRO A 6 13.91 -3.74 -4.33
N PHE A 7 14.11 -4.52 -3.30
CA PHE A 7 14.59 -5.84 -3.46
C PHE A 7 13.40 -6.74 -3.61
N PHE A 8 13.18 -7.16 -4.80
CA PHE A 8 12.05 -7.99 -5.09
C PHE A 8 12.52 -9.42 -5.29
N THR A 9 11.89 -10.34 -4.65
CA THR A 9 12.24 -11.74 -4.83
C THR A 9 10.98 -12.62 -4.87
N ARG A 10 9.86 -11.95 -5.15
CA ARG A 10 8.52 -12.53 -5.40
C ARG A 10 7.93 -13.41 -4.27
N ASN A 11 8.72 -13.80 -3.32
CA ASN A 11 8.26 -14.61 -2.22
C ASN A 11 8.32 -13.84 -0.90
N PRO A 12 7.14 -13.67 -0.27
CA PRO A 12 6.98 -12.97 1.02
C PRO A 12 7.89 -13.53 2.11
N SER A 13 8.13 -14.81 2.05
CA SER A 13 8.92 -15.53 3.02
C SER A 13 10.42 -15.25 2.83
N GLU A 14 10.79 -14.83 1.63
CA GLU A 14 12.14 -14.48 1.26
C GLU A 14 12.42 -13.01 1.51
N LEU A 15 11.36 -12.24 1.60
CA LEU A 15 11.46 -10.82 1.85
C LEU A 15 11.83 -10.53 3.29
N LYS A 16 12.09 -9.27 3.53
CA LYS A 16 12.35 -8.76 4.82
C LYS A 16 11.15 -7.95 5.20
N GLY A 17 11.22 -7.21 6.27
CA GLY A 17 10.08 -6.41 6.68
C GLY A 17 9.16 -7.17 7.63
N LYS A 18 8.27 -6.47 8.29
CA LYS A 18 7.30 -7.12 9.13
C LYS A 18 6.05 -7.30 8.35
N PHE A 19 5.44 -8.42 8.46
CA PHE A 19 4.33 -8.73 7.64
C PHE A 19 3.10 -8.63 8.41
N ILE A 20 2.38 -7.68 8.04
CA ILE A 20 1.21 -7.28 8.66
C ILE A 20 0.05 -7.63 7.80
N HIS A 21 -0.69 -8.52 8.31
CA HIS A 21 -1.85 -8.96 7.68
C HIS A 21 -2.94 -8.00 8.01
N THR A 22 -3.58 -7.57 7.02
CA THR A 22 -4.56 -6.56 7.10
C THR A 22 -5.75 -6.99 6.31
N LYS A 23 -6.84 -6.48 6.62
CA LYS A 23 -8.04 -6.65 5.88
C LYS A 23 -8.57 -5.30 5.69
N LEU A 24 -8.68 -4.92 4.47
CA LEU A 24 -9.07 -3.59 4.21
C LEU A 24 -10.46 -3.60 3.73
N ARG A 25 -11.31 -2.96 4.49
CA ARG A 25 -12.68 -2.83 4.15
C ARG A 25 -12.81 -1.88 2.98
N LYS A 26 -13.09 -2.40 1.82
CA LYS A 26 -13.52 -1.57 0.76
C LYS A 26 -14.89 -1.13 1.17
N SER A 27 -14.97 0.03 1.72
CA SER A 27 -16.22 0.54 2.24
C SER A 27 -16.94 1.24 1.07
N SER A 28 -17.82 2.18 1.36
CA SER A 28 -18.49 2.92 0.30
C SER A 28 -17.47 3.71 -0.54
N ARG A 29 -16.41 4.18 0.11
CA ARG A 29 -15.31 4.84 -0.58
C ARG A 29 -14.35 3.75 -1.13
N GLY A 30 -14.44 2.59 -0.54
CA GLY A 30 -13.63 1.50 -0.89
C GLY A 30 -12.42 1.46 0.00
N PHE A 31 -11.25 1.38 -0.56
CA PHE A 31 -10.07 1.26 0.27
C PHE A 31 -9.57 2.63 0.66
N GLY A 32 -9.01 2.73 1.84
CA GLY A 32 -8.56 4.00 2.35
C GLY A 32 -7.09 4.28 2.08
N PHE A 33 -6.43 3.36 1.42
CA PHE A 33 -5.01 3.52 1.10
C PHE A 33 -4.82 3.60 -0.39
N THR A 34 -3.67 4.06 -0.76
CA THR A 34 -3.25 4.18 -2.12
C THR A 34 -1.98 3.43 -2.24
N VAL A 35 -1.75 2.87 -3.37
CA VAL A 35 -0.55 2.13 -3.58
C VAL A 35 0.22 2.67 -4.73
N VAL A 36 1.49 2.53 -4.65
CA VAL A 36 2.36 2.86 -5.70
C VAL A 36 3.42 1.82 -5.80
N GLY A 37 3.93 1.67 -6.96
CA GLY A 37 4.91 0.73 -7.24
C GLY A 37 4.37 -0.22 -8.26
N GLY A 38 4.54 -1.52 -7.99
CA GLY A 38 4.02 -2.59 -8.82
C GLY A 38 4.31 -2.41 -10.26
N ASP A 39 5.46 -1.89 -10.58
CA ASP A 39 5.75 -1.57 -11.95
C ASP A 39 5.89 -2.83 -12.69
N GLU A 40 6.32 -3.84 -11.97
CA GLU A 40 6.54 -5.10 -12.62
C GLU A 40 6.60 -6.15 -11.63
N PRO A 41 6.53 -7.42 -12.06
CA PRO A 41 6.78 -8.58 -11.19
C PRO A 41 8.25 -8.59 -10.75
N ASP A 42 8.61 -7.49 -10.11
CA ASP A 42 10.00 -7.13 -9.76
C ASP A 42 10.06 -5.71 -9.12
N GLU A 43 8.95 -4.99 -9.17
CA GLU A 43 8.79 -3.75 -8.45
C GLU A 43 7.50 -3.90 -7.68
N PHE A 44 7.62 -3.69 -6.29
CA PHE A 44 6.63 -3.98 -5.13
C PHE A 44 5.52 -2.97 -5.03
N LEU A 45 4.38 -3.35 -4.38
CA LEU A 45 3.40 -2.31 -4.10
C LEU A 45 3.71 -1.78 -2.77
N GLN A 46 3.64 -0.53 -2.58
CA GLN A 46 3.79 0.03 -1.27
C GLN A 46 2.74 1.06 -1.13
N ILE A 47 2.35 1.32 0.08
CA ILE A 47 1.34 2.29 0.38
C ILE A 47 1.92 3.61 0.12
N LYS A 48 1.38 4.30 -0.86
CA LYS A 48 1.80 5.63 -1.13
C LYS A 48 1.39 6.43 0.09
N SER A 49 0.16 6.12 0.59
CA SER A 49 -0.41 6.77 1.76
C SER A 49 -1.88 6.45 1.87
N LEU A 50 -2.46 6.88 2.94
CA LEU A 50 -3.78 6.54 3.31
C LEU A 50 -4.49 7.69 3.92
N VAL A 51 -5.77 7.66 3.76
CA VAL A 51 -6.67 8.61 4.33
C VAL A 51 -6.91 8.15 5.68
N LEU A 52 -6.64 9.03 6.55
CA LEU A 52 -6.73 8.87 7.91
C LEU A 52 -8.17 8.73 8.40
N ASP A 53 -9.06 8.86 7.48
CA ASP A 53 -10.47 8.71 7.69
C ASP A 53 -10.86 7.29 7.31
N GLY A 54 -10.04 6.72 6.48
CA GLY A 54 -10.34 5.49 5.88
C GLY A 54 -9.98 4.30 6.73
N PRO A 55 -10.55 3.16 6.38
CA PRO A 55 -10.38 1.88 7.09
C PRO A 55 -8.93 1.51 7.32
N ALA A 56 -8.07 1.94 6.41
CA ALA A 56 -6.63 1.67 6.49
C ALA A 56 -6.01 2.21 7.80
N ALA A 57 -6.33 3.46 8.11
CA ALA A 57 -5.84 4.11 9.31
C ALA A 57 -6.63 3.62 10.52
N LEU A 58 -7.90 3.41 10.31
CA LEU A 58 -8.83 3.04 11.34
C LEU A 58 -8.62 1.64 11.84
N ASP A 59 -8.34 0.74 10.94
CA ASP A 59 -8.10 -0.66 11.30
C ASP A 59 -6.78 -0.73 12.00
N GLY A 60 -5.99 0.30 11.72
CA GLY A 60 -4.67 0.47 12.30
C GLY A 60 -3.69 -0.53 11.78
N LYS A 61 -3.78 -0.82 10.50
CA LYS A 61 -2.99 -1.80 9.89
C LYS A 61 -1.97 -1.21 8.96
N MET A 62 -2.38 -0.18 8.26
CA MET A 62 -1.54 0.42 7.25
C MET A 62 -0.78 1.60 7.78
N GLU A 63 0.35 1.84 7.17
CA GLU A 63 1.13 3.02 7.34
C GLU A 63 1.71 3.36 5.96
N THR A 64 2.08 4.59 5.78
CA THR A 64 2.68 5.04 4.56
C THR A 64 4.04 4.34 4.34
N GLY A 65 4.09 3.44 3.39
CA GLY A 65 5.31 2.77 3.02
C GLY A 65 5.24 1.27 3.15
N ASP A 66 4.19 0.72 3.78
CA ASP A 66 4.06 -0.75 3.88
C ASP A 66 3.93 -1.34 2.47
N VAL A 67 4.61 -2.40 2.18
CA VAL A 67 4.51 -3.05 0.89
C VAL A 67 3.39 -4.08 0.83
N ILE A 68 2.49 -3.90 -0.13
CA ILE A 68 1.50 -4.88 -0.45
C ILE A 68 2.20 -5.99 -1.20
N VAL A 69 2.03 -7.16 -0.60
CA VAL A 69 2.60 -8.41 -0.99
C VAL A 69 1.53 -9.42 -1.43
N SER A 70 0.38 -9.42 -0.80
CA SER A 70 -0.66 -10.38 -1.18
C SER A 70 -2.07 -9.84 -0.98
N VAL A 71 -3.02 -10.45 -1.68
CA VAL A 71 -4.44 -10.13 -1.60
C VAL A 71 -5.22 -11.42 -1.67
N ASN A 72 -6.17 -11.62 -0.75
CA ASN A 72 -7.02 -12.84 -0.77
C ASN A 72 -6.15 -14.11 -0.70
N ASP A 73 -5.01 -13.97 -0.02
CA ASP A 73 -3.98 -15.03 0.16
C ASP A 73 -3.21 -15.33 -1.13
N THR A 74 -3.52 -14.64 -2.15
CA THR A 74 -2.85 -14.76 -3.41
C THR A 74 -1.71 -13.78 -3.42
N CYS A 75 -0.52 -14.30 -3.61
CA CYS A 75 0.67 -13.51 -3.70
C CYS A 75 0.52 -12.55 -4.84
N VAL A 76 0.48 -11.30 -4.53
CA VAL A 76 0.25 -10.30 -5.53
C VAL A 76 1.40 -9.28 -5.50
N LEU A 77 2.51 -9.75 -4.91
CA LEU A 77 3.70 -8.99 -4.73
C LEU A 77 4.17 -8.59 -6.08
N GLY A 78 4.11 -7.24 -6.34
CA GLY A 78 4.32 -6.65 -7.69
C GLY A 78 3.86 -7.53 -8.79
N HIS A 79 2.70 -8.20 -8.54
CA HIS A 79 2.01 -9.11 -9.47
C HIS A 79 2.06 -8.42 -10.78
N THR A 80 1.40 -7.35 -10.79
CA THR A 80 1.62 -6.19 -11.57
C THR A 80 0.76 -5.19 -10.95
N HIS A 81 1.15 -3.95 -10.88
CA HIS A 81 0.21 -2.94 -10.42
C HIS A 81 -1.12 -3.05 -11.23
N ALA A 82 -0.99 -3.40 -12.51
CA ALA A 82 -2.16 -3.66 -13.36
C ALA A 82 -3.03 -4.81 -12.78
N GLN A 83 -2.39 -5.93 -12.39
CA GLN A 83 -3.10 -7.06 -11.83
C GLN A 83 -3.72 -6.75 -10.48
N VAL A 84 -2.98 -6.06 -9.65
CA VAL A 84 -3.45 -5.71 -8.33
C VAL A 84 -4.65 -4.77 -8.42
N VAL A 85 -4.57 -3.75 -9.28
CA VAL A 85 -5.64 -2.81 -9.44
C VAL A 85 -6.86 -3.52 -9.98
N LYS A 86 -6.65 -4.40 -10.95
CA LYS A 86 -7.73 -5.16 -11.54
C LYS A 86 -8.43 -6.04 -10.49
N ILE A 87 -7.66 -6.61 -9.56
CA ILE A 87 -8.22 -7.42 -8.48
C ILE A 87 -9.06 -6.58 -7.49
N PHE A 88 -8.60 -5.39 -7.23
CA PHE A 88 -9.31 -4.45 -6.35
C PHE A 88 -10.54 -3.89 -7.06
N GLN A 89 -10.43 -3.76 -8.38
CA GLN A 89 -11.53 -3.38 -9.26
C GLN A 89 -12.57 -4.49 -9.29
N SER A 90 -12.07 -5.70 -9.15
CA SER A 90 -12.85 -6.90 -9.14
C SER A 90 -13.65 -6.99 -7.85
N ILE A 91 -13.00 -6.63 -6.77
CA ILE A 91 -13.61 -6.60 -5.48
C ILE A 91 -14.62 -5.46 -5.39
N PRO A 92 -15.81 -5.75 -4.87
CA PRO A 92 -16.94 -4.82 -4.86
C PRO A 92 -16.95 -3.89 -3.64
N ILE A 93 -17.70 -2.81 -3.75
CA ILE A 93 -17.89 -1.90 -2.64
C ILE A 93 -18.52 -2.58 -1.45
N GLY A 94 -17.97 -2.31 -0.32
CA GLY A 94 -18.44 -2.89 0.92
C GLY A 94 -17.72 -4.20 1.23
N ALA A 95 -16.70 -4.48 0.44
CA ALA A 95 -16.02 -5.77 0.55
C ALA A 95 -14.71 -5.65 1.25
N SER A 96 -14.48 -6.44 2.23
CA SER A 96 -13.22 -6.39 2.90
C SER A 96 -12.24 -7.33 2.26
N VAL A 97 -10.96 -7.08 2.48
CA VAL A 97 -9.95 -7.91 1.88
C VAL A 97 -8.82 -8.18 2.75
N ASP A 98 -8.52 -9.41 2.94
CA ASP A 98 -7.41 -9.80 3.75
C ASP A 98 -6.14 -9.79 2.85
N LEU A 99 -5.35 -8.76 3.05
CA LEU A 99 -4.15 -8.46 2.30
C LEU A 99 -2.93 -8.70 3.18
N GLU A 100 -1.79 -8.87 2.57
CA GLU A 100 -0.55 -9.02 3.29
C GLU A 100 0.32 -7.78 3.00
N LEU A 101 0.72 -7.09 4.05
CA LEU A 101 1.61 -5.95 3.98
C LEU A 101 2.93 -6.34 4.57
N CYS A 102 3.91 -5.56 4.29
CA CYS A 102 5.20 -5.71 4.83
C CYS A 102 5.80 -4.35 5.09
N ARG A 103 6.06 -4.04 6.28
CA ARG A 103 6.63 -2.77 6.56
C ARG A 103 8.08 -2.96 6.86
N GLY A 104 8.89 -2.26 6.15
CA GLY A 104 10.31 -2.39 6.30
C GLY A 104 10.98 -1.85 5.10
N TYR A 105 10.25 -1.79 4.02
CA TYR A 105 10.76 -1.20 2.84
C TYR A 105 10.41 0.28 2.85
N PRO A 106 11.38 1.14 2.52
CA PRO A 106 11.24 2.60 2.58
C PRO A 106 10.20 3.14 1.60
N LEU A 107 9.62 4.28 1.95
CA LEU A 107 8.64 4.97 1.12
C LEU A 107 9.25 5.34 -0.21
N PRO A 108 8.57 4.98 -1.29
CA PRO A 108 9.06 5.21 -2.64
C PRO A 108 8.74 6.62 -3.16
N PHE A 109 8.76 6.74 -4.46
CA PHE A 109 8.57 7.98 -5.16
C PHE A 109 7.14 8.35 -5.24
N ASP A 110 6.98 9.60 -5.29
CA ASP A 110 5.76 10.28 -5.29
C ASP A 110 5.56 11.04 -6.62
N PRO A 111 5.01 10.35 -7.65
CA PRO A 111 4.73 10.98 -8.96
C PRO A 111 3.34 11.59 -8.97
N ASP A 112 2.38 10.80 -8.55
CA ASP A 112 0.98 11.17 -8.41
C ASP A 112 0.83 12.33 -7.43
N ASP A 113 1.80 12.47 -6.58
CA ASP A 113 1.83 13.48 -5.56
C ASP A 113 2.82 14.53 -5.86
N PRO A 114 2.33 15.66 -6.33
CA PRO A 114 3.15 16.87 -6.47
C PRO A 114 3.34 17.49 -5.11
N ASN A 115 2.31 17.22 -4.36
CA ASN A 115 1.88 17.72 -3.06
C ASN A 115 2.93 17.77 -1.99
N THR A 116 4.07 17.34 -2.30
CA THR A 116 5.06 17.12 -1.34
C THR A 116 6.20 18.16 -1.40
N SER A 117 6.08 19.20 -2.21
CA SER A 117 7.21 20.14 -2.32
C SER A 117 6.78 21.57 -2.54
N LEU A 118 6.99 22.41 -1.52
CA LEU A 118 6.62 23.80 -1.55
C LEU A 118 5.13 23.96 -1.87
N VAL A 119 4.76 25.07 -2.43
CA VAL A 119 3.38 25.33 -2.87
C VAL A 119 2.87 24.26 -3.89
N THR A 120 2.38 23.18 -3.36
CA THR A 120 1.82 22.09 -4.13
C THR A 120 0.51 21.69 -3.47
N SER A 121 -0.31 20.88 -4.15
CA SER A 121 -1.70 20.58 -3.78
C SER A 121 -2.51 21.87 -3.80
N VAL A 122 -3.28 22.05 -4.88
CA VAL A 122 -4.05 23.26 -5.13
C VAL A 122 -4.95 23.70 -3.96
N ALA A 123 -4.39 24.62 -3.20
CA ALA A 123 -4.96 25.26 -2.04
C ALA A 123 -3.93 26.31 -1.65
N ILE A 124 -4.28 27.57 -1.75
CA ILE A 124 -3.31 28.63 -1.55
C ILE A 124 -3.70 29.57 -0.43
N LEU A 125 -3.04 29.40 0.66
CA LEU A 125 -3.15 30.26 1.80
C LEU A 125 -1.78 30.90 2.01
N ASP A 126 -1.06 30.90 0.92
CA ASP A 126 0.30 31.39 0.84
C ASP A 126 0.26 32.78 0.26
N LYS A 127 1.15 33.62 0.71
CA LYS A 127 1.24 35.00 0.27
C LYS A 127 2.09 35.10 -0.99
N GLU A 128 2.75 34.00 -1.30
CA GLU A 128 3.58 33.90 -2.48
C GLU A 128 2.72 33.97 -3.75
N PRO A 129 3.21 34.68 -4.81
CA PRO A 129 2.55 34.75 -6.12
C PRO A 129 2.22 33.36 -6.68
N GLY A 1 15.42 4.53 -4.47
CA GLY A 1 14.41 4.08 -5.41
C GLY A 1 13.89 5.22 -6.24
N ALA A 2 12.63 5.17 -6.58
CA ALA A 2 12.00 6.24 -7.37
C ALA A 2 10.49 6.22 -7.15
N MET A 3 9.79 5.39 -7.91
CA MET A 3 8.34 5.21 -7.74
C MET A 3 8.15 3.90 -6.98
N GLY A 4 9.28 3.30 -6.71
CA GLY A 4 9.40 2.07 -6.02
C GLY A 4 10.86 1.66 -6.05
N LYS A 5 11.20 0.80 -7.00
CA LYS A 5 12.55 0.28 -7.22
C LYS A 5 13.09 -0.46 -5.99
N PRO A 6 12.53 -1.64 -5.69
CA PRO A 6 12.96 -2.44 -4.58
C PRO A 6 13.70 -3.73 -4.99
N PHE A 7 14.02 -4.52 -3.99
CA PHE A 7 14.60 -5.81 -4.11
C PHE A 7 13.47 -6.78 -4.23
N PHE A 8 13.25 -7.26 -5.38
CA PHE A 8 12.13 -8.12 -5.61
C PHE A 8 12.60 -9.54 -5.84
N THR A 9 11.95 -10.49 -5.21
CA THR A 9 12.26 -11.88 -5.41
C THR A 9 10.98 -12.74 -5.40
N ARG A 10 9.84 -12.02 -5.48
CA ARG A 10 8.46 -12.55 -5.57
C ARG A 10 8.02 -13.43 -4.37
N ASN A 11 8.95 -13.79 -3.53
CA ASN A 11 8.66 -14.64 -2.38
C ASN A 11 8.83 -13.84 -1.08
N PRO A 12 7.72 -13.68 -0.34
CA PRO A 12 7.70 -13.01 0.97
C PRO A 12 8.67 -13.65 1.98
N SER A 13 8.92 -14.94 1.82
CA SER A 13 9.81 -15.66 2.72
C SER A 13 11.25 -15.23 2.51
N GLU A 14 11.54 -14.77 1.31
CA GLU A 14 12.88 -14.38 0.94
C GLU A 14 13.10 -12.88 1.20
N LEU A 15 12.02 -12.13 1.26
CA LEU A 15 12.07 -10.69 1.50
C LEU A 15 12.44 -10.37 2.93
N LYS A 16 12.51 -9.08 3.17
CA LYS A 16 12.72 -8.53 4.47
C LYS A 16 11.40 -7.89 4.88
N GLY A 17 11.43 -7.09 5.92
CA GLY A 17 10.23 -6.44 6.38
C GLY A 17 9.41 -7.34 7.28
N LYS A 18 8.45 -6.77 7.96
CA LYS A 18 7.53 -7.54 8.74
C LYS A 18 6.28 -7.77 7.93
N PHE A 19 5.69 -8.93 8.06
CA PHE A 19 4.53 -9.24 7.29
C PHE A 19 3.35 -9.22 8.18
N ILE A 20 2.56 -8.28 7.92
CA ILE A 20 1.41 -7.93 8.67
C ILE A 20 0.19 -8.22 7.83
N HIS A 21 -0.87 -8.58 8.44
CA HIS A 21 -2.03 -8.95 7.72
C HIS A 21 -3.19 -8.11 8.18
N THR A 22 -3.76 -7.38 7.27
CA THR A 22 -4.88 -6.55 7.56
C THR A 22 -5.90 -6.58 6.44
N LYS A 23 -7.11 -6.78 6.81
CA LYS A 23 -8.23 -6.77 5.92
C LYS A 23 -8.75 -5.37 5.79
N LEU A 24 -8.83 -4.93 4.56
CA LEU A 24 -9.23 -3.60 4.29
C LEU A 24 -10.61 -3.64 3.76
N ARG A 25 -11.51 -3.03 4.47
CA ARG A 25 -12.85 -2.96 4.08
C ARG A 25 -13.03 -1.93 3.02
N LYS A 26 -13.27 -2.41 1.82
CA LYS A 26 -13.64 -1.58 0.73
C LYS A 26 -14.99 -1.00 1.07
N SER A 27 -14.97 0.19 1.57
CA SER A 27 -16.11 0.92 2.04
C SER A 27 -16.65 1.77 0.88
N SER A 28 -17.32 2.88 1.18
CA SER A 28 -17.85 3.78 0.16
C SER A 28 -16.78 4.19 -0.85
N ARG A 29 -15.60 4.59 -0.36
CA ARG A 29 -14.48 4.87 -1.26
C ARG A 29 -13.75 3.59 -1.59
N GLY A 30 -14.01 2.59 -0.81
CA GLY A 30 -13.39 1.37 -0.99
C GLY A 30 -12.21 1.30 -0.10
N PHE A 31 -11.05 1.42 -0.65
CA PHE A 31 -9.87 1.30 0.15
C PHE A 31 -9.39 2.67 0.53
N GLY A 32 -8.93 2.79 1.75
CA GLY A 32 -8.51 4.06 2.27
C GLY A 32 -7.06 4.33 2.00
N PHE A 33 -6.42 3.46 1.27
CA PHE A 33 -5.04 3.66 0.93
C PHE A 33 -4.88 3.91 -0.54
N THR A 34 -3.77 4.42 -0.87
CA THR A 34 -3.38 4.66 -2.19
C THR A 34 -2.18 3.80 -2.40
N VAL A 35 -1.96 3.36 -3.57
CA VAL A 35 -0.90 2.43 -3.76
C VAL A 35 -0.17 2.66 -5.03
N VAL A 36 1.10 2.54 -4.95
CA VAL A 36 1.96 2.69 -6.05
C VAL A 36 3.16 1.78 -5.85
N GLY A 37 3.92 1.60 -6.87
CA GLY A 37 5.13 0.89 -6.75
C GLY A 37 5.29 -0.18 -7.71
N GLY A 38 4.43 -1.16 -7.59
CA GLY A 38 4.51 -2.40 -8.22
C GLY A 38 4.19 -2.43 -9.60
N ASP A 39 4.88 -1.66 -10.34
CA ASP A 39 4.69 -1.61 -11.73
C ASP A 39 5.05 -2.89 -12.39
N GLU A 40 5.73 -3.82 -11.67
CA GLU A 40 6.12 -5.01 -12.38
C GLU A 40 6.41 -6.09 -11.45
N PRO A 41 6.53 -7.33 -11.94
CA PRO A 41 6.99 -8.44 -11.13
C PRO A 41 8.47 -8.26 -10.74
N ASP A 42 8.74 -7.10 -10.16
CA ASP A 42 10.07 -6.57 -9.88
C ASP A 42 9.95 -5.23 -9.10
N GLU A 43 8.78 -4.59 -9.20
CA GLU A 43 8.46 -3.46 -8.37
C GLU A 43 7.33 -3.92 -7.50
N PHE A 44 7.49 -3.72 -6.13
CA PHE A 44 6.55 -4.11 -4.99
C PHE A 44 5.43 -3.12 -4.87
N LEU A 45 4.29 -3.51 -4.28
CA LEU A 45 3.27 -2.49 -4.06
C LEU A 45 3.55 -1.87 -2.76
N GLN A 46 3.36 -0.62 -2.64
CA GLN A 46 3.50 0.04 -1.37
C GLN A 46 2.41 1.02 -1.20
N ILE A 47 2.11 1.30 0.00
CA ILE A 47 1.09 2.24 0.33
C ILE A 47 1.69 3.59 0.11
N LYS A 48 1.19 4.28 -0.90
CA LYS A 48 1.66 5.61 -1.22
C LYS A 48 1.33 6.47 -0.02
N SER A 49 0.15 6.16 0.58
CA SER A 49 -0.33 6.74 1.82
C SER A 49 -1.80 6.45 1.96
N LEU A 50 -2.33 6.80 3.07
CA LEU A 50 -3.67 6.47 3.38
C LEU A 50 -4.41 7.58 4.02
N VAL A 51 -5.67 7.55 3.78
CA VAL A 51 -6.60 8.47 4.34
C VAL A 51 -6.75 8.11 5.76
N LEU A 52 -6.38 9.03 6.56
CA LEU A 52 -6.45 9.00 7.97
C LEU A 52 -7.84 8.77 8.47
N ASP A 53 -8.75 9.10 7.67
CA ASP A 53 -10.15 8.90 7.93
C ASP A 53 -10.67 7.62 7.29
N GLY A 54 -9.83 6.92 6.58
CA GLY A 54 -10.25 5.76 5.87
C GLY A 54 -10.00 4.50 6.64
N PRO A 55 -10.59 3.38 6.19
CA PRO A 55 -10.52 2.08 6.87
C PRO A 55 -9.10 1.61 7.14
N ALA A 56 -8.19 2.00 6.27
CA ALA A 56 -6.76 1.66 6.39
C ALA A 56 -6.17 2.18 7.73
N ALA A 57 -6.53 3.43 8.02
CA ALA A 57 -6.14 4.12 9.23
C ALA A 57 -6.96 3.67 10.43
N LEU A 58 -8.23 3.37 10.18
CA LEU A 58 -9.17 2.98 11.22
C LEU A 58 -8.94 1.59 11.72
N ASP A 59 -8.54 0.71 10.83
CA ASP A 59 -8.20 -0.67 11.22
C ASP A 59 -6.96 -0.61 12.07
N GLY A 60 -6.25 0.47 11.82
CA GLY A 60 -5.08 0.83 12.58
C GLY A 60 -3.91 -0.05 12.34
N LYS A 61 -3.91 -0.71 11.22
CA LYS A 61 -2.91 -1.61 10.87
C LYS A 61 -2.04 -1.09 9.77
N MET A 62 -2.60 -0.33 8.85
CA MET A 62 -1.88 0.02 7.67
C MET A 62 -1.21 1.39 7.83
N GLU A 63 0.00 1.52 7.29
CA GLU A 63 0.77 2.76 7.33
C GLU A 63 1.36 3.08 5.94
N THR A 64 1.83 4.30 5.79
CA THR A 64 2.40 4.79 4.56
C THR A 64 3.78 4.12 4.31
N GLY A 65 3.86 3.29 3.30
CA GLY A 65 5.12 2.67 2.96
C GLY A 65 5.10 1.17 3.10
N ASP A 66 4.05 0.65 3.75
CA ASP A 66 3.90 -0.80 3.92
C ASP A 66 3.76 -1.40 2.51
N VAL A 67 4.45 -2.47 2.22
CA VAL A 67 4.36 -3.08 0.90
C VAL A 67 3.29 -4.17 0.79
N ILE A 68 2.39 -4.02 -0.17
CA ILE A 68 1.44 -5.07 -0.48
C ILE A 68 2.18 -6.17 -1.19
N VAL A 69 2.04 -7.32 -0.58
CA VAL A 69 2.66 -8.57 -0.96
C VAL A 69 1.60 -9.58 -1.38
N SER A 70 0.45 -9.54 -0.75
CA SER A 70 -0.59 -10.50 -1.08
C SER A 70 -1.99 -9.92 -0.88
N VAL A 71 -2.92 -10.33 -1.73
CA VAL A 71 -4.33 -9.99 -1.59
C VAL A 71 -5.10 -11.30 -1.56
N ASN A 72 -6.02 -11.45 -0.59
CA ASN A 72 -6.87 -12.67 -0.51
C ASN A 72 -6.02 -13.93 -0.31
N ASP A 73 -4.82 -13.70 0.23
CA ASP A 73 -3.79 -14.74 0.48
C ASP A 73 -3.22 -15.32 -0.81
N THR A 74 -3.40 -14.56 -1.83
CA THR A 74 -2.81 -14.82 -3.10
C THR A 74 -1.65 -13.87 -3.20
N CYS A 75 -0.47 -14.41 -3.36
CA CYS A 75 0.72 -13.63 -3.40
C CYS A 75 0.71 -12.77 -4.64
N VAL A 76 0.55 -11.51 -4.43
CA VAL A 76 0.42 -10.54 -5.50
C VAL A 76 1.50 -9.48 -5.39
N LEU A 77 2.61 -9.89 -4.82
CA LEU A 77 3.76 -9.08 -4.64
C LEU A 77 4.20 -8.69 -6.01
N GLY A 78 4.08 -7.35 -6.33
CA GLY A 78 4.26 -6.82 -7.72
C GLY A 78 3.79 -7.79 -8.75
N HIS A 79 2.61 -8.41 -8.44
CA HIS A 79 1.89 -9.36 -9.31
C HIS A 79 1.97 -8.74 -10.65
N THR A 80 1.32 -7.65 -10.71
CA THR A 80 1.57 -6.55 -11.53
C THR A 80 0.71 -5.51 -10.96
N HIS A 81 1.11 -4.27 -10.91
CA HIS A 81 0.19 -3.24 -10.47
C HIS A 81 -1.14 -3.34 -11.21
N ALA A 82 -1.09 -3.72 -12.48
CA ALA A 82 -2.30 -3.97 -13.25
C ALA A 82 -3.16 -5.05 -12.60
N GLN A 83 -2.54 -6.20 -12.29
CA GLN A 83 -3.24 -7.34 -11.72
C GLN A 83 -3.88 -7.03 -10.39
N VAL A 84 -3.15 -6.35 -9.56
CA VAL A 84 -3.62 -6.04 -8.24
C VAL A 84 -4.71 -4.99 -8.29
N VAL A 85 -4.53 -3.94 -9.10
CA VAL A 85 -5.55 -2.91 -9.21
C VAL A 85 -6.80 -3.50 -9.80
N LYS A 86 -6.61 -4.36 -10.80
CA LYS A 86 -7.72 -5.03 -11.43
C LYS A 86 -8.47 -5.89 -10.43
N ILE A 87 -7.76 -6.55 -9.52
CA ILE A 87 -8.36 -7.38 -8.48
C ILE A 87 -9.13 -6.54 -7.45
N PHE A 88 -8.66 -5.36 -7.18
CA PHE A 88 -9.35 -4.42 -6.31
C PHE A 88 -10.57 -3.86 -7.02
N GLN A 89 -10.45 -3.77 -8.33
CA GLN A 89 -11.52 -3.39 -9.22
C GLN A 89 -12.51 -4.55 -9.42
N SER A 90 -12.02 -5.73 -9.12
CA SER A 90 -12.80 -6.96 -9.16
C SER A 90 -13.64 -7.06 -7.90
N ILE A 91 -13.01 -6.74 -6.78
CA ILE A 91 -13.65 -6.68 -5.52
C ILE A 91 -14.64 -5.52 -5.52
N PRO A 92 -15.84 -5.73 -4.99
CA PRO A 92 -16.92 -4.77 -5.05
C PRO A 92 -16.94 -3.81 -3.84
N ILE A 93 -17.61 -2.68 -4.00
CA ILE A 93 -17.78 -1.72 -2.92
C ILE A 93 -18.56 -2.32 -1.79
N GLY A 94 -18.08 -2.10 -0.62
CA GLY A 94 -18.74 -2.65 0.54
C GLY A 94 -18.12 -3.97 0.95
N ALA A 95 -16.97 -4.26 0.39
CA ALA A 95 -16.30 -5.54 0.61
C ALA A 95 -15.21 -5.38 1.64
N SER A 96 -14.40 -6.40 1.80
CA SER A 96 -13.24 -6.32 2.64
C SER A 96 -12.19 -7.27 2.10
N VAL A 97 -10.92 -7.04 2.42
CA VAL A 97 -9.89 -7.89 1.85
C VAL A 97 -8.75 -8.10 2.77
N ASP A 98 -8.42 -9.33 3.03
CA ASP A 98 -7.26 -9.63 3.83
C ASP A 98 -6.01 -9.42 2.98
N LEU A 99 -5.33 -8.35 3.25
CA LEU A 99 -4.13 -7.96 2.54
C LEU A 99 -2.90 -8.24 3.38
N GLU A 100 -1.87 -8.74 2.76
CA GLU A 100 -0.61 -8.96 3.42
C GLU A 100 0.35 -7.83 3.05
N LEU A 101 0.76 -7.11 4.07
CA LEU A 101 1.67 -5.99 3.97
C LEU A 101 3.02 -6.38 4.52
N CYS A 102 4.02 -5.79 3.99
CA CYS A 102 5.33 -5.90 4.48
C CYS A 102 5.80 -4.52 4.91
N ARG A 103 5.87 -4.31 6.13
CA ARG A 103 6.31 -3.05 6.59
C ARG A 103 7.71 -3.16 7.10
N GLY A 104 8.53 -2.31 6.59
CA GLY A 104 9.92 -2.30 6.88
C GLY A 104 10.60 -1.59 5.80
N TYR A 105 9.99 -1.64 4.63
CA TYR A 105 10.50 -0.92 3.53
C TYR A 105 9.98 0.52 3.59
N PRO A 106 10.83 1.47 3.21
CA PRO A 106 10.49 2.90 3.24
C PRO A 106 9.64 3.29 2.05
N LEU A 107 8.96 4.41 2.18
CA LEU A 107 8.12 4.98 1.16
C LEU A 107 8.87 5.25 -0.12
N PRO A 108 8.21 5.02 -1.27
CA PRO A 108 8.76 5.36 -2.57
C PRO A 108 8.87 6.86 -2.73
N PHE A 109 7.75 7.52 -2.82
CA PHE A 109 7.72 8.92 -3.00
C PHE A 109 6.66 9.48 -2.15
N ASP A 110 7.05 10.50 -1.51
CA ASP A 110 6.27 11.15 -0.55
C ASP A 110 6.07 12.61 -0.92
N PRO A 111 4.97 12.90 -1.61
CA PRO A 111 4.65 14.25 -1.99
C PRO A 111 3.77 14.95 -0.97
N ASP A 112 2.62 14.40 -0.78
CA ASP A 112 1.59 14.97 0.06
C ASP A 112 1.78 14.57 1.50
N ASP A 113 2.66 13.62 1.71
CA ASP A 113 2.89 13.12 3.09
C ASP A 113 3.91 13.92 3.76
N PRO A 114 3.50 14.62 4.82
CA PRO A 114 4.39 15.47 5.57
C PRO A 114 5.34 14.70 6.41
N ASN A 115 4.77 13.65 6.93
CA ASN A 115 5.26 12.86 8.02
C ASN A 115 6.61 12.28 7.79
N THR A 116 7.03 12.34 6.61
CA THR A 116 8.18 11.70 6.18
C THR A 116 9.41 12.61 6.27
N SER A 117 9.16 13.89 6.29
CA SER A 117 10.19 14.88 6.26
C SER A 117 10.25 15.58 7.59
N LEU A 118 11.38 16.23 7.87
CA LEU A 118 11.63 16.97 9.12
C LEU A 118 10.84 18.30 9.22
N VAL A 119 9.64 18.23 8.78
CA VAL A 119 8.66 19.26 8.73
C VAL A 119 7.34 18.55 8.45
N THR A 120 6.73 18.12 9.50
CA THR A 120 5.60 17.24 9.41
C THR A 120 4.44 17.70 10.30
N SER A 121 3.41 16.89 10.28
CA SER A 121 2.21 17.02 11.00
C SER A 121 2.53 17.24 12.49
N VAL A 122 2.30 18.48 12.94
CA VAL A 122 2.52 18.89 14.32
C VAL A 122 4.02 18.76 14.68
N ALA A 123 4.87 19.24 13.79
CA ALA A 123 6.28 19.26 14.00
C ALA A 123 6.81 20.49 13.34
N ILE A 124 7.34 21.40 14.15
CA ILE A 124 7.93 22.65 13.69
C ILE A 124 6.83 23.48 13.01
N LEU A 125 5.80 23.78 13.77
CA LEU A 125 4.65 24.51 13.27
C LEU A 125 4.96 25.97 13.08
N ASP A 126 4.59 26.44 11.96
CA ASP A 126 4.74 27.82 11.56
C ASP A 126 3.47 28.56 11.99
N LYS A 127 3.56 29.86 12.25
CA LYS A 127 2.40 30.64 12.72
C LYS A 127 1.43 30.99 11.59
N GLU A 128 1.13 30.01 10.80
CA GLU A 128 0.14 30.09 9.79
C GLU A 128 -1.08 29.39 10.34
N PRO A 129 -2.29 29.95 10.16
CA PRO A 129 -3.54 29.33 10.60
C PRO A 129 -3.70 27.92 10.05
N GLY A 1 10.97 2.24 -12.03
CA GLY A 1 12.14 2.00 -11.17
C GLY A 1 12.37 3.15 -10.22
N ALA A 2 11.48 4.13 -10.21
CA ALA A 2 11.63 5.26 -9.33
C ALA A 2 10.76 5.07 -8.12
N MET A 3 9.58 4.57 -8.33
CA MET A 3 8.64 4.36 -7.27
C MET A 3 8.89 3.01 -6.62
N GLY A 4 9.93 2.96 -5.81
CA GLY A 4 10.25 1.76 -5.10
C GLY A 4 11.70 1.36 -5.27
N LYS A 5 11.97 0.62 -6.34
CA LYS A 5 13.29 0.03 -6.65
C LYS A 5 13.77 -0.84 -5.47
N PRO A 6 13.07 -1.95 -5.18
CA PRO A 6 13.37 -2.81 -4.08
C PRO A 6 14.04 -4.13 -4.50
N PHE A 7 14.06 -5.06 -3.59
CA PHE A 7 14.55 -6.38 -3.80
C PHE A 7 13.35 -7.23 -3.99
N PHE A 8 13.17 -7.72 -5.14
CA PHE A 8 12.00 -8.52 -5.41
C PHE A 8 12.39 -9.98 -5.51
N THR A 9 11.52 -10.84 -5.02
CA THR A 9 11.75 -12.27 -5.11
C THR A 9 10.40 -13.01 -5.26
N ARG A 10 9.36 -12.23 -5.49
CA ARG A 10 7.93 -12.66 -5.70
C ARG A 10 7.36 -13.56 -4.60
N ASN A 11 8.12 -13.79 -3.55
CA ASN A 11 7.67 -14.66 -2.49
C ASN A 11 7.85 -13.97 -1.15
N PRO A 12 6.76 -13.77 -0.41
CA PRO A 12 6.76 -13.20 0.94
C PRO A 12 7.56 -14.04 1.94
N SER A 13 7.80 -15.30 1.61
CA SER A 13 8.56 -16.17 2.47
C SER A 13 10.07 -15.91 2.27
N GLU A 14 10.44 -15.38 1.11
CA GLU A 14 11.82 -15.13 0.77
C GLU A 14 12.21 -13.66 1.01
N LEU A 15 11.21 -12.80 1.07
CA LEU A 15 11.45 -11.38 1.27
C LEU A 15 11.58 -11.05 2.75
N LYS A 16 12.19 -9.91 3.01
CA LYS A 16 12.43 -9.42 4.32
C LYS A 16 11.34 -8.44 4.68
N GLY A 17 11.50 -7.76 5.77
CA GLY A 17 10.45 -6.88 6.23
C GLY A 17 9.49 -7.67 7.12
N LYS A 18 8.67 -7.01 7.87
CA LYS A 18 7.72 -7.74 8.64
C LYS A 18 6.44 -7.85 7.86
N PHE A 19 5.83 -8.99 7.89
CA PHE A 19 4.64 -9.21 7.15
C PHE A 19 3.48 -9.24 8.09
N ILE A 20 2.72 -8.22 7.96
CA ILE A 20 1.60 -7.85 8.78
C ILE A 20 0.37 -7.94 7.94
N HIS A 21 -0.72 -8.29 8.53
CA HIS A 21 -1.93 -8.42 7.80
C HIS A 21 -2.96 -7.48 8.27
N THR A 22 -3.54 -6.85 7.34
CA THR A 22 -4.62 -5.96 7.58
C THR A 22 -5.65 -6.11 6.51
N LYS A 23 -6.83 -6.31 6.94
CA LYS A 23 -7.97 -6.43 6.09
C LYS A 23 -8.54 -5.09 5.89
N LEU A 24 -8.61 -4.71 4.67
CA LEU A 24 -9.05 -3.41 4.36
C LEU A 24 -10.42 -3.52 3.80
N ARG A 25 -11.34 -2.96 4.49
CA ARG A 25 -12.69 -2.96 4.06
C ARG A 25 -12.89 -1.95 2.98
N LYS A 26 -13.07 -2.46 1.76
CA LYS A 26 -13.52 -1.66 0.68
C LYS A 26 -14.90 -1.24 1.08
N SER A 27 -15.00 -0.06 1.60
CA SER A 27 -16.21 0.47 2.11
C SER A 27 -17.02 1.05 0.94
N SER A 28 -17.91 1.94 1.20
CA SER A 28 -18.69 2.58 0.16
C SER A 28 -17.75 3.38 -0.76
N ARG A 29 -16.68 3.91 -0.18
CA ARG A 29 -15.65 4.58 -0.96
C ARG A 29 -14.49 3.62 -1.25
N GLY A 30 -14.61 2.40 -0.76
CA GLY A 30 -13.65 1.40 -0.98
C GLY A 30 -12.50 1.47 -0.01
N PHE A 31 -11.31 1.47 -0.52
CA PHE A 31 -10.12 1.41 0.32
C PHE A 31 -9.67 2.79 0.67
N GLY A 32 -9.21 2.96 1.89
CA GLY A 32 -8.80 4.26 2.36
C GLY A 32 -7.36 4.58 2.03
N PHE A 33 -6.70 3.66 1.37
CA PHE A 33 -5.31 3.85 0.99
C PHE A 33 -5.17 4.01 -0.50
N THR A 34 -4.06 4.52 -0.87
CA THR A 34 -3.66 4.68 -2.20
C THR A 34 -2.47 3.80 -2.34
N VAL A 35 -2.21 3.33 -3.50
CA VAL A 35 -1.17 2.39 -3.63
C VAL A 35 -0.38 2.62 -4.89
N VAL A 36 0.89 2.40 -4.78
CA VAL A 36 1.78 2.61 -5.83
C VAL A 36 2.84 1.57 -5.77
N GLY A 37 3.59 1.49 -6.79
CA GLY A 37 4.59 0.55 -6.91
C GLY A 37 4.18 -0.39 -7.98
N GLY A 38 4.46 -1.68 -7.79
CA GLY A 38 4.05 -2.72 -8.73
C GLY A 38 4.41 -2.38 -10.12
N ASP A 39 5.53 -1.71 -10.27
CA ASP A 39 5.91 -1.17 -11.54
C ASP A 39 6.17 -2.30 -12.43
N GLU A 40 6.60 -3.39 -11.79
CA GLU A 40 6.87 -4.58 -12.53
C GLU A 40 6.91 -5.70 -11.58
N PRO A 41 6.87 -6.95 -12.06
CA PRO A 41 7.11 -8.12 -11.24
C PRO A 41 8.57 -8.13 -10.75
N ASP A 42 8.91 -7.06 -10.06
CA ASP A 42 10.27 -6.73 -9.62
C ASP A 42 10.28 -5.39 -8.84
N GLU A 43 9.20 -4.63 -8.97
CA GLU A 43 9.01 -3.43 -8.20
C GLU A 43 7.70 -3.66 -7.50
N PHE A 44 7.76 -3.54 -6.12
CA PHE A 44 6.74 -3.91 -5.04
C PHE A 44 5.62 -2.92 -4.91
N LEU A 45 4.46 -3.34 -4.31
CA LEU A 45 3.42 -2.37 -4.05
C LEU A 45 3.70 -1.80 -2.71
N GLN A 46 3.40 -0.58 -2.51
CA GLN A 46 3.50 0.03 -1.22
C GLN A 46 2.36 0.96 -1.09
N ILE A 47 2.04 1.25 0.11
CA ILE A 47 1.00 2.17 0.41
C ILE A 47 1.55 3.51 0.12
N LYS A 48 1.04 4.10 -0.95
CA LYS A 48 1.42 5.42 -1.37
C LYS A 48 1.15 6.34 -0.22
N SER A 49 -0.02 6.08 0.43
CA SER A 49 -0.49 6.74 1.63
C SER A 49 -1.97 6.50 1.80
N LEU A 50 -2.51 6.93 2.88
CA LEU A 50 -3.87 6.68 3.19
C LEU A 50 -4.53 7.88 3.79
N VAL A 51 -5.79 7.97 3.55
CA VAL A 51 -6.61 8.96 4.14
C VAL A 51 -6.82 8.51 5.57
N LEU A 52 -6.47 9.34 6.52
CA LEU A 52 -6.51 8.98 7.91
C LEU A 52 -7.91 8.77 8.47
N ASP A 53 -8.85 9.06 7.67
CA ASP A 53 -10.24 8.85 7.99
C ASP A 53 -10.74 7.58 7.36
N GLY A 54 -9.91 6.99 6.55
CA GLY A 54 -10.28 5.82 5.84
C GLY A 54 -9.98 4.59 6.63
N PRO A 55 -10.57 3.46 6.24
CA PRO A 55 -10.47 2.16 6.94
C PRO A 55 -9.03 1.76 7.25
N ALA A 56 -8.13 2.16 6.39
CA ALA A 56 -6.68 1.89 6.54
C ALA A 56 -6.12 2.44 7.88
N ALA A 57 -6.48 3.68 8.18
CA ALA A 57 -6.09 4.37 9.41
C ALA A 57 -6.91 3.90 10.60
N LEU A 58 -8.15 3.58 10.31
CA LEU A 58 -9.13 3.16 11.30
C LEU A 58 -8.84 1.80 11.85
N ASP A 59 -8.42 0.92 10.97
CA ASP A 59 -8.05 -0.45 11.32
C ASP A 59 -6.84 -0.40 12.19
N GLY A 60 -6.13 0.69 12.01
CA GLY A 60 -4.99 1.04 12.79
C GLY A 60 -3.80 0.19 12.52
N LYS A 61 -3.79 -0.44 11.39
CA LYS A 61 -2.77 -1.34 11.05
C LYS A 61 -2.03 -0.98 9.77
N MET A 62 -2.62 -0.16 8.92
CA MET A 62 -1.98 0.13 7.67
C MET A 62 -1.31 1.51 7.72
N GLU A 63 -0.05 1.57 7.31
CA GLU A 63 0.74 2.78 7.30
C GLU A 63 1.29 3.10 5.92
N THR A 64 1.70 4.32 5.77
CA THR A 64 2.25 4.82 4.55
C THR A 64 3.65 4.24 4.32
N GLY A 65 3.79 3.36 3.37
CA GLY A 65 5.08 2.79 3.07
C GLY A 65 5.10 1.30 3.22
N ASP A 66 4.10 0.74 3.90
CA ASP A 66 3.98 -0.72 4.06
C ASP A 66 3.84 -1.33 2.65
N VAL A 67 4.59 -2.35 2.32
CA VAL A 67 4.52 -2.95 0.98
C VAL A 67 3.42 -4.01 0.84
N ILE A 68 2.51 -3.82 -0.12
CA ILE A 68 1.53 -4.83 -0.44
C ILE A 68 2.23 -5.93 -1.19
N VAL A 69 2.04 -7.09 -0.61
CA VAL A 69 2.61 -8.36 -1.01
C VAL A 69 1.51 -9.35 -1.43
N SER A 70 0.41 -9.38 -0.73
CA SER A 70 -0.63 -10.34 -1.10
C SER A 70 -2.02 -9.81 -0.87
N VAL A 71 -2.94 -10.28 -1.70
CA VAL A 71 -4.35 -9.95 -1.59
C VAL A 71 -5.08 -11.18 -1.21
N ASN A 72 -5.65 -11.16 -0.02
CA ASN A 72 -6.42 -12.29 0.51
C ASN A 72 -5.50 -13.46 0.75
N ASP A 73 -5.16 -14.17 -0.31
CA ASP A 73 -4.17 -15.22 -0.25
C ASP A 73 -3.56 -15.45 -1.60
N THR A 74 -3.63 -14.46 -2.40
CA THR A 74 -3.04 -14.47 -3.68
C THR A 74 -1.82 -13.59 -3.59
N CYS A 75 -0.67 -14.17 -3.81
CA CYS A 75 0.56 -13.44 -3.79
C CYS A 75 0.53 -12.45 -4.93
N VAL A 76 0.39 -11.20 -4.58
CA VAL A 76 0.23 -10.14 -5.57
C VAL A 76 1.40 -9.16 -5.50
N LEU A 77 2.48 -9.62 -4.91
CA LEU A 77 3.66 -8.88 -4.70
C LEU A 77 4.16 -8.49 -6.06
N GLY A 78 4.12 -7.14 -6.36
CA GLY A 78 4.40 -6.58 -7.72
C GLY A 78 3.96 -7.51 -8.81
N HIS A 79 2.79 -8.16 -8.58
CA HIS A 79 2.12 -9.11 -9.49
C HIS A 79 2.25 -8.50 -10.84
N THR A 80 1.62 -7.42 -10.93
CA THR A 80 1.90 -6.29 -11.72
C THR A 80 1.01 -5.31 -11.12
N HIS A 81 1.37 -4.07 -11.00
CA HIS A 81 0.38 -3.10 -10.51
C HIS A 81 -0.94 -3.19 -11.31
N ALA A 82 -0.84 -3.54 -12.59
CA ALA A 82 -2.02 -3.78 -13.42
C ALA A 82 -2.90 -4.90 -12.81
N GLN A 83 -2.28 -6.03 -12.48
CA GLN A 83 -2.97 -7.17 -11.91
C GLN A 83 -3.57 -6.87 -10.56
N VAL A 84 -2.82 -6.18 -9.73
CA VAL A 84 -3.28 -5.85 -8.40
C VAL A 84 -4.46 -4.89 -8.45
N VAL A 85 -4.40 -3.88 -9.33
CA VAL A 85 -5.48 -2.92 -9.46
C VAL A 85 -6.71 -3.64 -9.99
N LYS A 86 -6.50 -4.57 -10.91
CA LYS A 86 -7.57 -5.36 -11.44
C LYS A 86 -8.19 -6.25 -10.35
N ILE A 87 -7.38 -6.76 -9.44
CA ILE A 87 -7.84 -7.56 -8.32
C ILE A 87 -8.68 -6.74 -7.33
N PHE A 88 -8.30 -5.51 -7.15
CA PHE A 88 -9.06 -4.59 -6.31
C PHE A 88 -10.32 -4.17 -7.02
N GLN A 89 -10.24 -4.13 -8.34
CA GLN A 89 -11.39 -3.90 -9.20
C GLN A 89 -12.31 -5.11 -9.20
N SER A 90 -11.71 -6.25 -8.95
CA SER A 90 -12.40 -7.50 -8.83
C SER A 90 -13.20 -7.50 -7.55
N ILE A 91 -12.59 -6.99 -6.50
CA ILE A 91 -13.24 -6.84 -5.26
C ILE A 91 -14.25 -5.69 -5.35
N PRO A 92 -15.48 -5.92 -4.92
CA PRO A 92 -16.57 -4.97 -5.06
C PRO A 92 -16.73 -4.04 -3.84
N ILE A 93 -17.43 -2.94 -4.03
CA ILE A 93 -17.70 -2.01 -2.96
C ILE A 93 -18.44 -2.66 -1.83
N GLY A 94 -17.96 -2.41 -0.65
CA GLY A 94 -18.58 -2.99 0.53
C GLY A 94 -17.90 -4.29 0.96
N ALA A 95 -16.75 -4.56 0.38
CA ALA A 95 -16.04 -5.81 0.62
C ALA A 95 -14.90 -5.58 1.60
N SER A 96 -14.04 -6.55 1.76
CA SER A 96 -12.86 -6.38 2.58
C SER A 96 -11.76 -7.27 2.06
N VAL A 97 -10.52 -6.96 2.41
CA VAL A 97 -9.43 -7.75 1.88
C VAL A 97 -8.37 -7.96 2.90
N ASP A 98 -8.02 -9.18 3.16
CA ASP A 98 -6.95 -9.44 4.10
C ASP A 98 -5.64 -9.31 3.34
N LEU A 99 -5.00 -8.21 3.52
CA LEU A 99 -3.83 -7.83 2.78
C LEU A 99 -2.56 -8.12 3.53
N GLU A 100 -1.61 -8.68 2.83
CA GLU A 100 -0.31 -8.93 3.37
C GLU A 100 0.59 -7.75 3.06
N LEU A 101 0.96 -7.05 4.09
CA LEU A 101 1.86 -5.92 4.02
C LEU A 101 3.21 -6.28 4.57
N CYS A 102 4.21 -5.73 3.98
CA CYS A 102 5.55 -5.83 4.47
C CYS A 102 6.00 -4.47 4.94
N ARG A 103 6.11 -4.30 6.17
CA ARG A 103 6.54 -3.05 6.69
C ARG A 103 8.00 -3.13 7.08
N GLY A 104 8.73 -2.16 6.64
CA GLY A 104 10.17 -2.13 6.82
C GLY A 104 10.84 -1.45 5.67
N TYR A 105 10.13 -1.34 4.59
CA TYR A 105 10.62 -0.62 3.45
C TYR A 105 10.02 0.78 3.45
N PRO A 106 10.87 1.79 3.34
CA PRO A 106 10.49 3.20 3.44
C PRO A 106 9.60 3.66 2.29
N LEU A 107 8.90 4.77 2.52
CA LEU A 107 8.06 5.41 1.56
C LEU A 107 8.84 5.84 0.34
N PRO A 108 8.32 5.50 -0.85
CA PRO A 108 8.91 5.90 -2.12
C PRO A 108 8.72 7.36 -2.34
N PHE A 109 7.57 7.81 -1.98
CA PHE A 109 7.20 9.15 -2.09
C PHE A 109 6.46 9.54 -0.88
N ASP A 110 6.61 10.75 -0.56
CA ASP A 110 6.14 11.35 0.59
C ASP A 110 5.10 12.43 0.28
N PRO A 111 3.82 12.03 0.19
CA PRO A 111 2.75 12.96 -0.09
C PRO A 111 2.07 13.49 1.18
N ASP A 112 1.58 12.56 1.95
CA ASP A 112 0.85 12.87 3.18
C ASP A 112 1.81 12.92 4.34
N ASP A 113 3.01 12.43 4.09
CA ASP A 113 4.04 12.39 5.12
C ASP A 113 4.60 13.72 5.23
N PRO A 114 4.47 14.29 6.40
CA PRO A 114 4.91 15.61 6.65
C PRO A 114 6.39 15.69 6.75
N ASN A 115 6.88 14.72 7.49
CA ASN A 115 8.18 14.62 8.12
C ASN A 115 9.36 14.75 7.18
N THR A 116 9.09 14.95 5.97
CA THR A 116 10.08 14.88 5.00
C THR A 116 10.62 16.25 4.60
N SER A 117 9.85 17.31 4.84
CA SER A 117 10.22 18.61 4.29
C SER A 117 9.51 19.76 4.91
N LEU A 118 10.26 20.86 5.06
CA LEU A 118 9.83 22.10 5.68
C LEU A 118 9.52 21.90 7.16
N VAL A 119 8.87 22.85 7.80
CA VAL A 119 8.49 22.72 9.20
C VAL A 119 7.50 21.55 9.38
N THR A 120 8.03 20.38 9.66
CA THR A 120 7.24 19.18 9.73
C THR A 120 7.58 18.35 10.94
N SER A 121 6.85 17.26 11.14
CA SER A 121 7.04 16.45 12.30
C SER A 121 8.44 15.82 12.30
N VAL A 122 9.14 16.02 13.42
CA VAL A 122 10.50 15.52 13.70
C VAL A 122 11.53 15.93 12.61
N ALA A 123 11.20 16.97 11.89
CA ALA A 123 12.06 17.46 10.84
C ALA A 123 11.77 18.93 10.59
N ILE A 124 12.53 19.77 11.20
CA ILE A 124 12.38 21.18 11.01
C ILE A 124 13.45 21.63 10.03
N LEU A 125 13.16 21.45 8.78
CA LEU A 125 14.03 21.82 7.68
C LEU A 125 13.28 22.84 6.85
N ASP A 126 12.85 23.85 7.52
CA ASP A 126 11.99 24.85 6.94
C ASP A 126 12.73 26.05 6.44
N LYS A 127 12.99 26.94 7.33
CA LYS A 127 13.72 28.18 7.12
C LYS A 127 13.86 28.87 8.45
N GLU A 128 13.92 28.05 9.47
CA GLU A 128 14.01 28.47 10.84
C GLU A 128 15.45 29.02 11.11
N PRO A 129 15.70 29.68 12.29
CA PRO A 129 16.99 30.29 12.71
C PRO A 129 18.25 29.70 12.04
N GLY A 1 15.33 1.98 -4.10
CA GLY A 1 14.38 3.01 -4.50
C GLY A 1 13.25 3.09 -3.54
N ALA A 2 12.44 4.12 -3.63
CA ALA A 2 11.32 4.30 -2.75
C ALA A 2 10.05 4.51 -3.55
N MET A 3 10.06 4.04 -4.75
CA MET A 3 8.90 4.08 -5.63
C MET A 3 9.14 3.03 -6.68
N GLY A 4 9.77 1.99 -6.22
CA GLY A 4 10.19 0.93 -7.05
C GLY A 4 11.59 0.59 -6.71
N LYS A 5 12.24 -0.16 -7.55
CA LYS A 5 13.62 -0.62 -7.37
C LYS A 5 13.85 -1.26 -5.98
N PRO A 6 13.07 -2.29 -5.58
CA PRO A 6 13.26 -2.99 -4.33
C PRO A 6 13.86 -4.39 -4.53
N PHE A 7 14.02 -5.13 -3.45
CA PHE A 7 14.47 -6.47 -3.53
C PHE A 7 13.26 -7.29 -3.74
N PHE A 8 13.08 -7.74 -4.91
CA PHE A 8 11.92 -8.47 -5.24
C PHE A 8 12.29 -9.93 -5.40
N THR A 9 11.53 -10.78 -4.77
CA THR A 9 11.79 -12.19 -4.86
C THR A 9 10.46 -12.96 -4.97
N ARG A 10 9.41 -12.19 -5.25
CA ARG A 10 8.00 -12.64 -5.46
C ARG A 10 7.42 -13.51 -4.33
N ASN A 11 8.13 -13.65 -3.25
CA ASN A 11 7.68 -14.49 -2.18
C ASN A 11 7.81 -13.75 -0.86
N PRO A 12 6.68 -13.60 -0.16
CA PRO A 12 6.61 -12.97 1.18
C PRO A 12 7.46 -13.69 2.23
N SER A 13 7.75 -14.95 1.98
CA SER A 13 8.56 -15.73 2.88
C SER A 13 10.04 -15.40 2.66
N GLU A 14 10.36 -15.05 1.44
CA GLU A 14 11.72 -14.78 1.03
C GLU A 14 12.10 -13.31 1.21
N LEU A 15 11.12 -12.45 1.21
CA LEU A 15 11.34 -11.03 1.41
C LEU A 15 11.45 -10.75 2.89
N LYS A 16 12.16 -9.70 3.24
CA LYS A 16 12.35 -9.37 4.58
C LYS A 16 11.67 -8.09 4.88
N GLY A 17 11.17 -8.04 6.02
CA GLY A 17 10.36 -6.96 6.48
C GLY A 17 9.48 -7.48 7.57
N LYS A 18 8.62 -6.67 8.10
CA LYS A 18 7.67 -7.16 9.05
C LYS A 18 6.41 -7.36 8.28
N PHE A 19 5.93 -8.53 8.28
CA PHE A 19 4.78 -8.83 7.46
C PHE A 19 3.57 -8.82 8.29
N ILE A 20 2.71 -7.95 7.93
CA ILE A 20 1.56 -7.62 8.69
C ILE A 20 0.32 -7.95 7.93
N HIS A 21 -0.64 -8.44 8.63
CA HIS A 21 -1.84 -8.88 8.07
C HIS A 21 -2.92 -7.89 8.39
N THR A 22 -3.57 -7.45 7.38
CA THR A 22 -4.57 -6.44 7.47
C THR A 22 -5.73 -6.84 6.60
N LYS A 23 -6.84 -6.32 6.87
CA LYS A 23 -8.00 -6.51 6.04
C LYS A 23 -8.56 -5.17 5.81
N LEU A 24 -8.69 -4.81 4.57
CA LEU A 24 -9.11 -3.49 4.25
C LEU A 24 -10.50 -3.56 3.76
N ARG A 25 -11.36 -2.93 4.48
CA ARG A 25 -12.72 -2.84 4.13
C ARG A 25 -12.90 -1.90 2.98
N LYS A 26 -13.14 -2.45 1.81
CA LYS A 26 -13.57 -1.68 0.69
C LYS A 26 -14.92 -1.13 1.08
N SER A 27 -14.91 0.08 1.55
CA SER A 27 -16.06 0.76 2.06
C SER A 27 -16.84 1.39 0.89
N SER A 28 -17.58 2.44 1.17
CA SER A 28 -18.33 3.17 0.17
C SER A 28 -17.37 3.71 -0.91
N ARG A 29 -16.20 4.16 -0.48
CA ARG A 29 -15.18 4.63 -1.38
C ARG A 29 -14.28 3.44 -1.76
N GLY A 30 -14.34 2.42 -0.93
CA GLY A 30 -13.58 1.26 -1.13
C GLY A 30 -12.37 1.29 -0.27
N PHE A 31 -11.21 1.27 -0.87
CA PHE A 31 -10.00 1.22 -0.09
C PHE A 31 -9.52 2.62 0.20
N GLY A 32 -9.11 2.82 1.44
CA GLY A 32 -8.69 4.13 1.87
C GLY A 32 -7.22 4.37 1.70
N PHE A 33 -6.53 3.48 1.01
CA PHE A 33 -5.11 3.65 0.77
C PHE A 33 -4.83 3.67 -0.71
N THR A 34 -3.68 4.14 -1.03
CA THR A 34 -3.20 4.24 -2.36
C THR A 34 -1.91 3.49 -2.43
N VAL A 35 -1.65 2.92 -3.55
CA VAL A 35 -0.46 2.19 -3.72
C VAL A 35 0.37 2.72 -4.84
N VAL A 36 1.64 2.64 -4.66
CA VAL A 36 2.53 2.98 -5.67
C VAL A 36 3.59 1.92 -5.79
N GLY A 37 4.09 1.80 -6.95
CA GLY A 37 5.08 0.87 -7.27
C GLY A 37 4.55 -0.06 -8.30
N GLY A 38 4.68 -1.36 -8.03
CA GLY A 38 4.19 -2.43 -8.86
C GLY A 38 4.45 -2.25 -10.30
N ASP A 39 5.60 -1.73 -10.63
CA ASP A 39 5.89 -1.47 -11.99
C ASP A 39 6.00 -2.75 -12.72
N GLU A 40 6.32 -3.85 -12.01
CA GLU A 40 6.48 -5.10 -12.69
C GLU A 40 6.61 -6.19 -11.73
N PRO A 41 6.56 -7.45 -12.19
CA PRO A 41 6.86 -8.61 -11.35
C PRO A 41 8.34 -8.61 -10.92
N ASP A 42 8.70 -7.54 -10.24
CA ASP A 42 10.08 -7.20 -9.82
C ASP A 42 10.12 -5.80 -9.15
N GLU A 43 9.02 -5.06 -9.27
CA GLU A 43 8.85 -3.80 -8.57
C GLU A 43 7.56 -3.94 -7.78
N PHE A 44 7.71 -3.72 -6.39
CA PHE A 44 6.73 -3.95 -5.21
C PHE A 44 5.65 -2.92 -5.08
N LEU A 45 4.53 -3.25 -4.37
CA LEU A 45 3.57 -2.20 -4.09
C LEU A 45 3.86 -1.66 -2.77
N GLN A 46 3.77 -0.40 -2.61
CA GLN A 46 3.88 0.19 -1.33
C GLN A 46 2.75 1.11 -1.16
N ILE A 47 2.45 1.40 0.04
CA ILE A 47 1.38 2.30 0.33
C ILE A 47 1.92 3.65 0.16
N LYS A 48 1.40 4.35 -0.80
CA LYS A 48 1.76 5.69 -0.95
C LYS A 48 1.22 6.41 0.26
N SER A 49 -0.07 6.17 0.57
CA SER A 49 -0.72 6.81 1.72
C SER A 49 -2.17 6.49 1.78
N LEU A 50 -2.78 6.92 2.84
CA LEU A 50 -4.11 6.58 3.17
C LEU A 50 -4.82 7.70 3.83
N VAL A 51 -6.09 7.70 3.65
CA VAL A 51 -7.00 8.59 4.30
C VAL A 51 -6.99 8.14 5.75
N LEU A 52 -6.53 8.99 6.67
CA LEU A 52 -6.47 8.59 8.06
C LEU A 52 -7.84 8.43 8.69
N ASP A 53 -8.80 8.86 7.99
CA ASP A 53 -10.17 8.73 8.37
C ASP A 53 -10.76 7.49 7.73
N GLY A 54 -10.01 6.89 6.84
CA GLY A 54 -10.48 5.77 6.08
C GLY A 54 -10.16 4.45 6.75
N PRO A 55 -10.68 3.34 6.19
CA PRO A 55 -10.58 1.98 6.78
C PRO A 55 -9.15 1.54 7.03
N ALA A 56 -8.26 2.08 6.23
CA ALA A 56 -6.83 1.79 6.33
C ALA A 56 -6.26 2.18 7.70
N ALA A 57 -6.57 3.40 8.11
CA ALA A 57 -6.14 3.95 9.39
C ALA A 57 -6.98 3.39 10.52
N LEU A 58 -8.22 3.11 10.22
CA LEU A 58 -9.17 2.56 11.16
C LEU A 58 -8.79 1.20 11.60
N ASP A 59 -8.43 0.38 10.63
CA ASP A 59 -7.97 -0.98 10.90
C ASP A 59 -6.72 -0.88 11.71
N GLY A 60 -5.98 0.13 11.38
CA GLY A 60 -4.78 0.49 12.10
C GLY A 60 -3.55 -0.16 11.56
N LYS A 61 -3.75 -1.19 10.79
CA LYS A 61 -2.69 -1.95 10.24
C LYS A 61 -2.04 -1.28 9.06
N MET A 62 -2.77 -0.45 8.34
CA MET A 62 -2.27 0.04 7.11
C MET A 62 -1.61 1.37 7.35
N GLU A 63 -0.38 1.49 6.92
CA GLU A 63 0.40 2.68 7.11
C GLU A 63 1.17 3.05 5.80
N THR A 64 1.49 4.30 5.71
CA THR A 64 2.24 4.87 4.61
C THR A 64 3.66 4.23 4.52
N GLY A 65 3.93 3.51 3.47
CA GLY A 65 5.26 2.98 3.27
C GLY A 65 5.32 1.49 3.39
N ASP A 66 4.27 0.90 3.93
CA ASP A 66 4.19 -0.56 4.07
C ASP A 66 4.10 -1.13 2.63
N VAL A 67 4.73 -2.22 2.36
CA VAL A 67 4.65 -2.83 1.03
C VAL A 67 3.56 -3.89 0.92
N ILE A 68 2.64 -3.69 -0.03
CA ILE A 68 1.65 -4.68 -0.37
C ILE A 68 2.33 -5.80 -1.12
N VAL A 69 2.13 -6.97 -0.52
CA VAL A 69 2.67 -8.24 -0.90
C VAL A 69 1.58 -9.23 -1.34
N SER A 70 0.43 -9.21 -0.73
CA SER A 70 -0.60 -10.19 -1.08
C SER A 70 -2.03 -9.70 -0.85
N VAL A 71 -2.96 -10.41 -1.49
CA VAL A 71 -4.40 -10.14 -1.44
C VAL A 71 -5.09 -11.43 -1.22
N ASN A 72 -5.95 -11.50 -0.20
CA ASN A 72 -6.72 -12.69 0.11
C ASN A 72 -5.77 -13.79 0.53
N ASP A 73 -5.32 -14.58 -0.41
CA ASP A 73 -4.24 -15.56 -0.19
C ASP A 73 -3.48 -15.75 -1.48
N THR A 74 -3.43 -14.72 -2.26
CA THR A 74 -2.72 -14.72 -3.50
C THR A 74 -1.60 -13.72 -3.40
N CYS A 75 -0.41 -14.17 -3.71
CA CYS A 75 0.73 -13.32 -3.73
C CYS A 75 0.56 -12.35 -4.87
N VAL A 76 0.45 -11.10 -4.54
CA VAL A 76 0.20 -10.07 -5.52
C VAL A 76 1.36 -9.06 -5.47
N LEU A 77 2.44 -9.51 -4.84
CA LEU A 77 3.64 -8.77 -4.63
C LEU A 77 4.13 -8.43 -5.99
N GLY A 78 4.13 -7.09 -6.32
CA GLY A 78 4.39 -6.59 -7.72
C GLY A 78 3.95 -7.57 -8.74
N HIS A 79 2.71 -8.04 -8.54
CA HIS A 79 2.00 -8.95 -9.44
C HIS A 79 2.13 -8.26 -10.76
N THR A 80 1.47 -7.18 -10.82
CA THR A 80 1.73 -6.04 -11.60
C THR A 80 0.86 -5.03 -11.00
N HIS A 81 1.24 -3.80 -10.93
CA HIS A 81 0.31 -2.78 -10.47
C HIS A 81 -1.04 -2.86 -11.27
N ALA A 82 -0.97 -3.25 -12.54
CA ALA A 82 -2.17 -3.47 -13.33
C ALA A 82 -3.02 -4.60 -12.73
N GLN A 83 -2.38 -5.71 -12.36
CA GLN A 83 -3.05 -6.83 -11.77
C GLN A 83 -3.65 -6.51 -10.43
N VAL A 84 -2.90 -5.81 -9.60
CA VAL A 84 -3.35 -5.46 -8.28
C VAL A 84 -4.60 -4.58 -8.34
N VAL A 85 -4.59 -3.58 -9.23
CA VAL A 85 -5.70 -2.69 -9.39
C VAL A 85 -6.91 -3.45 -9.90
N LYS A 86 -6.68 -4.37 -10.83
CA LYS A 86 -7.74 -5.20 -11.36
C LYS A 86 -8.37 -6.08 -10.28
N ILE A 87 -7.55 -6.60 -9.37
CA ILE A 87 -8.02 -7.40 -8.24
C ILE A 87 -8.89 -6.57 -7.28
N PHE A 88 -8.48 -5.37 -7.05
CA PHE A 88 -9.24 -4.44 -6.21
C PHE A 88 -10.52 -4.01 -6.91
N GLN A 89 -10.44 -3.91 -8.22
CA GLN A 89 -11.56 -3.63 -9.09
C GLN A 89 -12.47 -4.85 -9.20
N SER A 90 -11.91 -5.99 -8.89
CA SER A 90 -12.61 -7.25 -8.87
C SER A 90 -13.47 -7.31 -7.61
N ILE A 91 -12.86 -7.00 -6.49
CA ILE A 91 -13.53 -6.96 -5.21
C ILE A 91 -14.56 -5.82 -5.20
N PRO A 92 -15.76 -6.08 -4.70
CA PRO A 92 -16.89 -5.15 -4.77
C PRO A 92 -16.94 -4.16 -3.59
N ILE A 93 -17.68 -3.07 -3.79
CA ILE A 93 -17.87 -2.05 -2.76
C ILE A 93 -18.59 -2.63 -1.58
N GLY A 94 -18.07 -2.34 -0.44
CA GLY A 94 -18.66 -2.85 0.77
C GLY A 94 -18.00 -4.14 1.22
N ALA A 95 -16.87 -4.46 0.63
CA ALA A 95 -16.18 -5.70 0.90
C ALA A 95 -15.05 -5.46 1.87
N SER A 96 -14.22 -6.45 2.10
CA SER A 96 -13.02 -6.27 2.87
C SER A 96 -12.02 -7.26 2.38
N VAL A 97 -10.74 -7.00 2.59
CA VAL A 97 -9.75 -7.89 2.04
C VAL A 97 -8.61 -8.10 2.95
N ASP A 98 -8.31 -9.32 3.27
CA ASP A 98 -7.14 -9.59 4.06
C ASP A 98 -5.91 -9.52 3.15
N LEU A 99 -5.21 -8.44 3.27
CA LEU A 99 -4.05 -8.12 2.50
C LEU A 99 -2.82 -8.39 3.36
N GLU A 100 -1.71 -8.59 2.73
CA GLU A 100 -0.49 -8.77 3.45
C GLU A 100 0.47 -7.64 3.11
N LEU A 101 0.87 -6.92 4.13
CA LEU A 101 1.79 -5.81 4.06
C LEU A 101 3.14 -6.22 4.60
N CYS A 102 4.12 -5.44 4.30
CA CYS A 102 5.44 -5.63 4.78
C CYS A 102 6.06 -4.29 5.13
N ARG A 103 6.37 -4.10 6.33
CA ARG A 103 7.02 -2.90 6.75
C ARG A 103 8.47 -3.05 6.89
N GLY A 104 9.16 -2.09 6.38
CA GLY A 104 10.58 -2.09 6.42
C GLY A 104 11.12 -1.33 5.29
N TYR A 105 10.35 -1.26 4.25
CA TYR A 105 10.75 -0.50 3.11
C TYR A 105 10.47 0.97 3.29
N PRO A 106 11.42 1.82 2.81
CA PRO A 106 11.32 3.28 2.89
C PRO A 106 10.03 3.77 2.27
N LEU A 107 9.46 4.76 2.89
CA LEU A 107 8.21 5.30 2.49
C LEU A 107 8.35 5.96 1.12
N PRO A 108 7.42 5.65 0.22
CA PRO A 108 7.40 6.12 -1.15
C PRO A 108 7.72 7.56 -1.36
N PHE A 109 8.51 7.70 -2.39
CA PHE A 109 9.09 8.94 -2.87
C PHE A 109 8.03 10.01 -3.09
N ASP A 110 8.44 11.23 -2.92
CA ASP A 110 7.60 12.39 -3.06
C ASP A 110 8.08 13.30 -4.16
N PRO A 111 7.43 13.22 -5.30
CA PRO A 111 7.63 14.15 -6.36
C PRO A 111 6.53 15.23 -6.37
N ASP A 112 5.32 14.79 -6.56
CA ASP A 112 4.16 15.67 -6.61
C ASP A 112 3.20 15.25 -5.53
N ASP A 113 3.73 14.52 -4.59
CA ASP A 113 2.92 13.98 -3.50
C ASP A 113 2.49 15.06 -2.57
N PRO A 114 1.18 15.21 -2.44
CA PRO A 114 0.60 16.23 -1.58
C PRO A 114 0.83 15.90 -0.17
N ASN A 115 0.78 14.61 0.05
CA ASN A 115 0.74 13.96 1.31
C ASN A 115 1.88 14.28 2.21
N THR A 116 2.86 14.89 1.67
CA THR A 116 4.05 15.13 2.39
C THR A 116 4.12 16.57 2.84
N SER A 117 3.21 17.36 2.36
CA SER A 117 3.22 18.76 2.57
C SER A 117 1.83 19.17 3.02
N LEU A 118 1.68 20.39 3.41
CA LEU A 118 0.38 20.91 3.75
C LEU A 118 -0.43 21.07 2.49
N VAL A 119 -1.75 21.04 2.64
CA VAL A 119 -2.70 21.06 1.54
C VAL A 119 -2.60 19.69 0.83
N THR A 120 -2.59 18.66 1.64
CA THR A 120 -2.49 17.30 1.19
C THR A 120 -3.90 16.71 0.94
N SER A 121 -3.93 15.45 0.61
CA SER A 121 -5.07 14.66 0.32
C SER A 121 -5.93 14.37 1.59
N VAL A 122 -6.08 15.35 2.44
CA VAL A 122 -6.88 15.21 3.64
C VAL A 122 -8.15 16.06 3.47
N ALA A 123 -8.23 16.63 2.31
CA ALA A 123 -9.30 17.52 1.93
C ALA A 123 -9.21 17.77 0.43
N ILE A 124 -9.75 16.86 -0.33
CA ILE A 124 -9.73 17.02 -1.78
C ILE A 124 -10.96 17.78 -2.17
N LEU A 125 -10.84 19.06 -2.12
CA LEU A 125 -11.90 19.95 -2.47
C LEU A 125 -11.52 20.56 -3.78
N ASP A 126 -12.23 20.22 -4.78
CA ASP A 126 -11.96 20.68 -6.12
C ASP A 126 -12.51 22.05 -6.32
N LYS A 127 -11.68 23.01 -6.14
CA LYS A 127 -12.07 24.37 -6.34
C LYS A 127 -11.35 24.95 -7.54
N GLU A 128 -10.69 24.06 -8.25
CA GLU A 128 -10.04 24.40 -9.51
C GLU A 128 -11.15 24.50 -10.56
N PRO A 129 -11.07 25.45 -11.52
CA PRO A 129 -12.04 25.60 -12.60
C PRO A 129 -12.31 24.29 -13.34
N GLY A 1 16.53 2.00 -13.56
CA GLY A 1 15.09 2.15 -13.45
C GLY A 1 14.75 3.59 -13.25
N ALA A 2 13.55 3.98 -13.60
CA ALA A 2 13.12 5.36 -13.44
C ALA A 2 12.97 5.73 -11.99
N MET A 3 12.48 4.78 -11.21
CA MET A 3 12.29 4.94 -9.79
C MET A 3 12.17 3.57 -9.16
N GLY A 4 12.08 3.51 -7.85
CA GLY A 4 11.85 2.26 -7.15
C GLY A 4 12.99 1.26 -7.29
N LYS A 5 12.67 0.13 -7.92
CA LYS A 5 13.60 -1.01 -8.13
C LYS A 5 14.13 -1.60 -6.81
N PRO A 6 13.25 -2.22 -6.01
CA PRO A 6 13.61 -2.82 -4.73
C PRO A 6 14.01 -4.29 -4.89
N PHE A 7 14.34 -4.94 -3.78
CA PHE A 7 14.67 -6.32 -3.74
C PHE A 7 13.40 -7.09 -3.76
N PHE A 8 13.13 -7.66 -4.86
CA PHE A 8 11.93 -8.40 -5.06
C PHE A 8 12.31 -9.87 -5.13
N THR A 9 11.52 -10.71 -4.52
CA THR A 9 11.82 -12.12 -4.54
C THR A 9 10.53 -12.96 -4.62
N ARG A 10 9.42 -12.27 -4.88
CA ARG A 10 8.06 -12.82 -5.05
C ARG A 10 7.51 -13.62 -3.85
N ASN A 11 8.38 -14.08 -2.99
CA ASN A 11 8.00 -14.85 -1.85
C ASN A 11 8.11 -14.00 -0.59
N PRO A 12 6.97 -13.71 0.06
CA PRO A 12 6.91 -12.98 1.35
C PRO A 12 7.82 -13.59 2.44
N SER A 13 8.09 -14.88 2.36
CA SER A 13 8.95 -15.55 3.32
C SER A 13 10.43 -15.19 3.09
N GLU A 14 10.75 -14.83 1.87
CA GLU A 14 12.12 -14.54 1.49
C GLU A 14 12.43 -13.07 1.65
N LEU A 15 11.45 -12.22 1.39
CA LEU A 15 11.60 -10.79 1.55
C LEU A 15 11.64 -10.45 3.03
N LYS A 16 12.24 -9.33 3.33
CA LYS A 16 12.37 -8.89 4.66
C LYS A 16 11.45 -7.76 4.89
N GLY A 17 11.16 -7.56 6.10
CA GLY A 17 10.18 -6.58 6.50
C GLY A 17 9.23 -7.22 7.48
N LYS A 18 8.33 -6.45 8.06
CA LYS A 18 7.36 -7.06 8.93
C LYS A 18 6.14 -7.31 8.11
N PHE A 19 5.72 -8.52 8.08
CA PHE A 19 4.65 -8.90 7.23
C PHE A 19 3.40 -9.02 8.03
N ILE A 20 2.58 -8.12 7.73
CA ILE A 20 1.34 -7.86 8.37
C ILE A 20 0.22 -8.33 7.48
N HIS A 21 -0.82 -8.81 8.08
CA HIS A 21 -1.92 -9.30 7.36
C HIS A 21 -3.17 -8.69 7.92
N THR A 22 -3.80 -7.90 7.13
CA THR A 22 -4.97 -7.21 7.54
C THR A 22 -6.01 -7.19 6.46
N LYS A 23 -7.21 -7.40 6.85
CA LYS A 23 -8.35 -7.32 5.97
C LYS A 23 -8.82 -5.89 5.95
N LEU A 24 -8.91 -5.36 4.75
CA LEU A 24 -9.29 -3.99 4.58
C LEU A 24 -10.66 -3.99 4.02
N ARG A 25 -11.56 -3.37 4.71
CA ARG A 25 -12.90 -3.31 4.25
C ARG A 25 -13.05 -2.22 3.23
N LYS A 26 -13.24 -2.63 2.00
CA LYS A 26 -13.61 -1.74 0.93
C LYS A 26 -14.97 -1.19 1.32
N SER A 27 -14.95 -0.04 1.88
CA SER A 27 -16.10 0.65 2.41
C SER A 27 -16.69 1.53 1.30
N SER A 28 -17.38 2.58 1.67
CA SER A 28 -17.96 3.52 0.76
C SER A 28 -16.90 4.10 -0.22
N ARG A 29 -15.73 4.44 0.33
CA ARG A 29 -14.62 4.91 -0.51
C ARG A 29 -13.87 3.66 -1.01
N GLY A 30 -14.07 2.56 -0.34
CA GLY A 30 -13.42 1.37 -0.67
C GLY A 30 -12.24 1.23 0.24
N PHE A 31 -11.07 1.26 -0.30
CA PHE A 31 -9.90 1.13 0.52
C PHE A 31 -9.43 2.49 0.89
N GLY A 32 -8.97 2.64 2.11
CA GLY A 32 -8.54 3.92 2.60
C GLY A 32 -7.09 4.20 2.28
N PHE A 33 -6.43 3.26 1.67
CA PHE A 33 -5.05 3.41 1.29
C PHE A 33 -4.94 3.46 -0.21
N THR A 34 -3.84 3.93 -0.66
CA THR A 34 -3.50 4.03 -2.04
C THR A 34 -2.21 3.29 -2.22
N VAL A 35 -1.94 2.82 -3.39
CA VAL A 35 -0.73 2.11 -3.63
C VAL A 35 0.05 2.66 -4.78
N VAL A 36 1.33 2.53 -4.67
CA VAL A 36 2.20 2.89 -5.69
C VAL A 36 3.29 1.86 -5.76
N GLY A 37 3.79 1.69 -6.91
CA GLY A 37 4.79 0.73 -7.14
C GLY A 37 4.27 -0.25 -8.11
N GLY A 38 4.52 -1.53 -7.88
CA GLY A 38 4.04 -2.61 -8.73
C GLY A 38 4.39 -2.39 -10.13
N ASP A 39 5.51 -1.76 -10.35
CA ASP A 39 5.86 -1.33 -11.65
C ASP A 39 6.20 -2.49 -12.49
N GLU A 40 6.53 -3.60 -11.83
CA GLU A 40 6.82 -4.80 -12.55
C GLU A 40 6.84 -5.93 -11.61
N PRO A 41 6.82 -7.18 -12.11
CA PRO A 41 7.02 -8.37 -11.27
C PRO A 41 8.46 -8.39 -10.74
N ASP A 42 8.78 -7.33 -10.04
CA ASP A 42 10.14 -6.96 -9.59
C ASP A 42 10.13 -5.60 -8.87
N GLU A 43 9.06 -4.84 -9.02
CA GLU A 43 8.86 -3.66 -8.27
C GLU A 43 7.55 -3.83 -7.56
N PHE A 44 7.63 -3.64 -6.20
CA PHE A 44 6.64 -3.94 -5.09
C PHE A 44 5.54 -2.92 -4.98
N LEU A 45 4.38 -3.29 -4.36
CA LEU A 45 3.41 -2.26 -4.11
C LEU A 45 3.72 -1.72 -2.79
N GLN A 46 3.57 -0.47 -2.60
CA GLN A 46 3.71 0.09 -1.30
C GLN A 46 2.61 1.08 -1.15
N ILE A 47 2.22 1.30 0.06
CA ILE A 47 1.15 2.20 0.36
C ILE A 47 1.62 3.57 0.08
N LYS A 48 1.07 4.14 -0.98
CA LYS A 48 1.35 5.50 -1.36
C LYS A 48 1.03 6.37 -0.18
N SER A 49 -0.11 6.02 0.49
CA SER A 49 -0.58 6.69 1.70
C SER A 49 -2.02 6.36 1.93
N LEU A 50 -2.52 6.78 3.03
CA LEU A 50 -3.83 6.45 3.47
C LEU A 50 -4.53 7.62 4.06
N VAL A 51 -5.79 7.60 3.86
CA VAL A 51 -6.68 8.58 4.38
C VAL A 51 -6.98 8.15 5.74
N LEU A 52 -6.82 9.07 6.60
CA LEU A 52 -7.01 8.92 7.95
C LEU A 52 -8.44 8.71 8.32
N ASP A 53 -9.25 8.98 7.39
CA ASP A 53 -10.67 8.73 7.47
C ASP A 53 -10.96 7.31 7.06
N GLY A 54 -10.06 6.78 6.28
CA GLY A 54 -10.24 5.53 5.67
C GLY A 54 -9.95 4.37 6.58
N PRO A 55 -10.56 3.23 6.28
CA PRO A 55 -10.45 1.98 7.06
C PRO A 55 -9.00 1.57 7.34
N ALA A 56 -8.12 1.90 6.42
CA ALA A 56 -6.69 1.58 6.55
C ALA A 56 -6.06 2.22 7.80
N ALA A 57 -6.38 3.49 8.02
CA ALA A 57 -5.92 4.27 9.17
C ALA A 57 -6.72 3.90 10.41
N LEU A 58 -7.99 3.63 10.19
CA LEU A 58 -8.93 3.29 11.23
C LEU A 58 -8.60 1.99 11.88
N ASP A 59 -8.24 1.01 11.07
CA ASP A 59 -7.84 -0.29 11.60
C ASP A 59 -6.43 -0.14 12.13
N GLY A 60 -5.78 0.88 11.60
CA GLY A 60 -4.44 1.27 11.99
C GLY A 60 -3.40 0.26 11.59
N LYS A 61 -3.66 -0.41 10.51
CA LYS A 61 -2.87 -1.46 10.07
C LYS A 61 -1.90 -1.00 9.03
N MET A 62 -2.32 0.01 8.31
CA MET A 62 -1.52 0.52 7.25
C MET A 62 -0.71 1.73 7.66
N GLU A 63 0.43 1.86 7.05
CA GLU A 63 1.26 3.00 7.15
C GLU A 63 1.81 3.29 5.76
N THR A 64 2.14 4.53 5.51
CA THR A 64 2.69 4.95 4.25
C THR A 64 4.03 4.21 3.95
N GLY A 65 4.02 3.35 2.96
CA GLY A 65 5.21 2.67 2.55
C GLY A 65 5.16 1.18 2.80
N ASP A 66 4.09 0.69 3.45
CA ASP A 66 3.93 -0.77 3.63
C ASP A 66 3.83 -1.40 2.26
N VAL A 67 4.64 -2.36 2.00
CA VAL A 67 4.63 -3.01 0.73
C VAL A 67 3.52 -4.06 0.63
N ILE A 68 2.53 -3.80 -0.21
CA ILE A 68 1.52 -4.78 -0.50
C ILE A 68 2.18 -5.92 -1.25
N VAL A 69 1.94 -7.08 -0.63
CA VAL A 69 2.49 -8.37 -0.99
C VAL A 69 1.41 -9.36 -1.45
N SER A 70 0.29 -9.41 -0.79
CA SER A 70 -0.72 -10.36 -1.20
C SER A 70 -2.12 -9.86 -0.95
N VAL A 71 -3.04 -10.41 -1.69
CA VAL A 71 -4.44 -10.09 -1.61
C VAL A 71 -5.23 -11.37 -1.65
N ASN A 72 -6.14 -11.57 -0.69
CA ASN A 72 -7.00 -12.78 -0.68
C ASN A 72 -6.14 -14.05 -0.61
N ASP A 73 -4.98 -13.89 0.03
CA ASP A 73 -3.97 -14.95 0.19
C ASP A 73 -3.29 -15.36 -1.11
N THR A 74 -3.42 -14.52 -2.09
CA THR A 74 -2.79 -14.70 -3.37
C THR A 74 -1.67 -13.69 -3.47
N CYS A 75 -0.49 -14.18 -3.75
CA CYS A 75 0.68 -13.37 -3.88
C CYS A 75 0.49 -12.39 -5.01
N VAL A 76 0.37 -11.16 -4.65
CA VAL A 76 0.14 -10.13 -5.62
C VAL A 76 1.30 -9.13 -5.55
N LEU A 77 2.37 -9.59 -4.92
CA LEU A 77 3.58 -8.87 -4.69
C LEU A 77 4.09 -8.51 -6.03
N GLY A 78 4.09 -7.17 -6.33
CA GLY A 78 4.36 -6.62 -7.71
C GLY A 78 3.95 -7.55 -8.80
N HIS A 79 2.72 -8.13 -8.60
CA HIS A 79 2.05 -9.04 -9.53
C HIS A 79 2.18 -8.38 -10.85
N THR A 80 1.52 -7.29 -10.91
CA THR A 80 1.79 -6.14 -11.67
C THR A 80 0.90 -5.15 -11.06
N HIS A 81 1.27 -3.92 -10.95
CA HIS A 81 0.31 -2.94 -10.48
C HIS A 81 -1.03 -3.02 -11.27
N ALA A 82 -0.93 -3.35 -12.55
CA ALA A 82 -2.12 -3.58 -13.38
C ALA A 82 -2.98 -4.71 -12.78
N GLN A 83 -2.34 -5.81 -12.43
CA GLN A 83 -3.01 -6.96 -11.84
C GLN A 83 -3.61 -6.65 -10.50
N VAL A 84 -2.87 -5.94 -9.68
CA VAL A 84 -3.32 -5.60 -8.35
C VAL A 84 -4.55 -4.68 -8.40
N VAL A 85 -4.51 -3.67 -9.26
CA VAL A 85 -5.60 -2.73 -9.38
C VAL A 85 -6.82 -3.44 -9.93
N LYS A 86 -6.60 -4.35 -10.87
CA LYS A 86 -7.68 -5.13 -11.44
C LYS A 86 -8.33 -6.05 -10.39
N ILE A 87 -7.53 -6.54 -9.44
CA ILE A 87 -8.04 -7.37 -8.37
C ILE A 87 -8.89 -6.54 -7.37
N PHE A 88 -8.48 -5.35 -7.13
CA PHE A 88 -9.22 -4.43 -6.27
C PHE A 88 -10.48 -3.94 -6.98
N GLN A 89 -10.39 -3.83 -8.30
CA GLN A 89 -11.50 -3.54 -9.18
C GLN A 89 -12.45 -4.73 -9.25
N SER A 90 -11.88 -5.88 -9.05
CA SER A 90 -12.59 -7.12 -9.04
C SER A 90 -13.43 -7.21 -7.76
N ILE A 91 -12.88 -6.66 -6.70
CA ILE A 91 -13.55 -6.58 -5.47
C ILE A 91 -14.53 -5.39 -5.48
N PRO A 92 -15.75 -5.59 -5.00
CA PRO A 92 -16.81 -4.59 -5.06
C PRO A 92 -16.87 -3.69 -3.81
N ILE A 93 -17.55 -2.56 -3.92
CA ILE A 93 -17.74 -1.65 -2.78
C ILE A 93 -18.53 -2.31 -1.70
N GLY A 94 -18.05 -2.18 -0.51
CA GLY A 94 -18.71 -2.81 0.61
C GLY A 94 -18.09 -4.15 0.94
N ALA A 95 -16.93 -4.42 0.38
CA ALA A 95 -16.30 -5.73 0.53
C ALA A 95 -15.18 -5.64 1.55
N SER A 96 -14.38 -6.68 1.67
CA SER A 96 -13.23 -6.64 2.56
C SER A 96 -12.17 -7.56 2.03
N VAL A 97 -10.91 -7.32 2.36
CA VAL A 97 -9.85 -8.12 1.77
C VAL A 97 -8.72 -8.37 2.70
N ASP A 98 -8.35 -9.60 2.86
CA ASP A 98 -7.18 -9.92 3.65
C ASP A 98 -5.94 -9.70 2.82
N LEU A 99 -5.27 -8.66 3.14
CA LEU A 99 -4.06 -8.23 2.47
C LEU A 99 -2.83 -8.53 3.31
N GLU A 100 -1.79 -8.91 2.65
CA GLU A 100 -0.48 -9.14 3.26
C GLU A 100 0.40 -7.96 2.82
N LEU A 101 1.01 -7.30 3.76
CA LEU A 101 1.85 -6.14 3.51
C LEU A 101 3.12 -6.22 4.34
N CYS A 102 4.13 -5.55 3.88
CA CYS A 102 5.41 -5.56 4.51
C CYS A 102 5.87 -4.18 4.96
N ARG A 103 6.02 -4.05 6.20
CA ARG A 103 6.54 -2.84 6.80
C ARG A 103 8.05 -2.96 6.85
N GLY A 104 8.72 -2.18 6.07
CA GLY A 104 10.15 -2.25 6.03
C GLY A 104 10.72 -1.34 5.02
N TYR A 105 10.02 -1.20 3.93
CA TYR A 105 10.49 -0.33 2.87
C TYR A 105 9.94 1.06 3.01
N PRO A 106 10.79 2.06 2.81
CA PRO A 106 10.38 3.45 2.76
C PRO A 106 9.63 3.68 1.48
N LEU A 107 8.86 4.74 1.43
CA LEU A 107 8.09 5.09 0.27
C LEU A 107 8.97 5.16 -0.99
N PRO A 108 8.54 4.47 -2.05
CA PRO A 108 9.34 4.25 -3.25
C PRO A 108 9.52 5.47 -4.10
N PHE A 109 8.47 6.16 -4.30
CA PHE A 109 8.46 7.27 -5.19
C PHE A 109 7.67 8.39 -4.59
N ASP A 110 8.04 9.60 -4.93
CA ASP A 110 7.34 10.78 -4.48
C ASP A 110 6.63 11.45 -5.62
N PRO A 111 5.35 11.20 -5.74
CA PRO A 111 4.51 11.93 -6.63
C PRO A 111 3.78 13.04 -5.88
N ASP A 112 3.06 12.63 -4.88
CA ASP A 112 2.20 13.44 -4.05
C ASP A 112 2.72 13.38 -2.64
N ASP A 113 3.87 12.75 -2.48
CA ASP A 113 4.40 12.44 -1.14
C ASP A 113 4.91 13.65 -0.44
N PRO A 114 4.20 14.03 0.59
CA PRO A 114 4.52 15.20 1.34
C PRO A 114 5.62 14.90 2.30
N ASN A 115 5.54 13.66 2.72
CA ASN A 115 6.21 12.96 3.78
C ASN A 115 7.71 13.08 3.75
N THR A 116 8.16 13.67 2.75
CA THR A 116 9.49 13.67 2.46
C THR A 116 10.23 14.91 3.03
N SER A 117 9.53 15.78 3.79
CA SER A 117 10.22 16.93 4.37
C SER A 117 9.68 17.34 5.74
N LEU A 118 10.44 17.01 6.78
CA LEU A 118 10.08 17.30 8.18
C LEU A 118 8.68 16.77 8.50
N VAL A 119 8.00 17.40 9.42
CA VAL A 119 6.61 17.06 9.74
C VAL A 119 5.71 17.17 8.49
N THR A 120 5.42 16.04 7.90
CA THR A 120 4.62 15.97 6.71
C THR A 120 3.67 14.77 6.77
N SER A 121 2.67 14.74 5.88
CA SER A 121 1.59 13.75 5.91
C SER A 121 0.65 14.05 7.08
N VAL A 122 0.54 15.32 7.37
CA VAL A 122 -0.29 15.83 8.41
C VAL A 122 -0.90 17.17 7.98
N ALA A 123 -2.19 17.16 7.81
CA ALA A 123 -2.96 18.31 7.42
C ALA A 123 -4.34 18.19 8.03
N ILE A 124 -4.40 18.33 9.32
CA ILE A 124 -5.62 18.15 10.06
C ILE A 124 -6.44 19.44 9.98
N LEU A 125 -7.21 19.54 8.95
CA LEU A 125 -8.03 20.71 8.69
C LEU A 125 -9.50 20.32 8.79
N ASP A 126 -9.78 19.46 9.71
CA ASP A 126 -11.11 18.98 9.98
C ASP A 126 -11.20 18.68 11.45
N LYS A 127 -12.42 18.69 12.00
CA LYS A 127 -12.68 18.52 13.45
C LYS A 127 -12.14 19.77 14.17
N GLU A 128 -11.95 20.79 13.38
CA GLU A 128 -11.40 22.04 13.77
C GLU A 128 -12.55 22.99 14.15
N PRO A 129 -12.36 23.87 15.16
CA PRO A 129 -13.35 24.91 15.51
C PRO A 129 -13.74 25.75 14.28
N GLY A 1 10.34 1.08 -11.36
CA GLY A 1 11.26 2.18 -11.64
C GLY A 1 11.53 3.01 -10.40
N ALA A 2 11.66 4.31 -10.58
CA ALA A 2 12.04 5.26 -9.52
C ALA A 2 11.13 5.22 -8.29
N MET A 3 9.86 4.93 -8.49
CA MET A 3 8.92 4.89 -7.38
C MET A 3 8.81 3.50 -6.77
N GLY A 4 9.71 2.61 -7.18
CA GLY A 4 9.74 1.29 -6.66
C GLY A 4 11.14 0.92 -6.22
N LYS A 5 11.86 0.25 -7.10
CA LYS A 5 13.26 -0.21 -6.89
C LYS A 5 13.47 -1.02 -5.59
N PRO A 6 12.71 -2.10 -5.37
CA PRO A 6 12.82 -2.92 -4.19
C PRO A 6 13.46 -4.30 -4.48
N PHE A 7 13.78 -5.03 -3.41
CA PHE A 7 14.26 -6.34 -3.52
C PHE A 7 13.07 -7.22 -3.70
N PHE A 8 12.88 -7.67 -4.87
CA PHE A 8 11.74 -8.47 -5.20
C PHE A 8 12.15 -9.92 -5.25
N THR A 9 11.38 -10.77 -4.63
CA THR A 9 11.66 -12.18 -4.67
C THR A 9 10.36 -12.98 -4.79
N ARG A 10 9.28 -12.25 -5.01
CA ARG A 10 7.89 -12.75 -5.25
C ARG A 10 7.26 -13.50 -4.07
N ASN A 11 8.06 -14.11 -3.26
CA ASN A 11 7.55 -14.82 -2.10
C ASN A 11 7.72 -13.95 -0.86
N PRO A 12 6.60 -13.67 -0.18
CA PRO A 12 6.57 -12.92 1.09
C PRO A 12 7.47 -13.55 2.17
N SER A 13 7.67 -14.85 2.09
CA SER A 13 8.47 -15.58 3.03
C SER A 13 9.97 -15.31 2.78
N GLU A 14 10.29 -14.99 1.56
CA GLU A 14 11.66 -14.74 1.16
C GLU A 14 12.03 -13.29 1.36
N LEU A 15 11.04 -12.42 1.37
CA LEU A 15 11.25 -11.00 1.57
C LEU A 15 11.35 -10.67 3.03
N LYS A 16 11.98 -9.55 3.35
CA LYS A 16 12.12 -9.14 4.66
C LYS A 16 11.48 -7.82 4.86
N GLY A 17 11.01 -7.67 6.01
CA GLY A 17 10.20 -6.56 6.40
C GLY A 17 9.27 -7.02 7.48
N LYS A 18 8.47 -6.16 8.01
CA LYS A 18 7.47 -6.56 8.97
C LYS A 18 6.27 -6.95 8.20
N PHE A 19 5.80 -8.10 8.39
CA PHE A 19 4.67 -8.51 7.58
C PHE A 19 3.44 -8.43 8.37
N ILE A 20 2.55 -7.64 7.89
CA ILE A 20 1.36 -7.26 8.58
C ILE A 20 0.16 -7.67 7.80
N HIS A 21 -0.79 -8.21 8.47
CA HIS A 21 -1.95 -8.71 7.84
C HIS A 21 -3.15 -7.89 8.27
N THR A 22 -3.72 -7.23 7.33
CA THR A 22 -4.87 -6.42 7.55
C THR A 22 -5.84 -6.55 6.42
N LYS A 23 -7.03 -6.76 6.76
CA LYS A 23 -8.09 -6.85 5.84
C LYS A 23 -8.69 -5.50 5.71
N LEU A 24 -8.75 -5.02 4.50
CA LEU A 24 -9.16 -3.69 4.25
C LEU A 24 -10.52 -3.71 3.68
N ARG A 25 -11.40 -3.08 4.37
CA ARG A 25 -12.74 -2.97 3.96
C ARG A 25 -12.86 -1.95 2.84
N LYS A 26 -12.99 -2.45 1.63
CA LYS A 26 -13.39 -1.67 0.51
C LYS A 26 -14.75 -1.11 0.88
N SER A 27 -14.75 0.09 1.34
CA SER A 27 -15.92 0.73 1.87
C SER A 27 -15.95 2.11 1.30
N SER A 28 -17.14 2.58 0.91
CA SER A 28 -17.40 3.88 0.29
C SER A 28 -16.49 4.17 -0.92
N ARG A 29 -15.28 4.62 -0.65
CA ARG A 29 -14.33 4.88 -1.70
C ARG A 29 -13.80 3.51 -2.19
N GLY A 30 -13.93 2.51 -1.33
CA GLY A 30 -13.60 1.21 -1.69
C GLY A 30 -12.19 0.85 -1.31
N PHE A 31 -11.66 1.53 -0.28
CA PHE A 31 -10.42 1.28 0.54
C PHE A 31 -10.02 2.61 1.08
N GLY A 32 -9.06 2.62 1.99
CA GLY A 32 -8.65 3.87 2.58
C GLY A 32 -7.20 4.19 2.28
N PHE A 33 -6.58 3.34 1.48
CA PHE A 33 -5.19 3.51 1.10
C PHE A 33 -5.02 3.55 -0.41
N THR A 34 -3.88 4.02 -0.82
CA THR A 34 -3.48 4.09 -2.19
C THR A 34 -2.20 3.31 -2.32
N VAL A 35 -2.01 2.71 -3.44
CA VAL A 35 -0.80 2.00 -3.67
C VAL A 35 -0.08 2.53 -4.84
N VAL A 36 1.20 2.45 -4.78
CA VAL A 36 2.02 2.81 -5.86
C VAL A 36 3.16 1.81 -5.96
N GLY A 37 3.71 1.76 -7.11
CA GLY A 37 4.77 0.89 -7.39
C GLY A 37 4.31 -0.10 -8.40
N GLY A 38 4.55 -1.37 -8.11
CA GLY A 38 4.09 -2.46 -8.93
C GLY A 38 4.44 -2.32 -10.36
N ASP A 39 5.60 -1.77 -10.65
CA ASP A 39 5.95 -1.50 -12.01
C ASP A 39 6.13 -2.78 -12.74
N GLU A 40 6.39 -3.88 -11.99
CA GLU A 40 6.57 -5.15 -12.65
C GLU A 40 6.61 -6.22 -11.63
N PRO A 41 6.56 -7.51 -12.05
CA PRO A 41 6.77 -8.65 -11.15
C PRO A 41 8.23 -8.69 -10.64
N ASP A 42 8.64 -7.54 -10.13
CA ASP A 42 10.03 -7.19 -9.74
C ASP A 42 10.08 -5.78 -9.10
N GLU A 43 8.98 -5.04 -9.18
CA GLU A 43 8.83 -3.78 -8.48
C GLU A 43 7.51 -3.91 -7.74
N PHE A 44 7.61 -3.70 -6.36
CA PHE A 44 6.58 -3.94 -5.23
C PHE A 44 5.50 -2.91 -5.13
N LEU A 45 4.35 -3.26 -4.47
CA LEU A 45 3.35 -2.24 -4.21
C LEU A 45 3.64 -1.69 -2.88
N GLN A 46 3.44 -0.45 -2.68
CA GLN A 46 3.56 0.11 -1.37
C GLN A 46 2.45 1.07 -1.19
N ILE A 47 2.06 1.24 0.04
CA ILE A 47 1.04 2.17 0.39
C ILE A 47 1.63 3.49 0.19
N LYS A 48 1.14 4.16 -0.79
CA LYS A 48 1.61 5.46 -1.07
C LYS A 48 1.18 6.32 0.07
N SER A 49 -0.05 6.01 0.59
CA SER A 49 -0.60 6.64 1.76
C SER A 49 -2.05 6.26 1.94
N LEU A 50 -2.59 6.67 3.04
CA LEU A 50 -3.90 6.33 3.45
C LEU A 50 -4.53 7.46 4.17
N VAL A 51 -5.80 7.51 4.04
CA VAL A 51 -6.61 8.50 4.68
C VAL A 51 -6.76 8.07 6.06
N LEU A 52 -6.44 8.98 6.89
CA LEU A 52 -6.46 8.86 8.28
C LEU A 52 -7.87 8.73 8.83
N ASP A 53 -8.79 8.82 7.95
CA ASP A 53 -10.18 8.68 8.25
C ASP A 53 -10.64 7.31 7.82
N GLY A 54 -9.85 6.70 6.97
CA GLY A 54 -10.22 5.50 6.34
C GLY A 54 -9.87 4.27 7.13
N PRO A 55 -10.50 3.15 6.76
CA PRO A 55 -10.35 1.84 7.42
C PRO A 55 -8.90 1.44 7.61
N ALA A 56 -8.09 1.85 6.67
CA ALA A 56 -6.64 1.54 6.69
C ALA A 56 -5.94 2.06 7.97
N ALA A 57 -6.23 3.31 8.30
CA ALA A 57 -5.70 3.96 9.48
C ALA A 57 -6.44 3.50 10.73
N LEU A 58 -7.72 3.29 10.58
CA LEU A 58 -8.62 2.95 11.66
C LEU A 58 -8.45 1.55 12.16
N ASP A 59 -8.15 0.65 11.24
CA ASP A 59 -7.89 -0.76 11.57
C ASP A 59 -6.62 -0.81 12.37
N GLY A 60 -5.85 0.24 12.17
CA GLY A 60 -4.62 0.48 12.88
C GLY A 60 -3.54 -0.48 12.53
N LYS A 61 -3.64 -1.03 11.36
CA LYS A 61 -2.73 -1.98 10.89
C LYS A 61 -1.88 -1.44 9.77
N MET A 62 -2.44 -0.60 8.92
CA MET A 62 -1.77 -0.20 7.74
C MET A 62 -1.20 1.21 7.91
N GLU A 63 -0.03 1.45 7.36
CA GLU A 63 0.57 2.75 7.43
C GLU A 63 1.16 3.11 6.05
N THR A 64 1.44 4.37 5.88
CA THR A 64 1.99 4.90 4.67
C THR A 64 3.43 4.37 4.50
N GLY A 65 3.64 3.57 3.49
CA GLY A 65 4.94 3.04 3.22
C GLY A 65 4.96 1.53 3.18
N ASP A 66 3.97 0.87 3.82
CA ASP A 66 3.94 -0.60 3.86
C ASP A 66 3.81 -1.20 2.46
N VAL A 67 4.59 -2.19 2.16
CA VAL A 67 4.50 -2.83 0.86
C VAL A 67 3.38 -3.87 0.77
N ILE A 68 2.47 -3.66 -0.18
CA ILE A 68 1.46 -4.66 -0.48
C ILE A 68 2.16 -5.77 -1.21
N VAL A 69 1.97 -6.92 -0.58
CA VAL A 69 2.53 -8.19 -0.92
C VAL A 69 1.44 -9.21 -1.33
N SER A 70 0.29 -9.20 -0.69
CA SER A 70 -0.72 -10.20 -1.06
C SER A 70 -2.16 -9.75 -0.85
N VAL A 71 -3.05 -10.31 -1.68
CA VAL A 71 -4.50 -10.10 -1.60
C VAL A 71 -5.18 -11.42 -1.35
N ASN A 72 -5.82 -11.56 -0.19
CA ASN A 72 -6.59 -12.76 0.16
C ASN A 72 -5.79 -14.06 -0.02
N ASP A 73 -4.50 -13.95 0.32
CA ASP A 73 -3.50 -15.04 0.26
C ASP A 73 -3.10 -15.39 -1.16
N THR A 74 -3.43 -14.53 -2.04
CA THR A 74 -2.95 -14.61 -3.37
C THR A 74 -1.82 -13.63 -3.42
N CYS A 75 -0.65 -14.12 -3.71
CA CYS A 75 0.51 -13.30 -3.72
C CYS A 75 0.42 -12.34 -4.88
N VAL A 76 0.23 -11.10 -4.54
CA VAL A 76 0.05 -10.06 -5.53
C VAL A 76 1.22 -9.09 -5.45
N LEU A 77 2.29 -9.56 -4.83
CA LEU A 77 3.50 -8.84 -4.65
C LEU A 77 3.98 -8.53 -6.03
N GLY A 78 3.97 -7.19 -6.37
CA GLY A 78 4.21 -6.69 -7.77
C GLY A 78 3.73 -7.65 -8.79
N HIS A 79 2.49 -8.16 -8.55
CA HIS A 79 1.75 -9.06 -9.44
C HIS A 79 1.93 -8.46 -10.80
N THR A 80 1.35 -7.33 -10.89
CA THR A 80 1.69 -6.22 -11.69
C THR A 80 0.84 -5.17 -11.12
N HIS A 81 1.27 -3.93 -11.02
CA HIS A 81 0.34 -2.91 -10.55
C HIS A 81 -1.00 -2.95 -11.35
N ALA A 82 -0.90 -3.24 -12.62
CA ALA A 82 -2.07 -3.40 -13.47
C ALA A 82 -2.97 -4.56 -12.97
N GLN A 83 -2.36 -5.69 -12.62
CA GLN A 83 -3.09 -6.84 -12.13
C GLN A 83 -3.67 -6.63 -10.76
N VAL A 84 -2.95 -6.00 -9.90
CA VAL A 84 -3.44 -5.73 -8.57
C VAL A 84 -4.60 -4.76 -8.61
N VAL A 85 -4.51 -3.72 -9.45
CA VAL A 85 -5.60 -2.77 -9.61
C VAL A 85 -6.81 -3.51 -10.17
N LYS A 86 -6.56 -4.42 -11.12
CA LYS A 86 -7.58 -5.26 -11.67
C LYS A 86 -8.23 -6.12 -10.56
N ILE A 87 -7.42 -6.69 -9.68
CA ILE A 87 -7.89 -7.52 -8.58
C ILE A 87 -8.71 -6.72 -7.55
N PHE A 88 -8.32 -5.51 -7.33
CA PHE A 88 -9.07 -4.62 -6.46
C PHE A 88 -10.34 -4.21 -7.13
N GLN A 89 -10.27 -4.05 -8.44
CA GLN A 89 -11.40 -3.80 -9.29
C GLN A 89 -12.30 -5.01 -9.39
N SER A 90 -11.72 -6.15 -9.12
CA SER A 90 -12.41 -7.40 -9.09
C SER A 90 -13.21 -7.48 -7.78
N ILE A 91 -12.70 -6.84 -6.78
CA ILE A 91 -13.32 -6.78 -5.52
C ILE A 91 -14.37 -5.66 -5.52
N PRO A 92 -15.56 -5.96 -5.03
CA PRO A 92 -16.70 -5.05 -5.09
C PRO A 92 -16.77 -4.09 -3.89
N ILE A 93 -17.52 -3.02 -4.03
CA ILE A 93 -17.69 -2.05 -2.95
C ILE A 93 -18.42 -2.66 -1.81
N GLY A 94 -17.89 -2.44 -0.65
CA GLY A 94 -18.47 -2.98 0.54
C GLY A 94 -17.79 -4.27 0.94
N ALA A 95 -16.68 -4.55 0.30
CA ALA A 95 -16.00 -5.83 0.51
C ALA A 95 -14.84 -5.65 1.43
N SER A 96 -14.10 -6.68 1.67
CA SER A 96 -12.92 -6.57 2.47
C SER A 96 -11.85 -7.51 1.99
N VAL A 97 -10.61 -7.15 2.21
CA VAL A 97 -9.52 -7.97 1.67
C VAL A 97 -8.43 -8.17 2.65
N ASP A 98 -8.07 -9.41 2.92
CA ASP A 98 -6.97 -9.67 3.82
C ASP A 98 -5.68 -9.45 3.06
N LEU A 99 -5.08 -8.34 3.31
CA LEU A 99 -3.89 -7.92 2.61
C LEU A 99 -2.64 -8.20 3.43
N GLU A 100 -1.61 -8.64 2.74
CA GLU A 100 -0.31 -8.83 3.32
C GLU A 100 0.51 -7.57 3.01
N LEU A 101 0.93 -6.90 4.04
CA LEU A 101 1.76 -5.72 3.98
C LEU A 101 3.15 -6.07 4.46
N CYS A 102 4.07 -5.19 4.18
CA CYS A 102 5.42 -5.33 4.61
C CYS A 102 6.00 -3.97 4.98
N ARG A 103 6.18 -3.77 6.22
CA ARG A 103 6.74 -2.55 6.75
C ARG A 103 8.25 -2.70 6.71
N GLY A 104 8.92 -1.89 5.97
CA GLY A 104 10.35 -2.04 5.86
C GLY A 104 10.88 -1.32 4.69
N TYR A 105 10.05 -1.11 3.74
CA TYR A 105 10.40 -0.34 2.61
C TYR A 105 9.97 1.11 2.80
N PRO A 106 10.89 2.02 2.50
CA PRO A 106 10.68 3.46 2.68
C PRO A 106 9.54 3.99 1.81
N LEU A 107 8.89 5.04 2.29
CA LEU A 107 7.81 5.70 1.61
C LEU A 107 8.18 6.12 0.20
N PRO A 108 7.43 5.62 -0.79
CA PRO A 108 7.65 5.86 -2.24
C PRO A 108 7.69 7.30 -2.67
N PHE A 109 8.01 7.44 -3.92
CA PHE A 109 8.15 8.71 -4.59
C PHE A 109 6.80 9.37 -4.83
N ASP A 110 6.77 10.66 -4.63
CA ASP A 110 5.59 11.49 -4.79
C ASP A 110 5.75 12.39 -5.99
N PRO A 111 5.10 12.01 -7.07
CA PRO A 111 5.06 12.82 -8.27
C PRO A 111 3.74 13.55 -8.45
N ASP A 112 2.71 12.78 -8.55
CA ASP A 112 1.36 13.25 -8.81
C ASP A 112 0.74 13.71 -7.53
N ASP A 113 1.31 13.29 -6.45
CA ASP A 113 0.75 13.50 -5.20
C ASP A 113 1.21 14.72 -4.59
N PRO A 114 0.29 15.36 -3.93
CA PRO A 114 0.58 16.48 -3.11
C PRO A 114 0.97 16.04 -1.72
N ASN A 115 0.33 14.96 -1.37
CA ASN A 115 0.12 14.33 -0.05
C ASN A 115 1.25 14.46 0.94
N THR A 116 2.42 14.59 0.48
CA THR A 116 3.56 14.45 1.32
C THR A 116 4.11 15.79 1.90
N SER A 117 3.45 16.90 1.61
CA SER A 117 3.95 18.21 2.04
C SER A 117 3.36 18.67 3.40
N LEU A 118 2.99 17.70 4.18
CA LEU A 118 2.48 17.83 5.58
C LEU A 118 1.27 18.75 5.78
N VAL A 119 0.60 19.02 4.73
CA VAL A 119 -0.61 19.86 4.78
C VAL A 119 -1.48 19.53 3.57
N THR A 120 -0.96 18.64 2.81
CA THR A 120 -1.48 18.20 1.59
C THR A 120 -2.45 17.08 1.81
N SER A 121 -3.36 16.87 0.85
CA SER A 121 -4.51 16.00 1.04
C SER A 121 -5.30 16.62 2.20
N VAL A 122 -5.35 17.96 2.12
CA VAL A 122 -5.84 18.87 3.14
C VAL A 122 -7.18 18.51 3.76
N ALA A 123 -7.13 18.20 5.03
CA ALA A 123 -8.32 17.97 5.82
C ALA A 123 -8.32 18.96 6.97
N ILE A 124 -7.57 19.99 6.75
CA ILE A 124 -7.38 21.03 7.72
C ILE A 124 -8.22 22.23 7.25
N LEU A 125 -9.52 22.07 7.32
CA LEU A 125 -10.42 23.08 6.83
C LEU A 125 -11.09 23.80 7.97
N ASP A 126 -10.44 23.78 9.11
CA ASP A 126 -10.88 24.39 10.35
C ASP A 126 -12.27 23.95 10.72
N LYS A 127 -12.40 22.70 11.08
CA LYS A 127 -13.70 22.14 11.39
C LYS A 127 -13.96 22.11 12.88
N GLU A 128 -13.13 22.81 13.62
CA GLU A 128 -13.29 22.92 15.05
C GLU A 128 -14.41 23.95 15.33
N PRO A 129 -15.32 23.64 16.26
CA PRO A 129 -16.44 24.53 16.64
C PRO A 129 -15.99 25.96 16.97
N GLY A 1 16.32 3.70 -10.50
CA GLY A 1 15.47 3.48 -9.34
C GLY A 1 15.22 4.77 -8.61
N ALA A 2 13.97 5.03 -8.28
CA ALA A 2 13.66 6.24 -7.53
C ALA A 2 12.39 6.08 -6.75
N MET A 3 11.27 6.08 -7.44
CA MET A 3 9.97 6.01 -6.79
C MET A 3 9.49 4.57 -6.68
N GLY A 4 10.43 3.68 -6.52
CA GLY A 4 10.18 2.29 -6.43
C GLY A 4 11.48 1.55 -6.55
N LYS A 5 11.50 0.54 -7.41
CA LYS A 5 12.67 -0.32 -7.64
C LYS A 5 13.22 -0.93 -6.32
N PRO A 6 12.52 -1.90 -5.74
CA PRO A 6 12.95 -2.58 -4.54
C PRO A 6 13.58 -3.95 -4.85
N PHE A 7 13.97 -4.66 -3.80
CA PHE A 7 14.52 -5.96 -3.88
C PHE A 7 13.38 -6.92 -3.99
N PHE A 8 13.18 -7.43 -5.14
CA PHE A 8 12.07 -8.28 -5.42
C PHE A 8 12.52 -9.72 -5.52
N THR A 9 11.73 -10.63 -4.96
CA THR A 9 12.01 -12.04 -5.10
C THR A 9 10.73 -12.87 -4.94
N ARG A 10 9.59 -12.19 -5.19
CA ARG A 10 8.20 -12.71 -5.26
C ARG A 10 7.67 -13.42 -4.02
N ASN A 11 8.52 -14.03 -3.28
CA ASN A 11 8.11 -14.84 -2.16
C ASN A 11 8.27 -14.09 -0.87
N PRO A 12 7.14 -13.78 -0.20
CA PRO A 12 7.12 -13.10 1.10
C PRO A 12 7.97 -13.82 2.12
N SER A 13 8.01 -15.11 2.00
CA SER A 13 8.74 -15.96 2.89
C SER A 13 10.29 -15.82 2.65
N GLU A 14 10.67 -15.16 1.56
CA GLU A 14 12.06 -14.88 1.23
C GLU A 14 12.41 -13.41 1.48
N LEU A 15 11.40 -12.55 1.50
CA LEU A 15 11.62 -11.11 1.68
C LEU A 15 11.85 -10.69 3.11
N LYS A 16 12.26 -9.45 3.22
CA LYS A 16 12.51 -8.80 4.47
C LYS A 16 11.29 -7.99 4.85
N GLY A 17 11.43 -7.19 5.87
CA GLY A 17 10.32 -6.43 6.36
C GLY A 17 9.50 -7.28 7.28
N LYS A 18 8.47 -6.72 7.85
CA LYS A 18 7.60 -7.49 8.64
C LYS A 18 6.30 -7.63 7.93
N PHE A 19 5.80 -8.82 7.86
CA PHE A 19 4.62 -9.09 7.10
C PHE A 19 3.43 -9.15 7.99
N ILE A 20 2.67 -8.18 7.80
CA ILE A 20 1.49 -7.88 8.56
C ILE A 20 0.30 -8.20 7.72
N HIS A 21 -0.80 -8.53 8.31
CA HIS A 21 -1.92 -8.90 7.54
C HIS A 21 -3.14 -8.13 8.04
N THR A 22 -3.74 -7.38 7.16
CA THR A 22 -4.89 -6.60 7.48
C THR A 22 -5.90 -6.68 6.39
N LYS A 23 -7.10 -6.79 6.77
CA LYS A 23 -8.20 -6.81 5.88
C LYS A 23 -8.71 -5.43 5.75
N LEU A 24 -8.80 -4.96 4.53
CA LEU A 24 -9.19 -3.63 4.29
C LEU A 24 -10.56 -3.69 3.76
N ARG A 25 -11.46 -3.12 4.49
CA ARG A 25 -12.80 -3.08 4.12
C ARG A 25 -13.00 -2.05 3.04
N LYS A 26 -13.24 -2.51 1.83
CA LYS A 26 -13.67 -1.66 0.76
C LYS A 26 -15.04 -1.17 1.19
N SER A 27 -15.05 -0.01 1.74
CA SER A 27 -16.23 0.61 2.29
C SER A 27 -16.96 1.37 1.17
N SER A 28 -17.73 2.38 1.53
CA SER A 28 -18.44 3.21 0.58
C SER A 28 -17.47 3.80 -0.47
N ARG A 29 -16.30 4.24 -0.02
CA ARG A 29 -15.23 4.72 -0.90
C ARG A 29 -14.37 3.55 -1.34
N GLY A 30 -14.43 2.49 -0.59
CA GLY A 30 -13.68 1.36 -0.86
C GLY A 30 -12.47 1.35 0.02
N PHE A 31 -11.32 1.43 -0.55
CA PHE A 31 -10.11 1.38 0.22
C PHE A 31 -9.67 2.79 0.54
N GLY A 32 -9.07 2.94 1.69
CA GLY A 32 -8.66 4.25 2.12
C GLY A 32 -7.23 4.55 1.77
N PHE A 33 -6.57 3.62 1.13
CA PHE A 33 -5.19 3.80 0.76
C PHE A 33 -5.03 3.92 -0.74
N THR A 34 -3.90 4.42 -1.12
CA THR A 34 -3.49 4.59 -2.47
C THR A 34 -2.28 3.71 -2.65
N VAL A 35 -1.97 3.31 -3.85
CA VAL A 35 -0.91 2.36 -4.02
C VAL A 35 0.05 2.79 -5.11
N VAL A 36 1.32 2.55 -4.91
CA VAL A 36 2.29 2.76 -5.92
C VAL A 36 3.47 1.83 -5.69
N GLY A 37 4.22 1.63 -6.74
CA GLY A 37 5.49 0.99 -6.61
C GLY A 37 5.61 -0.34 -7.17
N GLY A 38 4.58 -0.85 -7.70
CA GLY A 38 4.54 -2.20 -8.08
C GLY A 38 4.39 -2.29 -9.48
N ASP A 39 5.13 -1.49 -10.11
CA ASP A 39 5.04 -1.31 -11.51
C ASP A 39 5.39 -2.55 -12.27
N GLU A 40 5.98 -3.58 -11.60
CA GLU A 40 6.37 -4.72 -12.38
C GLU A 40 6.65 -5.86 -11.51
N PRO A 41 6.78 -7.09 -12.08
CA PRO A 41 7.23 -8.25 -11.33
C PRO A 41 8.72 -8.08 -10.92
N ASP A 42 8.95 -7.00 -10.20
CA ASP A 42 10.27 -6.48 -9.80
C ASP A 42 10.08 -5.20 -8.97
N GLU A 43 8.94 -4.54 -9.12
CA GLU A 43 8.58 -3.44 -8.28
C GLU A 43 7.39 -3.88 -7.47
N PHE A 44 7.57 -3.76 -6.06
CA PHE A 44 6.63 -4.15 -4.92
C PHE A 44 5.55 -3.13 -4.72
N LEU A 45 4.43 -3.50 -4.15
CA LEU A 45 3.44 -2.46 -3.93
C LEU A 45 3.70 -1.85 -2.63
N GLN A 46 3.50 -0.59 -2.53
CA GLN A 46 3.58 0.09 -1.27
C GLN A 46 2.47 1.05 -1.20
N ILE A 47 2.14 1.40 -0.01
CA ILE A 47 1.09 2.33 0.24
C ILE A 47 1.62 3.66 -0.07
N LYS A 48 1.11 4.23 -1.16
CA LYS A 48 1.46 5.57 -1.59
C LYS A 48 1.15 6.51 -0.44
N SER A 49 0.02 6.18 0.25
CA SER A 49 -0.46 6.80 1.47
C SER A 49 -1.93 6.53 1.63
N LEU A 50 -2.46 6.89 2.73
CA LEU A 50 -3.80 6.61 3.06
C LEU A 50 -4.47 7.79 3.66
N VAL A 51 -5.74 7.86 3.43
CA VAL A 51 -6.58 8.82 4.05
C VAL A 51 -6.71 8.33 5.47
N LEU A 52 -6.25 9.13 6.44
CA LEU A 52 -6.26 8.67 7.80
C LEU A 52 -7.65 8.54 8.41
N ASP A 53 -8.60 8.95 7.67
CA ASP A 53 -9.99 8.76 8.00
C ASP A 53 -10.53 7.49 7.35
N GLY A 54 -9.70 6.86 6.56
CA GLY A 54 -10.09 5.70 5.84
C GLY A 54 -9.81 4.43 6.61
N PRO A 55 -10.47 3.33 6.22
CA PRO A 55 -10.40 2.01 6.91
C PRO A 55 -8.97 1.53 7.17
N ALA A 56 -8.08 1.93 6.28
CA ALA A 56 -6.64 1.59 6.38
C ALA A 56 -6.02 2.08 7.71
N ALA A 57 -6.34 3.35 8.03
CA ALA A 57 -5.90 4.02 9.25
C ALA A 57 -6.72 3.55 10.44
N LEU A 58 -7.95 3.23 10.18
CA LEU A 58 -8.90 2.80 11.18
C LEU A 58 -8.55 1.46 11.72
N ASP A 59 -8.21 0.54 10.82
CA ASP A 59 -7.85 -0.82 11.19
C ASP A 59 -6.55 -0.75 11.95
N GLY A 60 -5.82 0.30 11.61
CA GLY A 60 -4.61 0.69 12.31
C GLY A 60 -3.45 -0.20 12.03
N LYS A 61 -3.55 -0.95 10.98
CA LYS A 61 -2.56 -1.84 10.61
C LYS A 61 -1.85 -1.39 9.34
N MET A 62 -2.52 -0.58 8.52
CA MET A 62 -1.94 -0.21 7.27
C MET A 62 -1.29 1.17 7.41
N GLU A 63 -0.14 1.35 6.81
CA GLU A 63 0.65 2.55 7.01
C GLU A 63 1.46 2.91 5.77
N THR A 64 1.62 4.20 5.58
CA THR A 64 2.32 4.83 4.49
C THR A 64 3.73 4.22 4.28
N GLY A 65 3.86 3.40 3.26
CA GLY A 65 5.12 2.80 2.94
C GLY A 65 5.16 1.32 3.24
N ASP A 66 4.08 0.76 3.81
CA ASP A 66 4.06 -0.71 3.97
C ASP A 66 3.90 -1.29 2.57
N VAL A 67 4.47 -2.42 2.32
CA VAL A 67 4.41 -3.00 1.01
C VAL A 67 3.35 -4.08 0.87
N ILE A 68 2.43 -3.88 -0.06
CA ILE A 68 1.46 -4.89 -0.40
C ILE A 68 2.19 -6.00 -1.11
N VAL A 69 2.01 -7.15 -0.52
CA VAL A 69 2.61 -8.39 -0.92
C VAL A 69 1.56 -9.36 -1.38
N SER A 70 0.44 -9.38 -0.73
CA SER A 70 -0.59 -10.31 -1.11
C SER A 70 -1.98 -9.73 -0.93
N VAL A 71 -2.87 -10.06 -1.84
CA VAL A 71 -4.27 -9.70 -1.74
C VAL A 71 -5.02 -11.00 -1.71
N ASN A 72 -5.94 -11.14 -0.77
CA ASN A 72 -6.74 -12.37 -0.68
C ASN A 72 -5.82 -13.54 -0.36
N ASP A 73 -4.68 -13.19 0.25
CA ASP A 73 -3.56 -14.09 0.62
C ASP A 73 -2.81 -14.63 -0.63
N THR A 74 -3.27 -14.23 -1.78
CA THR A 74 -2.62 -14.54 -3.03
C THR A 74 -1.48 -13.61 -3.16
N CYS A 75 -0.32 -14.18 -3.24
CA CYS A 75 0.91 -13.50 -3.38
C CYS A 75 0.91 -12.66 -4.67
N VAL A 76 0.61 -11.40 -4.51
CA VAL A 76 0.49 -10.46 -5.62
C VAL A 76 1.56 -9.40 -5.52
N LEU A 77 2.64 -9.77 -4.87
CA LEU A 77 3.78 -8.96 -4.68
C LEU A 77 4.26 -8.61 -6.06
N GLY A 78 4.18 -7.29 -6.41
CA GLY A 78 4.41 -6.77 -7.79
C GLY A 78 3.96 -7.74 -8.85
N HIS A 79 2.77 -8.34 -8.58
CA HIS A 79 2.05 -9.27 -9.47
C HIS A 79 2.10 -8.58 -10.79
N THR A 80 1.43 -7.52 -10.79
CA THR A 80 1.67 -6.36 -11.55
C THR A 80 0.81 -5.37 -10.94
N HIS A 81 1.22 -4.15 -10.85
CA HIS A 81 0.34 -3.12 -10.35
C HIS A 81 -1.03 -3.17 -11.09
N ALA A 82 -0.99 -3.43 -12.38
CA ALA A 82 -2.20 -3.60 -13.16
C ALA A 82 -3.05 -4.78 -12.63
N GLN A 83 -2.41 -5.91 -12.32
CA GLN A 83 -3.10 -7.08 -11.83
C GLN A 83 -3.71 -6.86 -10.46
N VAL A 84 -2.98 -6.25 -9.59
CA VAL A 84 -3.48 -6.00 -8.26
C VAL A 84 -4.64 -5.00 -8.27
N VAL A 85 -4.55 -3.96 -9.10
CA VAL A 85 -5.63 -3.00 -9.24
C VAL A 85 -6.85 -3.68 -9.81
N LYS A 86 -6.64 -4.58 -10.78
CA LYS A 86 -7.71 -5.36 -11.36
C LYS A 86 -8.47 -6.18 -10.29
N ILE A 87 -7.75 -6.75 -9.33
CA ILE A 87 -8.36 -7.53 -8.25
C ILE A 87 -9.19 -6.63 -7.34
N PHE A 88 -8.73 -5.45 -7.13
CA PHE A 88 -9.43 -4.45 -6.33
C PHE A 88 -10.65 -3.93 -7.09
N GLN A 89 -10.53 -3.94 -8.41
CA GLN A 89 -11.60 -3.59 -9.33
C GLN A 89 -12.61 -4.73 -9.41
N SER A 90 -12.12 -5.91 -9.13
CA SER A 90 -12.92 -7.11 -9.08
C SER A 90 -13.76 -7.06 -7.81
N ILE A 91 -13.11 -6.78 -6.71
CA ILE A 91 -13.72 -6.68 -5.44
C ILE A 91 -14.75 -5.54 -5.42
N PRO A 92 -15.92 -5.79 -4.86
CA PRO A 92 -17.04 -4.85 -4.90
C PRO A 92 -17.06 -3.89 -3.69
N ILE A 93 -17.80 -2.81 -3.83
CA ILE A 93 -17.96 -1.84 -2.75
C ILE A 93 -18.71 -2.45 -1.61
N GLY A 94 -18.16 -2.25 -0.46
CA GLY A 94 -18.76 -2.83 0.73
C GLY A 94 -18.11 -4.15 1.11
N ALA A 95 -17.00 -4.42 0.49
CA ALA A 95 -16.30 -5.69 0.68
C ALA A 95 -15.17 -5.53 1.67
N SER A 96 -14.35 -6.52 1.80
CA SER A 96 -13.17 -6.43 2.62
C SER A 96 -12.12 -7.34 2.06
N VAL A 97 -10.85 -7.10 2.38
CA VAL A 97 -9.81 -7.89 1.75
C VAL A 97 -8.66 -8.13 2.66
N ASP A 98 -8.28 -9.36 2.83
CA ASP A 98 -7.12 -9.65 3.64
C ASP A 98 -5.88 -9.39 2.79
N LEU A 99 -5.25 -8.30 3.07
CA LEU A 99 -4.05 -7.86 2.41
C LEU A 99 -2.85 -8.13 3.28
N GLU A 100 -1.82 -8.60 2.68
CA GLU A 100 -0.59 -8.85 3.35
C GLU A 100 0.36 -7.70 3.03
N LEU A 101 0.78 -7.04 4.07
CA LEU A 101 1.61 -5.86 4.01
C LEU A 101 3.01 -6.24 4.47
N CYS A 102 3.94 -5.38 4.20
CA CYS A 102 5.28 -5.52 4.63
C CYS A 102 5.83 -4.19 5.11
N ARG A 103 5.93 -4.03 6.35
CA ARG A 103 6.56 -2.85 6.87
C ARG A 103 7.98 -3.09 7.18
N GLY A 104 8.80 -2.36 6.52
CA GLY A 104 10.22 -2.51 6.64
C GLY A 104 10.90 -1.68 5.63
N TYR A 105 10.28 -1.55 4.50
CA TYR A 105 10.82 -0.72 3.47
C TYR A 105 10.11 0.62 3.56
N PRO A 106 10.84 1.71 3.51
CA PRO A 106 10.28 3.06 3.63
C PRO A 106 9.62 3.50 2.34
N LEU A 107 8.91 4.61 2.41
CA LEU A 107 8.29 5.20 1.27
C LEU A 107 9.34 5.57 0.25
N PRO A 108 9.14 5.13 -0.99
CA PRO A 108 10.08 5.37 -2.08
C PRO A 108 9.99 6.77 -2.56
N PHE A 109 8.82 7.25 -2.51
CA PHE A 109 8.48 8.54 -2.90
C PHE A 109 7.52 9.02 -1.92
N ASP A 110 7.67 10.24 -1.63
CA ASP A 110 6.95 10.89 -0.64
C ASP A 110 6.03 11.96 -1.27
N PRO A 111 4.83 11.53 -1.70
CA PRO A 111 3.88 12.42 -2.36
C PRO A 111 2.95 13.09 -1.38
N ASP A 112 2.29 12.29 -0.59
CA ASP A 112 1.34 12.77 0.38
C ASP A 112 2.05 13.16 1.63
N ASP A 113 3.27 12.72 1.75
CA ASP A 113 4.07 13.06 2.94
C ASP A 113 4.54 14.42 2.76
N PRO A 114 4.08 15.28 3.61
CA PRO A 114 4.43 16.65 3.54
C PRO A 114 5.69 16.90 4.29
N ASN A 115 5.79 16.05 5.24
CA ASN A 115 6.59 16.02 6.37
C ASN A 115 8.08 15.90 6.08
N THR A 116 8.39 15.94 4.85
CA THR A 116 9.70 15.77 4.43
C THR A 116 10.41 17.12 4.21
N SER A 117 9.72 18.21 4.52
CA SER A 117 10.32 19.51 4.40
C SER A 117 10.09 20.27 5.70
N LEU A 118 10.50 21.50 5.78
CA LEU A 118 10.35 22.27 7.00
C LEU A 118 8.90 22.76 7.15
N VAL A 119 8.42 22.77 8.40
CA VAL A 119 7.06 23.18 8.81
C VAL A 119 5.96 22.58 7.89
N THR A 120 6.01 21.29 7.75
CA THR A 120 5.11 20.55 6.92
C THR A 120 4.14 19.78 7.80
N SER A 121 4.61 18.73 8.41
CA SER A 121 3.89 18.07 9.44
C SER A 121 4.83 18.05 10.64
N VAL A 122 4.33 17.88 11.85
CA VAL A 122 5.17 18.01 13.04
C VAL A 122 5.94 16.70 13.34
N ALA A 123 6.86 16.38 12.46
CA ALA A 123 7.78 15.27 12.58
C ALA A 123 8.79 15.42 11.46
N ILE A 124 9.48 16.54 11.49
CA ILE A 124 10.42 16.94 10.45
C ILE A 124 11.58 15.98 10.46
N LEU A 125 11.56 15.06 9.54
CA LEU A 125 12.53 14.04 9.52
C LEU A 125 13.35 14.07 8.25
N ASP A 126 14.62 14.01 8.44
CA ASP A 126 15.60 13.96 7.40
C ASP A 126 16.58 12.91 7.80
N LYS A 127 16.73 11.90 7.02
CA LYS A 127 17.56 10.80 7.39
C LYS A 127 19.02 11.11 7.16
N GLU A 128 19.70 11.41 8.23
CA GLU A 128 21.12 11.70 8.19
C GLU A 128 21.86 10.39 7.88
N PRO A 129 22.87 10.43 6.97
CA PRO A 129 23.66 9.26 6.58
C PRO A 129 24.19 8.46 7.77
N GLY A 1 16.27 2.70 -12.33
CA GLY A 1 15.37 2.18 -11.31
C GLY A 1 15.80 2.58 -9.93
N ALA A 2 15.79 3.85 -9.65
CA ALA A 2 16.21 4.35 -8.36
C ALA A 2 15.02 4.76 -7.53
N MET A 3 13.91 4.96 -8.19
CA MET A 3 12.68 5.41 -7.57
C MET A 3 11.73 4.22 -7.49
N GLY A 4 12.29 3.10 -7.13
CA GLY A 4 11.60 1.85 -7.07
C GLY A 4 12.59 0.81 -7.35
N LYS A 5 12.16 -0.23 -8.05
CA LYS A 5 13.04 -1.32 -8.48
C LYS A 5 13.86 -1.93 -7.28
N PRO A 6 13.18 -2.62 -6.36
CA PRO A 6 13.83 -3.22 -5.20
C PRO A 6 14.21 -4.71 -5.43
N PHE A 7 14.48 -5.40 -4.35
CA PHE A 7 14.78 -6.78 -4.35
C PHE A 7 13.48 -7.53 -4.41
N PHE A 8 13.18 -8.02 -5.54
CA PHE A 8 11.95 -8.71 -5.76
C PHE A 8 12.22 -10.16 -6.04
N THR A 9 11.71 -11.02 -5.21
CA THR A 9 11.93 -12.42 -5.38
C THR A 9 10.61 -13.20 -5.19
N ARG A 10 9.49 -12.45 -5.29
CA ARG A 10 8.09 -12.93 -5.22
C ARG A 10 7.69 -13.63 -3.90
N ASN A 11 8.63 -14.13 -3.16
CA ASN A 11 8.34 -14.82 -1.93
C ASN A 11 8.56 -13.91 -0.73
N PRO A 12 7.44 -13.56 -0.04
CA PRO A 12 7.46 -12.78 1.21
C PRO A 12 8.43 -13.38 2.23
N SER A 13 8.49 -14.68 2.25
CA SER A 13 9.28 -15.41 3.18
C SER A 13 10.78 -15.21 2.90
N GLU A 14 11.10 -14.78 1.68
CA GLU A 14 12.47 -14.54 1.27
C GLU A 14 12.86 -13.08 1.43
N LEU A 15 11.86 -12.20 1.45
CA LEU A 15 12.11 -10.78 1.60
C LEU A 15 12.42 -10.45 3.05
N LYS A 16 12.66 -9.19 3.27
CA LYS A 16 12.83 -8.67 4.56
C LYS A 16 11.60 -7.87 4.86
N GLY A 17 11.58 -7.24 5.98
CA GLY A 17 10.43 -6.45 6.34
C GLY A 17 9.53 -7.16 7.33
N LYS A 18 8.62 -6.43 7.93
CA LYS A 18 7.65 -6.98 8.82
C LYS A 18 6.42 -7.31 8.03
N PHE A 19 5.81 -8.43 8.30
CA PHE A 19 4.67 -8.82 7.53
C PHE A 19 3.43 -8.81 8.36
N ILE A 20 2.64 -7.91 8.00
CA ILE A 20 1.43 -7.55 8.66
C ILE A 20 0.28 -7.98 7.80
N HIS A 21 -0.83 -8.27 8.38
CA HIS A 21 -1.92 -8.71 7.62
C HIS A 21 -3.13 -7.90 8.04
N THR A 22 -3.69 -7.19 7.11
CA THR A 22 -4.78 -6.31 7.38
C THR A 22 -5.81 -6.39 6.30
N LYS A 23 -6.99 -6.57 6.72
CA LYS A 23 -8.11 -6.61 5.85
C LYS A 23 -8.65 -5.23 5.73
N LEU A 24 -8.72 -4.80 4.51
CA LEU A 24 -9.10 -3.47 4.21
C LEU A 24 -10.47 -3.48 3.64
N ARG A 25 -11.34 -2.81 4.31
CA ARG A 25 -12.68 -2.71 3.91
C ARG A 25 -12.84 -1.74 2.79
N LYS A 26 -13.15 -2.26 1.63
CA LYS A 26 -13.56 -1.46 0.55
C LYS A 26 -14.92 -0.92 0.94
N SER A 27 -14.95 0.27 1.45
CA SER A 27 -16.15 0.94 1.91
C SER A 27 -16.86 1.55 0.69
N SER A 28 -17.67 2.57 0.88
CA SER A 28 -18.27 3.27 -0.26
C SER A 28 -17.15 4.00 -1.04
N ARG A 29 -16.13 4.42 -0.32
CA ARG A 29 -14.92 4.99 -0.90
C ARG A 29 -14.00 3.87 -1.33
N GLY A 30 -14.29 2.67 -0.88
CA GLY A 30 -13.50 1.56 -1.15
C GLY A 30 -12.33 1.55 -0.20
N PHE A 31 -11.15 1.48 -0.72
CA PHE A 31 -9.99 1.38 0.14
C PHE A 31 -9.51 2.76 0.52
N GLY A 32 -9.05 2.89 1.75
CA GLY A 32 -8.62 4.18 2.25
C GLY A 32 -7.16 4.44 1.99
N PHE A 33 -6.50 3.52 1.34
CA PHE A 33 -5.11 3.67 1.02
C PHE A 33 -4.94 3.84 -0.46
N THR A 34 -3.81 4.32 -0.81
CA THR A 34 -3.38 4.49 -2.14
C THR A 34 -2.19 3.60 -2.30
N VAL A 35 -1.95 3.12 -3.46
CA VAL A 35 -0.87 2.21 -3.65
C VAL A 35 -0.20 2.42 -4.97
N VAL A 36 1.10 2.41 -4.92
CA VAL A 36 1.90 2.53 -6.07
C VAL A 36 3.22 1.82 -5.81
N GLY A 37 3.96 1.59 -6.87
CA GLY A 37 5.30 1.09 -6.72
C GLY A 37 5.56 -0.28 -7.21
N GLY A 38 4.57 -0.90 -7.72
CA GLY A 38 4.63 -2.26 -8.05
C GLY A 38 4.38 -2.39 -9.42
N ASP A 39 5.00 -1.54 -10.11
CA ASP A 39 4.83 -1.38 -11.51
C ASP A 39 5.13 -2.63 -12.28
N GLU A 40 5.78 -3.63 -11.65
CA GLU A 40 6.17 -4.76 -12.44
C GLU A 40 6.42 -5.92 -11.60
N PRO A 41 6.52 -7.12 -12.19
CA PRO A 41 6.88 -8.33 -11.45
C PRO A 41 8.35 -8.25 -10.99
N ASP A 42 8.65 -7.15 -10.33
CA ASP A 42 10.00 -6.77 -9.92
C ASP A 42 9.96 -5.42 -9.17
N GLU A 43 8.82 -4.72 -9.23
CA GLU A 43 8.55 -3.58 -8.36
C GLU A 43 7.38 -3.98 -7.54
N PHE A 44 7.54 -3.84 -6.15
CA PHE A 44 6.58 -4.25 -5.04
C PHE A 44 5.49 -3.23 -4.83
N LEU A 45 4.33 -3.62 -4.29
CA LEU A 45 3.32 -2.60 -4.07
C LEU A 45 3.60 -1.96 -2.80
N GLN A 46 3.35 -0.70 -2.67
CA GLN A 46 3.53 -0.06 -1.39
C GLN A 46 2.45 0.94 -1.20
N ILE A 47 2.09 1.13 0.03
CA ILE A 47 1.07 2.07 0.38
C ILE A 47 1.65 3.41 0.16
N LYS A 48 1.14 4.11 -0.80
CA LYS A 48 1.60 5.42 -1.10
C LYS A 48 1.21 6.29 0.08
N SER A 49 0.05 5.98 0.68
CA SER A 49 -0.47 6.59 1.92
C SER A 49 -1.95 6.36 2.05
N LEU A 50 -2.49 6.72 3.15
CA LEU A 50 -3.85 6.46 3.48
C LEU A 50 -4.50 7.63 4.13
N VAL A 51 -5.75 7.74 3.89
CA VAL A 51 -6.57 8.73 4.50
C VAL A 51 -6.89 8.18 5.86
N LEU A 52 -6.49 8.87 6.91
CA LEU A 52 -6.70 8.37 8.24
C LEU A 52 -8.16 8.35 8.66
N ASP A 53 -8.96 8.87 7.81
CA ASP A 53 -10.41 8.83 7.95
C ASP A 53 -10.91 7.45 7.55
N GLY A 54 -10.14 6.83 6.68
CA GLY A 54 -10.53 5.61 6.05
C GLY A 54 -10.13 4.36 6.80
N PRO A 55 -10.65 3.21 6.32
CA PRO A 55 -10.51 1.89 6.95
C PRO A 55 -9.08 1.50 7.26
N ALA A 56 -8.16 1.95 6.44
CA ALA A 56 -6.73 1.64 6.60
C ALA A 56 -6.17 2.07 7.98
N ALA A 57 -6.47 3.32 8.34
CA ALA A 57 -6.10 3.89 9.63
C ALA A 57 -7.02 3.39 10.73
N LEU A 58 -8.26 3.17 10.38
CA LEU A 58 -9.30 2.74 11.29
C LEU A 58 -9.07 1.34 11.79
N ASP A 59 -8.64 0.50 10.89
CA ASP A 59 -8.29 -0.87 11.22
C ASP A 59 -7.05 -0.83 12.06
N GLY A 60 -6.30 0.20 11.78
CA GLY A 60 -5.13 0.57 12.53
C GLY A 60 -3.92 -0.28 12.23
N LYS A 61 -4.05 -1.12 11.26
CA LYS A 61 -3.04 -2.01 10.90
C LYS A 61 -2.20 -1.52 9.73
N MET A 62 -2.75 -0.68 8.87
CA MET A 62 -2.05 -0.31 7.68
C MET A 62 -1.30 1.01 7.86
N GLU A 63 -0.08 1.08 7.32
CA GLU A 63 0.78 2.24 7.45
C GLU A 63 1.34 2.66 6.07
N THR A 64 1.64 3.93 5.96
CA THR A 64 2.17 4.54 4.78
C THR A 64 3.60 4.02 4.51
N GLY A 65 3.77 3.31 3.41
CA GLY A 65 5.06 2.82 3.02
C GLY A 65 5.13 1.33 3.05
N ASP A 66 4.22 0.69 3.80
CA ASP A 66 4.17 -0.76 3.92
C ASP A 66 3.94 -1.36 2.51
N VAL A 67 4.65 -2.40 2.16
CA VAL A 67 4.51 -3.03 0.85
C VAL A 67 3.40 -4.09 0.79
N ILE A 68 2.48 -3.95 -0.15
CA ILE A 68 1.50 -4.98 -0.40
C ILE A 68 2.21 -6.11 -1.12
N VAL A 69 2.05 -7.25 -0.50
CA VAL A 69 2.64 -8.49 -0.90
C VAL A 69 1.56 -9.49 -1.33
N SER A 70 0.42 -9.44 -0.69
CA SER A 70 -0.62 -10.38 -1.05
C SER A 70 -2.01 -9.81 -0.80
N VAL A 71 -2.96 -10.31 -1.56
CA VAL A 71 -4.35 -9.92 -1.48
C VAL A 71 -5.17 -11.18 -1.41
N ASN A 72 -6.04 -11.28 -0.41
CA ASN A 72 -6.94 -12.46 -0.29
C ASN A 72 -6.12 -13.73 -0.06
N ASP A 73 -4.85 -13.53 0.41
CA ASP A 73 -3.83 -14.59 0.64
C ASP A 73 -3.15 -15.04 -0.67
N THR A 74 -3.57 -14.46 -1.75
CA THR A 74 -2.99 -14.68 -3.04
C THR A 74 -1.82 -13.73 -3.18
N CYS A 75 -0.67 -14.29 -3.43
CA CYS A 75 0.53 -13.53 -3.58
C CYS A 75 0.42 -12.61 -4.78
N VAL A 76 0.32 -11.33 -4.49
CA VAL A 76 0.10 -10.32 -5.51
C VAL A 76 1.28 -9.33 -5.47
N LEU A 77 2.36 -9.78 -4.86
CA LEU A 77 3.57 -9.03 -4.70
C LEU A 77 4.03 -8.70 -6.09
N GLY A 78 4.00 -7.38 -6.42
CA GLY A 78 4.25 -6.86 -7.80
C GLY A 78 3.79 -7.82 -8.86
N HIS A 79 2.57 -8.38 -8.61
CA HIS A 79 1.85 -9.29 -9.50
C HIS A 79 1.99 -8.65 -10.85
N THR A 80 1.38 -7.55 -10.91
CA THR A 80 1.67 -6.44 -11.72
C THR A 80 0.87 -5.38 -11.10
N HIS A 81 1.32 -4.17 -11.01
CA HIS A 81 0.44 -3.10 -10.56
C HIS A 81 -0.89 -3.10 -11.35
N ALA A 82 -0.85 -3.51 -12.60
CA ALA A 82 -2.06 -3.65 -13.38
C ALA A 82 -2.98 -4.75 -12.78
N GLN A 83 -2.39 -5.91 -12.44
CA GLN A 83 -3.12 -7.02 -11.85
C GLN A 83 -3.68 -6.69 -10.50
N VAL A 84 -2.91 -5.99 -9.70
CA VAL A 84 -3.35 -5.63 -8.37
C VAL A 84 -4.57 -4.71 -8.43
N VAL A 85 -4.52 -3.71 -9.31
CA VAL A 85 -5.61 -2.78 -9.45
C VAL A 85 -6.83 -3.51 -9.98
N LYS A 86 -6.60 -4.43 -10.93
CA LYS A 86 -7.67 -5.23 -11.48
C LYS A 86 -8.31 -6.09 -10.40
N ILE A 87 -7.52 -6.64 -9.49
CA ILE A 87 -8.00 -7.45 -8.39
C ILE A 87 -8.85 -6.64 -7.40
N PHE A 88 -8.48 -5.41 -7.21
CA PHE A 88 -9.22 -4.49 -6.36
C PHE A 88 -10.48 -4.03 -7.07
N GLN A 89 -10.41 -3.99 -8.38
CA GLN A 89 -11.53 -3.72 -9.25
C GLN A 89 -12.44 -4.96 -9.38
N SER A 90 -11.86 -6.09 -9.04
CA SER A 90 -12.56 -7.35 -8.99
C SER A 90 -13.41 -7.39 -7.73
N ILE A 91 -12.88 -6.84 -6.67
CA ILE A 91 -13.56 -6.72 -5.43
C ILE A 91 -14.55 -5.55 -5.49
N PRO A 92 -15.76 -5.73 -5.00
CA PRO A 92 -16.84 -4.76 -5.10
C PRO A 92 -16.89 -3.79 -3.91
N ILE A 93 -17.56 -2.69 -4.09
CA ILE A 93 -17.75 -1.69 -3.05
C ILE A 93 -18.53 -2.25 -1.90
N GLY A 94 -18.02 -2.00 -0.75
CA GLY A 94 -18.67 -2.50 0.45
C GLY A 94 -18.06 -3.82 0.92
N ALA A 95 -16.92 -4.16 0.35
CA ALA A 95 -16.27 -5.44 0.61
C ALA A 95 -15.13 -5.26 1.60
N SER A 96 -14.33 -6.27 1.80
CA SER A 96 -13.13 -6.17 2.61
C SER A 96 -12.11 -7.15 2.10
N VAL A 97 -10.82 -6.92 2.39
CA VAL A 97 -9.79 -7.79 1.83
C VAL A 97 -8.64 -8.00 2.76
N ASP A 98 -8.31 -9.23 3.06
CA ASP A 98 -7.13 -9.51 3.89
C ASP A 98 -5.87 -9.36 3.03
N LEU A 99 -5.20 -8.28 3.23
CA LEU A 99 -3.99 -7.92 2.53
C LEU A 99 -2.77 -8.20 3.39
N GLU A 100 -1.72 -8.66 2.77
CA GLU A 100 -0.46 -8.89 3.42
C GLU A 100 0.48 -7.72 3.08
N LEU A 101 1.01 -7.09 4.09
CA LEU A 101 1.91 -5.95 4.00
C LEU A 101 3.29 -6.29 4.52
N CYS A 102 4.27 -5.61 4.02
CA CYS A 102 5.62 -5.72 4.44
C CYS A 102 6.16 -4.34 4.81
N ARG A 103 6.34 -4.09 6.02
CA ARG A 103 6.90 -2.85 6.39
C ARG A 103 8.40 -3.00 6.53
N GLY A 104 9.11 -2.26 5.72
CA GLY A 104 10.55 -2.36 5.67
C GLY A 104 11.08 -1.52 4.57
N TYR A 105 10.29 -1.38 3.53
CA TYR A 105 10.68 -0.56 2.43
C TYR A 105 10.06 0.82 2.61
N PRO A 106 10.86 1.88 2.43
CA PRO A 106 10.42 3.26 2.58
C PRO A 106 9.40 3.65 1.53
N LEU A 107 8.60 4.67 1.87
CA LEU A 107 7.59 5.23 0.99
C LEU A 107 8.11 5.48 -0.41
N PRO A 108 7.32 5.12 -1.41
CA PRO A 108 7.73 5.19 -2.79
C PRO A 108 7.77 6.60 -3.35
N PHE A 109 7.94 6.65 -4.62
CA PHE A 109 8.22 7.89 -5.31
C PHE A 109 6.98 8.72 -5.57
N ASP A 110 7.19 10.01 -5.53
CA ASP A 110 6.18 11.02 -5.74
C ASP A 110 6.53 11.90 -6.95
N PRO A 111 6.06 11.47 -8.12
CA PRO A 111 6.21 12.23 -9.35
C PRO A 111 4.96 13.02 -9.68
N ASP A 112 3.89 12.30 -9.85
CA ASP A 112 2.58 12.82 -10.17
C ASP A 112 2.00 13.50 -8.98
N ASP A 113 2.47 13.10 -7.84
CA ASP A 113 1.99 13.54 -6.62
C ASP A 113 2.68 14.76 -6.20
N PRO A 114 1.90 15.74 -5.82
CA PRO A 114 2.40 16.86 -5.04
C PRO A 114 2.46 16.46 -3.57
N ASN A 115 1.52 15.60 -3.34
CA ASN A 115 0.93 15.04 -2.12
C ASN A 115 1.80 14.82 -0.89
N THR A 116 3.07 14.91 -1.00
CA THR A 116 3.91 14.50 0.10
C THR A 116 4.57 15.68 0.84
N SER A 117 4.08 16.85 0.61
CA SER A 117 4.61 18.05 1.20
C SER A 117 3.61 18.60 2.22
N LEU A 118 3.83 19.80 2.65
CA LEU A 118 2.94 20.48 3.51
C LEU A 118 1.98 21.30 2.65
N VAL A 119 0.70 21.15 2.91
CA VAL A 119 -0.36 21.79 2.16
C VAL A 119 -0.43 21.17 0.74
N THR A 120 -0.38 19.86 0.70
CA THR A 120 -0.53 19.13 -0.54
C THR A 120 -1.64 18.11 -0.38
N SER A 121 -1.87 17.30 -1.42
CA SER A 121 -2.96 16.31 -1.44
C SER A 121 -4.29 17.04 -1.44
N VAL A 122 -4.31 18.19 -2.15
CA VAL A 122 -5.45 19.08 -2.23
C VAL A 122 -5.84 19.54 -0.82
N ALA A 123 -4.99 20.35 -0.22
CA ALA A 123 -5.21 20.79 1.16
C ALA A 123 -5.90 22.14 1.21
N ILE A 124 -6.58 22.44 0.16
CA ILE A 124 -7.30 23.68 0.07
C ILE A 124 -8.74 23.38 0.40
N LEU A 125 -8.98 23.27 1.66
CA LEU A 125 -10.27 22.93 2.21
C LEU A 125 -11.08 24.20 2.37
N ASP A 126 -11.17 24.88 1.29
CA ASP A 126 -11.84 26.14 1.16
C ASP A 126 -12.68 26.05 -0.08
N LYS A 127 -13.83 26.67 -0.07
CA LYS A 127 -14.71 26.63 -1.20
C LYS A 127 -14.32 27.64 -2.27
N GLU A 128 -13.18 27.41 -2.82
CA GLU A 128 -12.66 28.17 -3.91
C GLU A 128 -12.89 27.35 -5.18
N PRO A 129 -13.39 27.97 -6.24
CA PRO A 129 -13.67 27.29 -7.52
C PRO A 129 -12.42 26.62 -8.14
N GLY A 1 15.30 6.23 -9.54
CA GLY A 1 14.90 6.23 -8.14
C GLY A 1 13.61 6.95 -7.98
N ALA A 2 13.08 6.94 -6.75
CA ALA A 2 11.86 7.66 -6.39
C ALA A 2 10.64 7.15 -7.17
N MET A 3 10.25 5.93 -6.86
CA MET A 3 9.09 5.25 -7.47
C MET A 3 8.92 3.89 -6.82
N GLY A 4 10.02 3.21 -6.63
CA GLY A 4 10.03 1.92 -6.02
C GLY A 4 11.42 1.37 -6.01
N LYS A 5 11.67 0.48 -6.93
CA LYS A 5 12.97 -0.16 -7.13
C LYS A 5 13.50 -0.83 -5.84
N PRO A 6 12.84 -1.91 -5.40
CA PRO A 6 13.23 -2.66 -4.24
C PRO A 6 13.90 -4.00 -4.62
N PHE A 7 13.97 -4.90 -3.66
CA PHE A 7 14.48 -6.23 -3.85
C PHE A 7 13.29 -7.11 -4.02
N PHE A 8 13.06 -7.53 -5.20
CA PHE A 8 11.92 -8.35 -5.47
C PHE A 8 12.30 -9.82 -5.44
N THR A 9 11.46 -10.65 -4.87
CA THR A 9 11.72 -12.06 -4.87
C THR A 9 10.41 -12.87 -4.89
N ARG A 10 9.32 -12.17 -5.21
CA ARG A 10 7.94 -12.70 -5.46
C ARG A 10 7.33 -13.56 -4.32
N ASN A 11 8.05 -13.75 -3.25
CA ASN A 11 7.57 -14.56 -2.15
C ASN A 11 7.84 -13.83 -0.84
N PRO A 12 6.78 -13.59 -0.06
CA PRO A 12 6.87 -12.95 1.26
C PRO A 12 7.74 -13.74 2.24
N SER A 13 7.90 -15.01 2.00
CA SER A 13 8.70 -15.84 2.85
C SER A 13 10.18 -15.60 2.56
N GLU A 14 10.47 -15.26 1.32
CA GLU A 14 11.83 -15.02 0.87
C GLU A 14 12.24 -13.58 1.13
N LEU A 15 11.26 -12.71 1.10
CA LEU A 15 11.49 -11.29 1.31
C LEU A 15 11.57 -10.98 2.80
N LYS A 16 12.16 -9.84 3.10
CA LYS A 16 12.37 -9.36 4.42
C LYS A 16 11.35 -8.31 4.68
N GLY A 17 11.39 -7.75 5.84
CA GLY A 17 10.39 -6.77 6.21
C GLY A 17 9.41 -7.38 7.18
N LYS A 18 8.58 -6.57 7.78
CA LYS A 18 7.60 -7.08 8.69
C LYS A 18 6.36 -7.37 7.93
N PHE A 19 5.95 -8.56 7.95
CA PHE A 19 4.81 -8.93 7.17
C PHE A 19 3.60 -8.96 8.05
N ILE A 20 2.73 -8.09 7.75
CA ILE A 20 1.58 -7.81 8.54
C ILE A 20 0.33 -8.11 7.78
N HIS A 21 -0.59 -8.75 8.41
CA HIS A 21 -1.78 -9.18 7.80
C HIS A 21 -2.94 -8.32 8.24
N THR A 22 -3.49 -7.60 7.33
CA THR A 22 -4.62 -6.79 7.63
C THR A 22 -5.63 -6.83 6.50
N LYS A 23 -6.83 -7.00 6.87
CA LYS A 23 -7.95 -6.96 5.99
C LYS A 23 -8.42 -5.55 5.88
N LEU A 24 -8.53 -5.08 4.66
CA LEU A 24 -8.97 -3.75 4.42
C LEU A 24 -10.35 -3.83 3.87
N ARG A 25 -11.25 -3.26 4.58
CA ARG A 25 -12.60 -3.23 4.17
C ARG A 25 -12.80 -2.18 3.12
N LYS A 26 -13.00 -2.63 1.89
CA LYS A 26 -13.44 -1.79 0.83
C LYS A 26 -14.81 -1.32 1.23
N SER A 27 -14.87 -0.16 1.79
CA SER A 27 -16.07 0.41 2.32
C SER A 27 -16.82 1.10 1.17
N SER A 28 -17.64 2.07 1.47
CA SER A 28 -18.35 2.82 0.47
C SER A 28 -17.34 3.54 -0.44
N ARG A 29 -16.27 4.06 0.16
CA ARG A 29 -15.19 4.67 -0.59
C ARG A 29 -14.19 3.60 -1.04
N GLY A 30 -14.32 2.41 -0.48
CA GLY A 30 -13.49 1.33 -0.81
C GLY A 30 -12.29 1.28 0.09
N PHE A 31 -11.11 1.34 -0.47
CA PHE A 31 -9.92 1.23 0.33
C PHE A 31 -9.43 2.60 0.71
N GLY A 32 -8.89 2.70 1.90
CA GLY A 32 -8.44 3.97 2.40
C GLY A 32 -7.00 4.25 2.08
N PHE A 33 -6.34 3.33 1.41
CA PHE A 33 -4.96 3.50 1.05
C PHE A 33 -4.83 3.74 -0.44
N THR A 34 -3.70 4.22 -0.80
CA THR A 34 -3.32 4.46 -2.14
C THR A 34 -2.07 3.64 -2.33
N VAL A 35 -1.82 3.21 -3.50
CA VAL A 35 -0.73 2.32 -3.68
C VAL A 35 0.00 2.61 -4.97
N VAL A 36 1.29 2.49 -4.89
CA VAL A 36 2.15 2.67 -6.00
C VAL A 36 3.38 1.78 -5.80
N GLY A 37 4.13 1.63 -6.86
CA GLY A 37 5.37 0.94 -6.78
C GLY A 37 5.53 -0.15 -7.77
N GLY A 38 4.68 -1.14 -7.61
CA GLY A 38 4.71 -2.38 -8.25
C GLY A 38 4.39 -2.38 -9.62
N ASP A 39 5.14 -1.69 -10.33
CA ASP A 39 4.96 -1.55 -11.73
C ASP A 39 5.20 -2.85 -12.39
N GLU A 40 5.93 -3.74 -11.72
CA GLU A 40 6.32 -4.91 -12.43
C GLU A 40 6.56 -6.03 -11.52
N PRO A 41 6.62 -7.26 -12.04
CA PRO A 41 7.02 -8.43 -11.25
C PRO A 41 8.50 -8.33 -10.86
N ASP A 42 8.79 -7.21 -10.21
CA ASP A 42 10.13 -6.75 -9.89
C ASP A 42 10.06 -5.43 -9.09
N GLU A 43 8.94 -4.73 -9.18
CA GLU A 43 8.66 -3.59 -8.33
C GLU A 43 7.50 -4.00 -7.53
N PHE A 44 7.64 -3.83 -6.15
CA PHE A 44 6.67 -4.15 -5.04
C PHE A 44 5.62 -3.10 -4.90
N LEU A 45 4.45 -3.44 -4.31
CA LEU A 45 3.47 -2.40 -4.09
C LEU A 45 3.75 -1.80 -2.77
N GLN A 46 3.47 -0.56 -2.57
CA GLN A 46 3.62 0.05 -1.26
C GLN A 46 2.54 1.05 -1.08
N ILE A 47 2.19 1.28 0.16
CA ILE A 47 1.19 2.25 0.49
C ILE A 47 1.79 3.58 0.21
N LYS A 48 1.28 4.22 -0.81
CA LYS A 48 1.70 5.54 -1.16
C LYS A 48 1.29 6.43 0.00
N SER A 49 0.14 6.06 0.61
CA SER A 49 -0.38 6.66 1.84
C SER A 49 -1.84 6.32 1.97
N LEU A 50 -2.39 6.67 3.08
CA LEU A 50 -3.72 6.33 3.41
C LEU A 50 -4.41 7.50 4.00
N VAL A 51 -5.64 7.59 3.69
CA VAL A 51 -6.50 8.61 4.16
C VAL A 51 -6.86 8.22 5.52
N LEU A 52 -6.63 9.14 6.36
CA LEU A 52 -6.84 9.07 7.71
C LEU A 52 -8.31 9.01 8.07
N ASP A 53 -9.11 9.13 7.07
CA ASP A 53 -10.54 9.07 7.17
C ASP A 53 -10.97 7.66 6.81
N GLY A 54 -10.12 7.00 6.09
CA GLY A 54 -10.45 5.77 5.51
C GLY A 54 -10.17 4.59 6.42
N PRO A 55 -10.69 3.43 6.03
CA PRO A 55 -10.59 2.17 6.79
C PRO A 55 -9.16 1.80 7.15
N ALA A 56 -8.23 2.17 6.31
CA ALA A 56 -6.80 1.87 6.51
C ALA A 56 -6.27 2.45 7.85
N ALA A 57 -6.55 3.73 8.06
CA ALA A 57 -6.17 4.44 9.28
C ALA A 57 -7.08 4.07 10.44
N LEU A 58 -8.33 3.85 10.11
CA LEU A 58 -9.35 3.55 11.10
C LEU A 58 -9.21 2.17 11.67
N ASP A 59 -8.83 1.25 10.82
CA ASP A 59 -8.54 -0.12 11.24
C ASP A 59 -7.21 -0.14 11.97
N GLY A 60 -6.48 0.94 11.75
CA GLY A 60 -5.22 1.23 12.43
C GLY A 60 -4.15 0.21 12.17
N LYS A 61 -4.16 -0.35 11.00
CA LYS A 61 -3.26 -1.38 10.65
C LYS A 61 -2.49 -1.04 9.40
N MET A 62 -2.76 0.11 8.83
CA MET A 62 -2.00 0.53 7.69
C MET A 62 -1.16 1.74 8.01
N GLU A 63 0.03 1.76 7.46
CA GLU A 63 0.94 2.86 7.61
C GLU A 63 1.56 3.17 6.26
N THR A 64 1.88 4.42 6.09
CA THR A 64 2.46 4.92 4.88
C THR A 64 3.84 4.27 4.61
N GLY A 65 3.95 3.51 3.55
CA GLY A 65 5.20 2.90 3.15
C GLY A 65 5.19 1.40 3.23
N ASP A 66 4.19 0.82 3.90
CA ASP A 66 4.09 -0.66 4.01
C ASP A 66 3.93 -1.25 2.59
N VAL A 67 4.68 -2.26 2.25
CA VAL A 67 4.58 -2.88 0.92
C VAL A 67 3.42 -3.88 0.83
N ILE A 68 2.58 -3.74 -0.18
CA ILE A 68 1.54 -4.73 -0.43
C ILE A 68 2.20 -5.88 -1.12
N VAL A 69 1.95 -7.03 -0.52
CA VAL A 69 2.50 -8.30 -0.88
C VAL A 69 1.41 -9.26 -1.35
N SER A 70 0.32 -9.38 -0.64
CA SER A 70 -0.68 -10.35 -1.07
C SER A 70 -2.13 -9.86 -0.91
N VAL A 71 -3.04 -10.57 -1.56
CA VAL A 71 -4.47 -10.27 -1.58
C VAL A 71 -5.22 -11.54 -1.45
N ASN A 72 -6.04 -11.64 -0.42
CA ASN A 72 -6.88 -12.81 -0.16
C ASN A 72 -6.03 -14.01 0.17
N ASP A 73 -5.48 -14.62 -0.86
CA ASP A 73 -4.58 -15.74 -0.74
C ASP A 73 -3.73 -15.84 -1.99
N THR A 74 -3.58 -14.74 -2.64
CA THR A 74 -2.80 -14.64 -3.84
C THR A 74 -1.66 -13.71 -3.59
N CYS A 75 -0.48 -14.19 -3.81
CA CYS A 75 0.70 -13.38 -3.71
C CYS A 75 0.63 -12.39 -4.86
N VAL A 76 0.38 -11.17 -4.54
CA VAL A 76 0.14 -10.15 -5.55
C VAL A 76 1.30 -9.15 -5.53
N LEU A 77 2.37 -9.60 -4.90
CA LEU A 77 3.57 -8.87 -4.69
C LEU A 77 4.08 -8.56 -6.04
N GLY A 78 4.07 -7.23 -6.40
CA GLY A 78 4.34 -6.73 -7.78
C GLY A 78 3.90 -7.70 -8.81
N HIS A 79 2.67 -8.22 -8.59
CA HIS A 79 1.98 -9.14 -9.47
C HIS A 79 2.12 -8.51 -10.82
N THR A 80 1.47 -7.42 -10.89
CA THR A 80 1.75 -6.31 -11.70
C THR A 80 0.88 -5.27 -11.12
N HIS A 81 1.28 -4.06 -11.03
CA HIS A 81 0.35 -3.03 -10.59
C HIS A 81 -0.98 -3.08 -11.41
N ALA A 82 -0.91 -3.50 -12.66
CA ALA A 82 -2.10 -3.71 -13.47
C ALA A 82 -2.99 -4.81 -12.84
N GLN A 83 -2.37 -5.95 -12.47
CA GLN A 83 -3.06 -7.06 -11.84
C GLN A 83 -3.66 -6.67 -10.51
N VAL A 84 -2.89 -5.95 -9.71
CA VAL A 84 -3.31 -5.55 -8.40
C VAL A 84 -4.52 -4.62 -8.46
N VAL A 85 -4.46 -3.65 -9.37
CA VAL A 85 -5.54 -2.71 -9.52
C VAL A 85 -6.79 -3.40 -10.01
N LYS A 86 -6.63 -4.31 -10.97
CA LYS A 86 -7.76 -5.04 -11.48
C LYS A 86 -8.35 -5.99 -10.42
N ILE A 87 -7.51 -6.46 -9.51
CA ILE A 87 -7.93 -7.28 -8.39
C ILE A 87 -8.76 -6.48 -7.37
N PHE A 88 -8.36 -5.27 -7.13
CA PHE A 88 -9.08 -4.38 -6.23
C PHE A 88 -10.36 -3.91 -6.88
N GLN A 89 -10.30 -3.74 -8.17
CA GLN A 89 -11.44 -3.44 -8.99
C GLN A 89 -12.34 -4.64 -9.16
N SER A 90 -11.79 -5.80 -8.91
CA SER A 90 -12.50 -7.05 -8.96
C SER A 90 -13.33 -7.18 -7.69
N ILE A 91 -12.72 -6.82 -6.59
CA ILE A 91 -13.38 -6.78 -5.32
C ILE A 91 -14.39 -5.63 -5.31
N PRO A 92 -15.61 -5.87 -4.84
CA PRO A 92 -16.70 -4.91 -4.90
C PRO A 92 -16.76 -3.99 -3.68
N ILE A 93 -17.46 -2.89 -3.82
CA ILE A 93 -17.70 -1.94 -2.72
C ILE A 93 -18.42 -2.60 -1.60
N GLY A 94 -17.92 -2.40 -0.43
CA GLY A 94 -18.54 -3.01 0.73
C GLY A 94 -17.88 -4.33 1.10
N ALA A 95 -16.75 -4.58 0.50
CA ALA A 95 -16.05 -5.85 0.69
C ALA A 95 -14.92 -5.68 1.66
N SER A 96 -14.09 -6.69 1.82
CA SER A 96 -12.91 -6.57 2.63
C SER A 96 -11.85 -7.51 2.11
N VAL A 97 -10.59 -7.23 2.41
CA VAL A 97 -9.54 -8.03 1.84
C VAL A 97 -8.40 -8.24 2.80
N ASP A 98 -8.04 -9.46 3.06
CA ASP A 98 -6.87 -9.72 3.86
C ASP A 98 -5.65 -9.54 3.00
N LEU A 99 -4.96 -8.49 3.27
CA LEU A 99 -3.78 -8.11 2.56
C LEU A 99 -2.54 -8.31 3.41
N GLU A 100 -1.51 -8.87 2.82
CA GLU A 100 -0.23 -8.92 3.48
C GLU A 100 0.56 -7.71 3.10
N LEU A 101 0.99 -7.01 4.09
CA LEU A 101 1.82 -5.86 3.97
C LEU A 101 3.21 -6.24 4.44
N CYS A 102 4.17 -5.50 4.04
CA CYS A 102 5.52 -5.64 4.49
C CYS A 102 6.06 -4.30 4.89
N ARG A 103 6.22 -4.09 6.12
CA ARG A 103 6.72 -2.83 6.54
C ARG A 103 8.21 -2.90 6.75
N GLY A 104 8.89 -1.82 6.49
CA GLY A 104 10.32 -1.79 6.64
C GLY A 104 10.96 -1.18 5.46
N TYR A 105 10.21 -1.12 4.39
CA TYR A 105 10.68 -0.50 3.20
C TYR A 105 10.15 0.92 3.13
N PRO A 106 11.04 1.88 2.88
CA PRO A 106 10.72 3.31 2.90
C PRO A 106 9.73 3.71 1.81
N LEU A 107 9.07 4.81 2.06
CA LEU A 107 8.12 5.39 1.16
C LEU A 107 8.72 5.61 -0.23
N PRO A 108 8.07 5.03 -1.24
CA PRO A 108 8.62 4.92 -2.59
C PRO A 108 8.57 6.17 -3.41
N PHE A 109 7.44 6.77 -3.49
CA PHE A 109 7.24 7.82 -4.42
C PHE A 109 6.63 9.02 -3.77
N ASP A 110 7.27 10.13 -3.94
CA ASP A 110 6.80 11.41 -3.43
C ASP A 110 6.21 12.21 -4.55
N PRO A 111 4.89 12.30 -4.56
CA PRO A 111 4.19 13.20 -5.42
C PRO A 111 3.89 14.49 -4.68
N ASP A 112 3.15 14.35 -3.64
CA ASP A 112 2.77 15.37 -2.75
C ASP A 112 3.13 14.95 -1.34
N ASP A 113 4.05 14.01 -1.26
CA ASP A 113 4.39 13.40 0.04
C ASP A 113 5.22 14.32 0.82
N PRO A 114 4.76 14.63 2.02
CA PRO A 114 5.51 15.45 2.91
C PRO A 114 6.63 14.69 3.54
N ASN A 115 6.31 13.45 3.84
CA ASN A 115 7.03 12.55 4.71
C ASN A 115 8.41 12.27 4.26
N THR A 116 8.64 12.62 3.06
CA THR A 116 9.80 12.28 2.35
C THR A 116 10.79 13.46 2.20
N SER A 117 10.82 14.37 3.16
CA SER A 117 11.71 15.52 3.07
C SER A 117 12.19 15.96 4.45
N LEU A 118 12.58 17.19 4.57
CA LEU A 118 12.90 17.78 5.85
C LEU A 118 11.69 18.62 6.24
N VAL A 119 11.35 18.69 7.53
CA VAL A 119 10.08 19.30 8.03
C VAL A 119 8.89 18.80 7.18
N THR A 120 8.53 17.58 7.42
CA THR A 120 7.57 16.88 6.62
C THR A 120 6.16 17.06 7.17
N SER A 121 5.40 15.97 7.18
CA SER A 121 4.11 15.88 7.78
C SER A 121 4.17 16.41 9.22
N VAL A 122 3.13 17.12 9.63
CA VAL A 122 3.13 17.74 10.93
C VAL A 122 2.80 16.71 12.01
N ALA A 123 3.82 16.02 12.40
CA ALA A 123 3.79 15.03 13.45
C ALA A 123 5.18 14.97 14.00
N ILE A 124 5.82 16.13 14.06
CA ILE A 124 7.22 16.23 14.41
C ILE A 124 7.43 17.35 15.41
N LEU A 125 7.64 16.96 16.63
CA LEU A 125 8.00 17.88 17.70
C LEU A 125 9.46 17.61 18.06
N ASP A 126 10.11 16.98 17.09
CA ASP A 126 11.49 16.49 17.13
C ASP A 126 11.62 15.26 18.04
N LYS A 127 12.63 14.48 17.78
CA LYS A 127 12.82 13.21 18.45
C LYS A 127 14.12 13.19 19.24
N GLU A 128 14.41 14.30 19.83
CA GLU A 128 15.54 14.46 20.71
C GLU A 128 14.98 14.32 22.13
N PRO A 129 15.75 13.77 23.08
CA PRO A 129 15.35 13.69 24.49
C PRO A 129 15.10 15.09 25.10
N GLY A 1 11.57 3.90 -10.06
CA GLY A 1 10.57 3.14 -10.80
C GLY A 1 10.75 3.35 -12.29
N ALA A 2 11.01 2.26 -13.01
CA ALA A 2 11.27 2.29 -14.45
C ALA A 2 11.60 0.89 -14.89
N MET A 3 12.52 0.30 -14.19
CA MET A 3 12.94 -1.06 -14.44
C MET A 3 13.34 -1.66 -13.11
N GLY A 4 12.41 -1.68 -12.21
CA GLY A 4 12.65 -2.25 -10.93
C GLY A 4 12.85 -1.19 -9.87
N LYS A 5 12.09 -1.28 -8.82
CA LYS A 5 12.17 -0.35 -7.75
C LYS A 5 12.89 -0.96 -6.51
N PRO A 6 12.34 -1.98 -5.82
CA PRO A 6 12.99 -2.61 -4.69
C PRO A 6 13.53 -4.01 -5.05
N PHE A 7 14.07 -4.70 -4.07
CA PHE A 7 14.56 -6.02 -4.20
C PHE A 7 13.38 -6.94 -4.29
N PHE A 8 13.12 -7.39 -5.45
CA PHE A 8 11.98 -8.22 -5.70
C PHE A 8 12.45 -9.65 -5.89
N THR A 9 11.85 -10.56 -5.17
CA THR A 9 12.18 -11.96 -5.33
C THR A 9 10.90 -12.82 -5.14
N ARG A 10 9.75 -12.13 -5.31
CA ARG A 10 8.36 -12.69 -5.32
C ARG A 10 7.91 -13.47 -4.06
N ASN A 11 8.83 -13.86 -3.22
CA ASN A 11 8.47 -14.61 -2.04
C ASN A 11 8.71 -13.80 -0.77
N PRO A 12 7.62 -13.52 -0.01
CA PRO A 12 7.67 -12.84 1.29
C PRO A 12 8.64 -13.51 2.29
N SER A 13 8.87 -14.80 2.13
CA SER A 13 9.80 -15.54 2.98
C SER A 13 11.24 -15.12 2.67
N GLU A 14 11.46 -14.68 1.46
CA GLU A 14 12.77 -14.30 0.98
C GLU A 14 13.02 -12.81 1.21
N LEU A 15 11.94 -12.06 1.37
CA LEU A 15 12.04 -10.63 1.58
C LEU A 15 12.43 -10.33 3.00
N LYS A 16 12.62 -9.07 3.24
CA LYS A 16 12.86 -8.57 4.52
C LYS A 16 11.60 -7.90 4.98
N GLY A 17 11.67 -7.16 6.03
CA GLY A 17 10.49 -6.47 6.48
C GLY A 17 9.69 -7.30 7.45
N LYS A 18 8.67 -6.71 7.97
CA LYS A 18 7.76 -7.35 8.89
C LYS A 18 6.41 -7.45 8.18
N PHE A 19 5.64 -8.46 8.44
CA PHE A 19 4.51 -8.78 7.61
C PHE A 19 3.27 -8.81 8.40
N ILE A 20 2.42 -7.95 8.04
CA ILE A 20 1.19 -7.79 8.71
C ILE A 20 0.06 -8.22 7.86
N HIS A 21 -0.84 -8.90 8.46
CA HIS A 21 -1.97 -9.38 7.78
C HIS A 21 -3.13 -8.46 8.13
N THR A 22 -3.65 -7.85 7.16
CA THR A 22 -4.61 -6.81 7.30
C THR A 22 -5.80 -7.11 6.42
N LYS A 23 -6.91 -6.56 6.74
CA LYS A 23 -8.09 -6.65 5.94
C LYS A 23 -8.60 -5.28 5.74
N LEU A 24 -8.72 -4.91 4.50
CA LEU A 24 -9.14 -3.59 4.21
C LEU A 24 -10.54 -3.61 3.70
N ARG A 25 -11.40 -2.98 4.43
CA ARG A 25 -12.75 -2.82 4.04
C ARG A 25 -12.83 -1.82 2.92
N LYS A 26 -13.08 -2.31 1.74
CA LYS A 26 -13.46 -1.48 0.67
C LYS A 26 -14.83 -0.96 1.07
N SER A 27 -14.86 0.21 1.62
CA SER A 27 -16.06 0.81 2.13
C SER A 27 -16.77 1.52 0.97
N SER A 28 -17.60 2.52 1.26
CA SER A 28 -18.28 3.27 0.23
C SER A 28 -17.29 3.89 -0.77
N ARG A 29 -16.18 4.41 -0.27
CA ARG A 29 -15.13 4.88 -1.16
C ARG A 29 -14.21 3.71 -1.55
N GLY A 30 -14.23 2.68 -0.74
CA GLY A 30 -13.45 1.55 -0.96
C GLY A 30 -12.27 1.56 -0.05
N PHE A 31 -11.09 1.52 -0.58
CA PHE A 31 -9.92 1.41 0.22
C PHE A 31 -9.43 2.78 0.64
N GLY A 32 -8.94 2.89 1.85
CA GLY A 32 -8.51 4.17 2.38
C GLY A 32 -7.04 4.44 2.17
N PHE A 33 -6.41 3.61 1.39
CA PHE A 33 -5.00 3.76 1.10
C PHE A 33 -4.80 3.86 -0.39
N THR A 34 -3.66 4.33 -0.75
CA THR A 34 -3.27 4.51 -2.11
C THR A 34 -2.08 3.61 -2.34
N VAL A 35 -1.83 3.20 -3.56
CA VAL A 35 -0.77 2.26 -3.77
C VAL A 35 0.08 2.68 -4.95
N VAL A 36 1.37 2.50 -4.81
CA VAL A 36 2.27 2.68 -5.89
C VAL A 36 3.51 1.81 -5.67
N GLY A 37 4.19 1.53 -6.75
CA GLY A 37 5.49 0.93 -6.68
C GLY A 37 5.61 -0.39 -7.25
N GLY A 38 4.58 -0.89 -7.76
CA GLY A 38 4.52 -2.24 -8.11
C GLY A 38 4.25 -2.37 -9.48
N ASP A 39 4.95 -1.60 -10.19
CA ASP A 39 4.75 -1.46 -11.61
C ASP A 39 4.92 -2.76 -12.29
N GLU A 40 5.69 -3.65 -11.71
CA GLU A 40 6.00 -4.84 -12.45
C GLU A 40 6.35 -5.96 -11.57
N PRO A 41 6.42 -7.18 -12.11
CA PRO A 41 6.91 -8.34 -11.37
C PRO A 41 8.41 -8.19 -11.03
N ASP A 42 8.70 -7.08 -10.36
CA ASP A 42 10.06 -6.61 -9.99
C ASP A 42 9.97 -5.25 -9.25
N GLU A 43 8.81 -4.62 -9.31
CA GLU A 43 8.51 -3.48 -8.49
C GLU A 43 7.34 -3.89 -7.63
N PHE A 44 7.53 -3.78 -6.22
CA PHE A 44 6.58 -4.21 -5.07
C PHE A 44 5.48 -3.22 -4.84
N LEU A 45 4.35 -3.63 -4.26
CA LEU A 45 3.36 -2.61 -4.01
C LEU A 45 3.65 -2.00 -2.71
N GLN A 46 3.48 -0.74 -2.58
CA GLN A 46 3.65 -0.12 -1.30
C GLN A 46 2.57 0.89 -1.14
N ILE A 47 2.20 1.12 0.07
CA ILE A 47 1.18 2.07 0.39
C ILE A 47 1.79 3.40 0.13
N LYS A 48 1.26 4.06 -0.88
CA LYS A 48 1.68 5.39 -1.21
C LYS A 48 1.42 6.26 0.00
N SER A 49 0.22 6.01 0.63
CA SER A 49 -0.22 6.66 1.85
C SER A 49 -1.71 6.46 2.03
N LEU A 50 -2.23 6.88 3.13
CA LEU A 50 -3.58 6.60 3.47
C LEU A 50 -4.28 7.74 4.14
N VAL A 51 -5.55 7.74 3.95
CA VAL A 51 -6.45 8.71 4.48
C VAL A 51 -6.84 8.25 5.81
N LEU A 52 -6.70 9.15 6.71
CA LEU A 52 -6.99 9.00 8.07
C LEU A 52 -8.48 8.87 8.35
N ASP A 53 -9.21 8.99 7.31
CA ASP A 53 -10.64 8.86 7.31
C ASP A 53 -10.98 7.48 6.82
N GLY A 54 -10.03 6.91 6.13
CA GLY A 54 -10.23 5.70 5.47
C GLY A 54 -9.98 4.51 6.33
N PRO A 55 -10.59 3.39 5.97
CA PRO A 55 -10.51 2.12 6.71
C PRO A 55 -9.08 1.66 6.98
N ALA A 56 -8.16 2.09 6.13
CA ALA A 56 -6.73 1.76 6.28
C ALA A 56 -6.18 2.25 7.64
N ALA A 57 -6.50 3.49 7.96
CA ALA A 57 -6.11 4.12 9.22
C ALA A 57 -6.97 3.61 10.36
N LEU A 58 -8.23 3.40 10.06
CA LEU A 58 -9.26 3.03 11.00
C LEU A 58 -9.11 1.62 11.51
N ASP A 59 -8.70 0.74 10.63
CA ASP A 59 -8.48 -0.68 10.98
C ASP A 59 -7.18 -0.77 11.76
N GLY A 60 -6.43 0.34 11.63
CA GLY A 60 -5.18 0.55 12.31
C GLY A 60 -4.13 -0.44 11.93
N LYS A 61 -4.07 -0.75 10.68
CA LYS A 61 -3.21 -1.80 10.24
C LYS A 61 -2.31 -1.38 9.12
N MET A 62 -2.73 -0.38 8.38
CA MET A 62 -1.90 0.12 7.29
C MET A 62 -1.07 1.29 7.75
N GLU A 63 0.13 1.34 7.26
CA GLU A 63 0.98 2.46 7.45
C GLU A 63 1.60 2.81 6.10
N THR A 64 1.90 4.06 5.94
CA THR A 64 2.51 4.58 4.75
C THR A 64 3.86 3.88 4.49
N GLY A 65 3.95 3.15 3.41
CA GLY A 65 5.18 2.50 3.05
C GLY A 65 5.11 1.02 3.13
N ASP A 66 4.05 0.47 3.76
CA ASP A 66 3.91 -0.99 3.83
C ASP A 66 3.84 -1.55 2.43
N VAL A 67 4.58 -2.56 2.17
CA VAL A 67 4.55 -3.20 0.90
C VAL A 67 3.45 -4.26 0.82
N ILE A 68 2.51 -4.07 -0.09
CA ILE A 68 1.54 -5.07 -0.39
C ILE A 68 2.23 -6.17 -1.11
N VAL A 69 2.08 -7.32 -0.50
CA VAL A 69 2.66 -8.56 -0.89
C VAL A 69 1.57 -9.54 -1.31
N SER A 70 0.43 -9.48 -0.68
CA SER A 70 -0.63 -10.44 -1.02
C SER A 70 -2.03 -9.89 -0.82
N VAL A 71 -2.99 -10.56 -1.44
CA VAL A 71 -4.40 -10.22 -1.39
C VAL A 71 -5.16 -11.53 -1.45
N ASN A 72 -6.15 -11.72 -0.57
CA ASN A 72 -7.00 -12.93 -0.59
C ASN A 72 -6.16 -14.21 -0.47
N ASP A 73 -5.04 -14.11 0.26
CA ASP A 73 -4.05 -15.21 0.47
C ASP A 73 -3.32 -15.62 -0.83
N THR A 74 -3.40 -14.77 -1.83
CA THR A 74 -2.70 -14.95 -3.08
C THR A 74 -1.58 -13.94 -3.13
N CYS A 75 -0.39 -14.39 -3.43
CA CYS A 75 0.74 -13.52 -3.51
C CYS A 75 0.61 -12.60 -4.70
N VAL A 76 0.44 -11.35 -4.42
CA VAL A 76 0.18 -10.34 -5.44
C VAL A 76 1.34 -9.33 -5.42
N LEU A 77 2.45 -9.75 -4.81
CA LEU A 77 3.65 -8.99 -4.67
C LEU A 77 4.09 -8.65 -6.07
N GLY A 78 4.04 -7.31 -6.41
CA GLY A 78 4.26 -6.81 -7.81
C GLY A 78 3.78 -7.79 -8.83
N HIS A 79 2.56 -8.33 -8.57
CA HIS A 79 1.83 -9.25 -9.44
C HIS A 79 1.92 -8.58 -10.77
N THR A 80 1.28 -7.48 -10.80
CA THR A 80 1.53 -6.35 -11.60
C THR A 80 0.70 -5.32 -10.99
N HIS A 81 1.13 -4.10 -10.93
CA HIS A 81 0.22 -3.04 -10.50
C HIS A 81 -1.12 -3.10 -11.31
N ALA A 82 -1.04 -3.55 -12.54
CA ALA A 82 -2.23 -3.78 -13.35
C ALA A 82 -3.12 -4.87 -12.71
N GLN A 83 -2.52 -6.01 -12.35
CA GLN A 83 -3.25 -7.11 -11.74
C GLN A 83 -3.84 -6.75 -10.41
N VAL A 84 -3.08 -6.04 -9.63
CA VAL A 84 -3.50 -5.62 -8.32
C VAL A 84 -4.70 -4.67 -8.39
N VAL A 85 -4.63 -3.68 -9.29
CA VAL A 85 -5.72 -2.73 -9.44
C VAL A 85 -6.94 -3.46 -9.96
N LYS A 86 -6.71 -4.42 -10.86
CA LYS A 86 -7.75 -5.27 -11.38
C LYS A 86 -8.45 -6.02 -10.25
N ILE A 87 -7.67 -6.58 -9.33
CA ILE A 87 -8.21 -7.34 -8.21
C ILE A 87 -9.06 -6.47 -7.27
N PHE A 88 -8.63 -5.25 -7.09
CA PHE A 88 -9.35 -4.30 -6.26
C PHE A 88 -10.59 -3.80 -6.99
N GLN A 89 -10.49 -3.74 -8.31
CA GLN A 89 -11.59 -3.44 -9.19
C GLN A 89 -12.59 -4.57 -9.21
N SER A 90 -12.07 -5.77 -9.04
CA SER A 90 -12.82 -6.99 -8.98
C SER A 90 -13.64 -7.05 -7.71
N ILE A 91 -13.06 -6.56 -6.65
CA ILE A 91 -13.69 -6.48 -5.40
C ILE A 91 -14.67 -5.30 -5.37
N PRO A 92 -15.88 -5.52 -4.89
CA PRO A 92 -16.97 -4.53 -4.94
C PRO A 92 -16.98 -3.61 -3.72
N ILE A 93 -17.67 -2.49 -3.84
CA ILE A 93 -17.82 -1.55 -2.74
C ILE A 93 -18.51 -2.19 -1.59
N GLY A 94 -17.99 -1.97 -0.44
CA GLY A 94 -18.60 -2.54 0.74
C GLY A 94 -18.00 -3.88 1.09
N ALA A 95 -16.89 -4.19 0.45
CA ALA A 95 -16.26 -5.50 0.64
C ALA A 95 -15.11 -5.37 1.57
N SER A 96 -14.42 -6.43 1.87
CA SER A 96 -13.23 -6.32 2.70
C SER A 96 -12.20 -7.25 2.15
N VAL A 97 -10.92 -7.07 2.54
CA VAL A 97 -9.91 -7.92 1.94
C VAL A 97 -8.76 -8.18 2.82
N ASP A 98 -8.46 -9.41 3.02
CA ASP A 98 -7.29 -9.76 3.77
C ASP A 98 -6.06 -9.72 2.86
N LEU A 99 -5.29 -8.69 3.07
CA LEU A 99 -4.08 -8.37 2.36
C LEU A 99 -2.89 -8.64 3.26
N GLU A 100 -1.73 -8.81 2.67
CA GLU A 100 -0.52 -8.96 3.43
C GLU A 100 0.41 -7.80 3.11
N LEU A 101 0.80 -7.10 4.14
CA LEU A 101 1.66 -5.93 4.08
C LEU A 101 3.04 -6.28 4.59
N CYS A 102 3.98 -5.47 4.24
CA CYS A 102 5.33 -5.59 4.71
C CYS A 102 5.89 -4.23 5.12
N ARG A 103 6.09 -4.10 6.36
CA ARG A 103 6.60 -2.91 6.96
C ARG A 103 8.11 -3.06 6.99
N GLY A 104 8.79 -2.26 6.24
CA GLY A 104 10.23 -2.38 6.21
C GLY A 104 10.83 -1.75 5.01
N TYR A 105 10.08 -1.67 3.94
CA TYR A 105 10.59 -1.05 2.75
C TYR A 105 10.18 0.41 2.72
N PRO A 106 11.16 1.29 2.49
CA PRO A 106 10.97 2.76 2.55
C PRO A 106 9.97 3.29 1.54
N LEU A 107 9.20 4.28 2.00
CA LEU A 107 8.19 4.96 1.22
C LEU A 107 8.72 5.45 -0.12
N PRO A 108 8.04 5.03 -1.20
CA PRO A 108 8.46 5.31 -2.56
C PRO A 108 8.12 6.70 -3.05
N PHE A 109 6.90 7.07 -2.91
CA PHE A 109 6.44 8.25 -3.56
C PHE A 109 5.82 9.22 -2.61
N ASP A 110 6.14 10.46 -2.84
CA ASP A 110 5.58 11.60 -2.15
C ASP A 110 4.61 12.32 -3.02
N PRO A 111 3.35 12.20 -2.69
CA PRO A 111 2.34 12.98 -3.30
C PRO A 111 2.14 14.26 -2.53
N ASP A 112 1.70 14.09 -1.34
CA ASP A 112 1.49 15.17 -0.39
C ASP A 112 1.87 14.59 0.93
N ASP A 113 2.78 13.69 0.86
CA ASP A 113 3.19 12.97 2.07
C ASP A 113 4.61 13.25 2.38
N PRO A 114 4.81 13.94 3.47
CA PRO A 114 6.12 14.42 3.89
C PRO A 114 6.92 13.32 4.50
N ASN A 115 6.15 12.47 5.03
CA ASN A 115 6.44 11.39 5.89
C ASN A 115 7.17 10.28 5.16
N THR A 116 7.51 10.59 3.97
CA THR A 116 8.06 9.67 3.07
C THR A 116 9.57 9.69 3.16
N SER A 117 10.07 10.69 3.82
CA SER A 117 11.46 10.80 4.10
C SER A 117 11.59 10.64 5.59
N LEU A 118 12.68 10.07 6.01
CA LEU A 118 12.90 9.83 7.40
C LEU A 118 12.94 11.13 8.18
N VAL A 119 12.14 11.14 9.22
CA VAL A 119 11.93 12.24 10.15
C VAL A 119 11.44 13.55 9.51
N THR A 120 10.60 13.46 8.48
CA THR A 120 9.94 14.65 8.02
C THR A 120 8.72 14.89 8.95
N SER A 121 7.60 14.26 8.67
CA SER A 121 6.50 14.30 9.60
C SER A 121 6.24 12.90 10.09
N VAL A 122 7.25 12.35 10.72
CA VAL A 122 7.25 11.00 11.22
C VAL A 122 8.31 10.90 12.32
N ALA A 123 7.92 10.34 13.45
CA ALA A 123 8.78 10.27 14.61
C ALA A 123 9.37 8.88 14.79
N ILE A 124 9.90 8.34 13.73
CA ILE A 124 10.47 7.02 13.75
C ILE A 124 11.93 7.13 13.44
N LEU A 125 12.72 7.00 14.44
CA LEU A 125 14.14 7.15 14.32
C LEU A 125 14.82 5.81 14.38
N ASP A 126 14.20 4.85 13.71
CA ASP A 126 14.70 3.46 13.54
C ASP A 126 14.59 2.69 14.88
N LYS A 127 15.05 1.46 14.88
CA LYS A 127 15.13 0.57 16.04
C LYS A 127 13.76 0.24 16.60
N GLU A 128 12.76 0.32 15.75
CA GLU A 128 11.41 -0.07 16.10
C GLU A 128 11.37 -1.60 16.33
N PRO A 129 10.70 -2.06 17.41
CA PRO A 129 10.59 -3.49 17.75
C PRO A 129 10.04 -4.33 16.60
N GLY A 1 13.86 2.03 -13.10
CA GLY A 1 13.84 1.64 -11.71
C GLY A 1 14.63 2.59 -10.85
N ALA A 2 14.01 3.68 -10.47
CA ALA A 2 14.64 4.70 -9.66
C ALA A 2 13.62 5.24 -8.69
N MET A 3 14.01 5.33 -7.42
CA MET A 3 13.12 5.75 -6.32
C MET A 3 12.05 4.69 -6.19
N GLY A 4 12.54 3.50 -6.10
CA GLY A 4 11.77 2.30 -6.06
C GLY A 4 12.71 1.17 -6.38
N LYS A 5 12.31 0.27 -7.28
CA LYS A 5 13.14 -0.86 -7.74
C LYS A 5 13.77 -1.62 -6.56
N PRO A 6 12.95 -2.21 -5.71
CA PRO A 6 13.40 -2.85 -4.49
C PRO A 6 13.82 -4.29 -4.74
N PHE A 7 14.36 -4.90 -3.72
CA PHE A 7 14.74 -6.25 -3.73
C PHE A 7 13.47 -7.06 -3.77
N PHE A 8 13.19 -7.59 -4.88
CA PHE A 8 12.01 -8.36 -5.09
C PHE A 8 12.41 -9.80 -5.20
N THR A 9 11.69 -10.68 -4.55
CA THR A 9 12.00 -12.07 -4.60
C THR A 9 10.71 -12.92 -4.59
N ARG A 10 9.61 -12.22 -4.91
CA ARG A 10 8.23 -12.72 -5.11
C ARG A 10 7.59 -13.43 -3.91
N ASN A 11 8.36 -14.01 -3.08
CA ASN A 11 7.80 -14.71 -1.93
C ASN A 11 8.02 -13.88 -0.69
N PRO A 12 6.92 -13.56 0.01
CA PRO A 12 6.95 -12.81 1.27
C PRO A 12 7.85 -13.47 2.31
N SER A 13 7.97 -14.78 2.24
CA SER A 13 8.80 -15.54 3.17
C SER A 13 10.30 -15.27 2.89
N GLU A 14 10.60 -14.92 1.67
CA GLU A 14 11.96 -14.71 1.25
C GLU A 14 12.37 -13.24 1.41
N LEU A 15 11.38 -12.38 1.41
CA LEU A 15 11.60 -10.94 1.49
C LEU A 15 11.69 -10.53 2.95
N LYS A 16 12.38 -9.44 3.22
CA LYS A 16 12.58 -9.00 4.55
C LYS A 16 11.83 -7.76 4.81
N GLY A 17 11.20 -7.79 5.89
CA GLY A 17 10.28 -6.76 6.30
C GLY A 17 9.30 -7.34 7.28
N LYS A 18 8.51 -6.52 7.92
CA LYS A 18 7.47 -7.01 8.77
C LYS A 18 6.22 -7.22 7.97
N PHE A 19 5.79 -8.42 7.93
CA PHE A 19 4.66 -8.79 7.14
C PHE A 19 3.47 -8.94 8.02
N ILE A 20 2.55 -8.08 7.80
CA ILE A 20 1.35 -7.98 8.58
C ILE A 20 0.19 -8.20 7.67
N HIS A 21 -0.67 -9.04 8.09
CA HIS A 21 -1.75 -9.44 7.31
C HIS A 21 -3.01 -8.81 7.85
N THR A 22 -3.53 -7.86 7.14
CA THR A 22 -4.70 -7.19 7.57
C THR A 22 -5.70 -7.05 6.43
N LYS A 23 -6.92 -7.13 6.80
CA LYS A 23 -8.04 -6.98 5.92
C LYS A 23 -8.39 -5.53 5.82
N LEU A 24 -8.54 -5.06 4.61
CA LEU A 24 -8.94 -3.71 4.38
C LEU A 24 -10.34 -3.75 3.84
N ARG A 25 -11.25 -3.17 4.57
CA ARG A 25 -12.61 -3.12 4.14
C ARG A 25 -12.80 -2.06 3.08
N LYS A 26 -13.09 -2.51 1.87
CA LYS A 26 -13.53 -1.64 0.82
C LYS A 26 -14.89 -1.13 1.25
N SER A 27 -14.89 0.02 1.83
CA SER A 27 -16.04 0.62 2.42
C SER A 27 -16.70 1.56 1.40
N SER A 28 -17.41 2.55 1.89
CA SER A 28 -18.10 3.56 1.10
C SER A 28 -17.17 4.14 -0.01
N ARG A 29 -15.91 4.41 0.32
CA ARG A 29 -14.95 4.84 -0.68
C ARG A 29 -13.97 3.73 -1.02
N GLY A 30 -14.27 2.55 -0.56
CA GLY A 30 -13.48 1.44 -0.81
C GLY A 30 -12.33 1.39 0.13
N PHE A 31 -11.15 1.31 -0.39
CA PHE A 31 -10.00 1.20 0.45
C PHE A 31 -9.53 2.59 0.87
N GLY A 32 -9.03 2.67 2.07
CA GLY A 32 -8.59 3.94 2.60
C GLY A 32 -7.18 4.28 2.21
N PHE A 33 -6.54 3.38 1.50
CA PHE A 33 -5.21 3.60 1.07
C PHE A 33 -5.13 3.81 -0.42
N THR A 34 -4.04 4.34 -0.81
CA THR A 34 -3.69 4.56 -2.16
C THR A 34 -2.46 3.75 -2.34
N VAL A 35 -2.27 3.20 -3.47
CA VAL A 35 -1.18 2.32 -3.64
C VAL A 35 -0.42 2.59 -4.90
N VAL A 36 0.86 2.37 -4.83
CA VAL A 36 1.73 2.59 -5.90
C VAL A 36 2.80 1.53 -5.88
N GLY A 37 3.50 1.43 -6.93
CA GLY A 37 4.51 0.48 -7.05
C GLY A 37 4.11 -0.48 -8.10
N GLY A 38 4.40 -1.77 -7.91
CA GLY A 38 4.01 -2.81 -8.84
C GLY A 38 4.43 -2.49 -10.21
N ASP A 39 5.57 -1.81 -10.28
CA ASP A 39 6.05 -1.24 -11.50
C ASP A 39 6.38 -2.34 -12.39
N GLU A 40 6.73 -3.45 -11.77
CA GLU A 40 7.03 -4.61 -12.54
C GLU A 40 6.96 -5.77 -11.66
N PRO A 41 6.94 -6.99 -12.23
CA PRO A 41 7.10 -8.22 -11.45
C PRO A 41 8.52 -8.27 -10.86
N ASP A 42 8.82 -7.26 -10.09
CA ASP A 42 10.15 -6.96 -9.55
C ASP A 42 10.15 -5.58 -8.81
N GLU A 43 9.07 -4.83 -8.95
CA GLU A 43 8.89 -3.67 -8.15
C GLU A 43 7.59 -3.83 -7.48
N PHE A 44 7.66 -3.66 -6.10
CA PHE A 44 6.64 -3.98 -5.01
C PHE A 44 5.52 -2.99 -4.94
N LEU A 45 4.36 -3.38 -4.34
CA LEU A 45 3.34 -2.40 -4.11
C LEU A 45 3.62 -1.83 -2.79
N GLN A 46 3.38 -0.59 -2.61
CA GLN A 46 3.55 0.02 -1.33
C GLN A 46 2.47 1.03 -1.21
N ILE A 47 2.09 1.27 -0.02
CA ILE A 47 1.05 2.23 0.26
C ILE A 47 1.59 3.57 -0.05
N LYS A 48 1.04 4.17 -1.08
CA LYS A 48 1.38 5.50 -1.48
C LYS A 48 1.12 6.38 -0.29
N SER A 49 0.00 6.05 0.41
CA SER A 49 -0.42 6.66 1.66
C SER A 49 -1.87 6.36 1.86
N LEU A 50 -2.36 6.71 2.98
CA LEU A 50 -3.69 6.41 3.33
C LEU A 50 -4.37 7.57 3.96
N VAL A 51 -5.63 7.62 3.73
CA VAL A 51 -6.48 8.62 4.24
C VAL A 51 -6.86 8.21 5.58
N LEU A 52 -6.54 9.07 6.47
CA LEU A 52 -6.75 9.00 7.85
C LEU A 52 -8.21 8.97 8.23
N ASP A 53 -9.03 9.09 7.26
CA ASP A 53 -10.45 9.05 7.38
C ASP A 53 -10.92 7.63 7.20
N GLY A 54 -10.16 6.90 6.41
CA GLY A 54 -10.58 5.63 5.94
C GLY A 54 -10.10 4.45 6.76
N PRO A 55 -10.59 3.27 6.38
CA PRO A 55 -10.38 1.99 7.09
C PRO A 55 -8.92 1.68 7.37
N ALA A 56 -8.06 2.07 6.46
CA ALA A 56 -6.63 1.78 6.57
C ALA A 56 -6.01 2.35 7.87
N ALA A 57 -6.31 3.62 8.13
CA ALA A 57 -5.84 4.31 9.32
C ALA A 57 -6.66 3.90 10.53
N LEU A 58 -7.94 3.72 10.31
CA LEU A 58 -8.92 3.42 11.35
C LEU A 58 -8.76 2.06 11.93
N ASP A 59 -8.40 1.12 11.09
CA ASP A 59 -8.19 -0.26 11.54
C ASP A 59 -6.91 -0.31 12.32
N GLY A 60 -6.11 0.74 12.09
CA GLY A 60 -4.84 0.94 12.76
C GLY A 60 -3.84 -0.10 12.40
N LYS A 61 -3.90 -0.53 11.17
CA LYS A 61 -3.13 -1.59 10.70
C LYS A 61 -2.15 -1.16 9.62
N MET A 62 -2.65 -0.42 8.65
CA MET A 62 -1.90 -0.14 7.47
C MET A 62 -1.20 1.21 7.62
N GLU A 63 -0.06 1.39 6.97
CA GLU A 63 0.72 2.59 7.14
C GLU A 63 1.50 2.96 5.87
N THR A 64 1.66 4.25 5.69
CA THR A 64 2.30 4.85 4.54
C THR A 64 3.71 4.26 4.27
N GLY A 65 3.81 3.45 3.26
CA GLY A 65 5.07 2.88 2.88
C GLY A 65 5.11 1.38 3.03
N ASP A 66 4.11 0.77 3.73
CA ASP A 66 4.13 -0.73 3.83
C ASP A 66 3.94 -1.29 2.43
N VAL A 67 4.59 -2.37 2.13
CA VAL A 67 4.52 -2.97 0.85
C VAL A 67 3.41 -4.02 0.76
N ILE A 68 2.44 -3.79 -0.10
CA ILE A 68 1.44 -4.77 -0.38
C ILE A 68 2.11 -5.89 -1.16
N VAL A 69 1.92 -7.05 -0.58
CA VAL A 69 2.50 -8.31 -0.99
C VAL A 69 1.44 -9.32 -1.45
N SER A 70 0.30 -9.34 -0.82
CA SER A 70 -0.69 -10.33 -1.22
C SER A 70 -2.10 -9.86 -0.98
N VAL A 71 -3.01 -10.46 -1.71
CA VAL A 71 -4.42 -10.19 -1.67
C VAL A 71 -5.13 -11.49 -1.63
N ASN A 72 -5.99 -11.69 -0.64
CA ASN A 72 -6.81 -12.92 -0.54
C ASN A 72 -5.93 -14.18 -0.52
N ASP A 73 -4.73 -14.01 0.07
CA ASP A 73 -3.67 -15.04 0.23
C ASP A 73 -2.97 -15.35 -1.11
N THR A 74 -3.38 -14.66 -2.13
CA THR A 74 -2.79 -14.77 -3.42
C THR A 74 -1.68 -13.75 -3.50
N CYS A 75 -0.50 -14.24 -3.78
CA CYS A 75 0.66 -13.44 -3.84
C CYS A 75 0.56 -12.46 -4.99
N VAL A 76 0.39 -11.23 -4.65
CA VAL A 76 0.18 -10.19 -5.63
C VAL A 76 1.37 -9.23 -5.59
N LEU A 77 2.44 -9.68 -4.92
CA LEU A 77 3.64 -8.94 -4.75
C LEU A 77 4.15 -8.62 -6.11
N GLY A 78 4.13 -7.29 -6.46
CA GLY A 78 4.41 -6.79 -7.84
C GLY A 78 3.98 -7.77 -8.89
N HIS A 79 2.75 -8.28 -8.68
CA HIS A 79 2.05 -9.19 -9.59
C HIS A 79 2.18 -8.55 -10.92
N THR A 80 1.54 -7.46 -11.00
CA THR A 80 1.81 -6.33 -11.82
C THR A 80 0.95 -5.32 -11.19
N HIS A 81 1.34 -4.09 -11.11
CA HIS A 81 0.40 -3.10 -10.59
C HIS A 81 -0.96 -3.15 -11.37
N ALA A 82 -0.90 -3.49 -12.65
CA ALA A 82 -2.10 -3.67 -13.44
C ALA A 82 -2.99 -4.78 -12.84
N GLN A 83 -2.36 -5.91 -12.49
CA GLN A 83 -3.07 -7.03 -11.90
C GLN A 83 -3.64 -6.69 -10.55
N VAL A 84 -2.88 -6.01 -9.73
CA VAL A 84 -3.31 -5.67 -8.39
C VAL A 84 -4.53 -4.76 -8.43
N VAL A 85 -4.52 -3.79 -9.34
CA VAL A 85 -5.62 -2.88 -9.46
C VAL A 85 -6.83 -3.61 -10.02
N LYS A 86 -6.62 -4.51 -10.98
CA LYS A 86 -7.70 -5.29 -11.51
C LYS A 86 -8.34 -6.19 -10.43
N ILE A 87 -7.54 -6.66 -9.49
CA ILE A 87 -8.02 -7.45 -8.36
C ILE A 87 -8.88 -6.58 -7.41
N PHE A 88 -8.43 -5.39 -7.17
CA PHE A 88 -9.16 -4.43 -6.33
C PHE A 88 -10.41 -3.94 -7.02
N GLN A 89 -10.36 -3.88 -8.34
CA GLN A 89 -11.47 -3.55 -9.19
C GLN A 89 -12.47 -4.69 -9.21
N SER A 90 -11.93 -5.87 -9.10
CA SER A 90 -12.69 -7.09 -9.07
C SER A 90 -13.54 -7.10 -7.81
N ILE A 91 -12.90 -6.81 -6.70
CA ILE A 91 -13.56 -6.66 -5.44
C ILE A 91 -14.52 -5.46 -5.46
N PRO A 92 -15.73 -5.63 -4.97
CA PRO A 92 -16.80 -4.62 -5.05
C PRO A 92 -16.83 -3.69 -3.83
N ILE A 93 -17.49 -2.54 -3.97
CA ILE A 93 -17.66 -1.62 -2.85
C ILE A 93 -18.46 -2.27 -1.77
N GLY A 94 -18.00 -2.10 -0.57
CA GLY A 94 -18.66 -2.69 0.56
C GLY A 94 -18.07 -4.03 0.91
N ALA A 95 -16.92 -4.32 0.34
CA ALA A 95 -16.27 -5.60 0.53
C ALA A 95 -15.13 -5.46 1.51
N SER A 96 -14.30 -6.46 1.62
CA SER A 96 -13.13 -6.40 2.45
C SER A 96 -12.07 -7.30 1.90
N VAL A 97 -10.82 -7.13 2.33
CA VAL A 97 -9.77 -7.96 1.78
C VAL A 97 -8.69 -8.24 2.74
N ASP A 98 -8.42 -9.48 2.95
CA ASP A 98 -7.33 -9.87 3.81
C ASP A 98 -6.04 -9.80 2.99
N LEU A 99 -5.26 -8.78 3.25
CA LEU A 99 -4.05 -8.43 2.51
C LEU A 99 -2.78 -8.70 3.32
N GLU A 100 -1.70 -8.96 2.63
CA GLU A 100 -0.37 -9.11 3.24
C GLU A 100 0.42 -7.83 2.95
N LEU A 101 0.82 -7.14 3.99
CA LEU A 101 1.56 -5.88 3.93
C LEU A 101 2.98 -6.14 4.44
N CYS A 102 3.88 -5.22 4.17
CA CYS A 102 5.25 -5.38 4.60
C CYS A 102 5.90 -4.05 4.99
N ARG A 103 6.17 -3.89 6.21
CA ARG A 103 6.87 -2.70 6.64
C ARG A 103 8.31 -2.96 6.83
N GLY A 104 9.08 -2.25 6.09
CA GLY A 104 10.52 -2.40 6.08
C GLY A 104 11.09 -1.51 5.07
N TYR A 105 10.34 -1.32 4.03
CA TYR A 105 10.67 -0.37 3.03
C TYR A 105 9.92 0.91 3.33
N PRO A 106 10.55 2.06 3.12
CA PRO A 106 9.91 3.35 3.37
C PRO A 106 9.16 3.79 2.15
N LEU A 107 8.58 4.95 2.23
CA LEU A 107 7.92 5.53 1.12
C LEU A 107 8.90 5.71 -0.03
N PRO A 108 8.59 5.08 -1.17
CA PRO A 108 9.52 4.92 -2.27
C PRO A 108 9.81 6.17 -3.05
N PHE A 109 8.79 6.87 -3.34
CA PHE A 109 8.89 7.97 -4.22
C PHE A 109 8.28 9.21 -3.64
N ASP A 110 8.82 10.33 -4.04
CA ASP A 110 8.36 11.62 -3.63
C ASP A 110 7.92 12.43 -4.83
N PRO A 111 6.62 12.51 -5.00
CA PRO A 111 6.03 13.39 -5.96
C PRO A 111 5.60 14.69 -5.29
N ASP A 112 4.63 14.55 -4.41
CA ASP A 112 4.01 15.63 -3.68
C ASP A 112 4.17 15.32 -2.22
N ASP A 113 5.19 14.56 -1.93
CA ASP A 113 5.49 14.13 -0.55
C ASP A 113 6.15 15.24 0.16
N PRO A 114 5.47 15.74 1.15
CA PRO A 114 5.95 16.87 1.89
C PRO A 114 6.98 16.47 2.90
N ASN A 115 6.71 15.31 3.46
CA ASN A 115 7.29 14.71 4.66
C ASN A 115 8.78 14.60 4.60
N THR A 116 9.26 14.77 3.44
CA THR A 116 10.58 14.51 3.11
C THR A 116 11.48 15.75 3.34
N SER A 117 10.86 16.88 3.55
CA SER A 117 11.56 18.13 3.74
C SER A 117 11.71 18.43 5.25
N LEU A 118 12.06 19.64 5.58
CA LEU A 118 12.10 20.04 6.97
C LEU A 118 10.69 20.51 7.30
N VAL A 119 10.34 20.48 8.58
CA VAL A 119 9.04 20.88 9.13
C VAL A 119 7.82 20.31 8.39
N THR A 120 7.98 19.12 7.87
CA THR A 120 6.96 18.42 7.16
C THR A 120 6.68 17.13 7.88
N SER A 121 5.75 16.30 7.35
CA SER A 121 5.20 15.13 8.07
C SER A 121 4.17 15.66 9.07
N VAL A 122 3.49 14.78 9.78
CA VAL A 122 2.47 15.24 10.70
C VAL A 122 2.86 15.03 12.16
N ALA A 123 4.16 14.97 12.39
CA ALA A 123 4.69 14.74 13.73
C ALA A 123 6.01 15.49 13.93
N ILE A 124 5.92 16.75 14.25
CA ILE A 124 7.09 17.57 14.49
C ILE A 124 7.05 18.09 15.91
N LEU A 125 7.97 17.63 16.71
CA LEU A 125 8.13 18.09 18.06
C LEU A 125 9.60 18.40 18.22
N ASP A 126 10.19 18.78 17.12
CA ASP A 126 11.62 18.93 17.04
C ASP A 126 12.07 20.34 16.80
N LYS A 127 11.18 21.15 16.37
CA LYS A 127 11.54 22.48 16.02
C LYS A 127 11.37 23.42 17.20
N GLU A 128 12.31 23.34 18.08
CA GLU A 128 12.37 24.27 19.17
C GLU A 128 13.38 25.34 18.78
N PRO A 129 13.13 26.62 19.12
CA PRO A 129 14.10 27.68 18.90
C PRO A 129 15.46 27.34 19.53
#